data_6NCN
# 
_entry.id   6NCN 
# 
_audit_conform.dict_name       mmcif_pdbx.dic 
_audit_conform.dict_version    5.379 
_audit_conform.dict_location   http://mmcif.pdb.org/dictionaries/ascii/mmcif_pdbx.dic 
# 
loop_
_database_2.database_id 
_database_2.database_code 
_database_2.pdbx_database_accession 
_database_2.pdbx_DOI 
PDB   6NCN         pdb_00006ncn 10.2210/pdb6ncn/pdb 
WWPDB D_1000238503 ?            ?                   
# 
_pdbx_database_status.status_code                     REL 
_pdbx_database_status.status_code_sf                  REL 
_pdbx_database_status.status_code_mr                  ? 
_pdbx_database_status.entry_id                        6NCN 
_pdbx_database_status.recvd_initial_deposition_date   2018-12-11 
_pdbx_database_status.SG_entry                        N 
_pdbx_database_status.deposit_site                    RCSB 
_pdbx_database_status.process_site                    RCSB 
_pdbx_database_status.status_code_cs                  ? 
_pdbx_database_status.methods_development_category    ? 
_pdbx_database_status.pdb_format_compatible           Y 
_pdbx_database_status.status_code_nmr_data            ? 
# 
loop_
_audit_author.name 
_audit_author.pdbx_ordinal 
_audit_author.identifier_ORCID 
'Jakob, C.G.' 1 0000-0002-7257-982X 
'Qiu, W.'     2 ?                   
# 
_citation.abstract                  ? 
_citation.abstract_id_CAS           ? 
_citation.book_id_ISBN              ? 
_citation.book_publisher            ? 
_citation.book_publisher_city       ? 
_citation.book_title                ? 
_citation.coordinate_linkage        ? 
_citation.country                   US 
_citation.database_id_Medline       ? 
_citation.details                   ? 
_citation.id                        primary 
_citation.journal_abbrev            J.Med.Chem. 
_citation.journal_id_ASTM           JMCMAR 
_citation.journal_id_CSD            0151 
_citation.journal_id_ISSN           0022-2623 
_citation.journal_full              ? 
_citation.journal_issue             ? 
_citation.journal_volume            62 
_citation.language                  ? 
_citation.page_first                4120 
_citation.page_last                 4130 
_citation.title                     'Fragment-Based Discovery of an Apolipoprotein E4 (apoE4) Stabilizer.' 
_citation.year                      2019 
_citation.database_id_CSD           ? 
_citation.pdbx_database_id_DOI      10.1021/acs.jmedchem.9b00178 
_citation.pdbx_database_id_PubMed   30933499 
_citation.unpublished_flag          ? 
# 
loop_
_citation_author.citation_id 
_citation_author.name 
_citation_author.ordinal 
_citation_author.identifier_ORCID 
primary 'Petros, A.M.'   1  ? 
primary 'Korepanova, A.' 2  ? 
primary 'Jakob, C.G.'    3  ? 
primary 'Qiu, W.'        4  ? 
primary 'Panchal, S.C.'  5  ? 
primary 'Wang, J.'       6  ? 
primary 'Dietrich, J.D.' 7  ? 
primary 'Brewer, J.T.'   8  ? 
primary 'Pohlki, F.'     9  ? 
primary 'Kling, A.'      10 ? 
primary 'Wilcox, K.'     11 ? 
primary 'Lakics, V.'     12 ? 
primary 'Bahnassawy, L.' 13 ? 
primary 'Reinhardt, P.'  14 ? 
primary 'Partha, S.K.'   15 ? 
primary 'Bodelle, P.M.'  16 ? 
primary 'Lake, M.'       17 ? 
primary 'Charych, E.I.'  18 ? 
primary 'Stoll, V.S.'    19 ? 
primary 'Sun, C.'        20 ? 
primary 'Mohler, E.G.'   21 ? 
# 
_cell.angle_alpha                  90.00 
_cell.angle_alpha_esd              ? 
_cell.angle_beta                   90.00 
_cell.angle_beta_esd               ? 
_cell.angle_gamma                  90.00 
_cell.angle_gamma_esd              ? 
_cell.entry_id                     6NCN 
_cell.details                      ? 
_cell.formula_units_Z              ? 
_cell.length_a                     41.070 
_cell.length_a_esd                 ? 
_cell.length_b                     52.790 
_cell.length_b_esd                 ? 
_cell.length_c                     84.540 
_cell.length_c_esd                 ? 
_cell.volume                       ? 
_cell.volume_esd                   ? 
_cell.Z_PDB                        4 
_cell.reciprocal_angle_alpha       ? 
_cell.reciprocal_angle_beta        ? 
_cell.reciprocal_angle_gamma       ? 
_cell.reciprocal_angle_alpha_esd   ? 
_cell.reciprocal_angle_beta_esd    ? 
_cell.reciprocal_angle_gamma_esd   ? 
_cell.reciprocal_length_a          ? 
_cell.reciprocal_length_b          ? 
_cell.reciprocal_length_c          ? 
_cell.reciprocal_length_a_esd      ? 
_cell.reciprocal_length_b_esd      ? 
_cell.reciprocal_length_c_esd      ? 
_cell.pdbx_unique_axis             ? 
# 
_symmetry.entry_id                         6NCN 
_symmetry.cell_setting                     ? 
_symmetry.Int_Tables_number                19 
_symmetry.space_group_name_Hall            ? 
_symmetry.space_group_name_H-M             'P 21 21 21' 
_symmetry.pdbx_full_space_group_name_H-M   ? 
# 
loop_
_entity.id 
_entity.type 
_entity.src_method 
_entity.pdbx_description 
_entity.formula_weight 
_entity.pdbx_number_of_molecules 
_entity.pdbx_ec 
_entity.pdbx_mutation 
_entity.pdbx_fragment 
_entity.details 
1 polymer     man 'Apolipoprotein E'                                21523.221 1   ? ? ? ? 
2 non-polymer syn '1-(3-chlorophenyl)cyclobutane-1-carboximidamide' 208.687   1   ? ? ? ? 
3 water       nat water                                             18.015    129 ? ? ? ? 
# 
_entity_name_com.entity_id   1 
_entity_name_com.name        Apo-E 
# 
_entity_poly.entity_id                      1 
_entity_poly.type                           'polypeptide(L)' 
_entity_poly.nstd_linkage                   no 
_entity_poly.nstd_monomer                   no 
_entity_poly.pdbx_seq_one_letter_code       
;GSSHHHHHHSSGLVPRGSHMKVEQAVETEPEPELRQQTEWQSGQRWELALGRFWDYLRWVQTLSEQVQEELLSSQVTQEL
RALMDETMKELKAYKSELEEQLTPVAEETRARLSKELQAAQARLGADMEDVRGRLVQYRGEVQAMLGQSTEELRVRLASH
LRKLRKRLLRDADDLQKRLAVYQAG
;
_entity_poly.pdbx_seq_one_letter_code_can   
;GSSHHHHHHSSGLVPRGSHMKVEQAVETEPEPELRQQTEWQSGQRWELALGRFWDYLRWVQTLSEQVQEELLSSQVTQEL
RALMDETMKELKAYKSELEEQLTPVAEETRARLSKELQAAQARLGADMEDVRGRLVQYRGEVQAMLGQSTEELRVRLASH
LRKLRKRLLRDADDLQKRLAVYQAG
;
_entity_poly.pdbx_strand_id                 A 
_entity_poly.pdbx_target_identifier         ? 
# 
loop_
_entity_poly_seq.entity_id 
_entity_poly_seq.num 
_entity_poly_seq.mon_id 
_entity_poly_seq.hetero 
1 1   GLY n 
1 2   SER n 
1 3   SER n 
1 4   HIS n 
1 5   HIS n 
1 6   HIS n 
1 7   HIS n 
1 8   HIS n 
1 9   HIS n 
1 10  SER n 
1 11  SER n 
1 12  GLY n 
1 13  LEU n 
1 14  VAL n 
1 15  PRO n 
1 16  ARG n 
1 17  GLY n 
1 18  SER n 
1 19  HIS n 
1 20  MET n 
1 21  LYS n 
1 22  VAL n 
1 23  GLU n 
1 24  GLN n 
1 25  ALA n 
1 26  VAL n 
1 27  GLU n 
1 28  THR n 
1 29  GLU n 
1 30  PRO n 
1 31  GLU n 
1 32  PRO n 
1 33  GLU n 
1 34  LEU n 
1 35  ARG n 
1 36  GLN n 
1 37  GLN n 
1 38  THR n 
1 39  GLU n 
1 40  TRP n 
1 41  GLN n 
1 42  SER n 
1 43  GLY n 
1 44  GLN n 
1 45  ARG n 
1 46  TRP n 
1 47  GLU n 
1 48  LEU n 
1 49  ALA n 
1 50  LEU n 
1 51  GLY n 
1 52  ARG n 
1 53  PHE n 
1 54  TRP n 
1 55  ASP n 
1 56  TYR n 
1 57  LEU n 
1 58  ARG n 
1 59  TRP n 
1 60  VAL n 
1 61  GLN n 
1 62  THR n 
1 63  LEU n 
1 64  SER n 
1 65  GLU n 
1 66  GLN n 
1 67  VAL n 
1 68  GLN n 
1 69  GLU n 
1 70  GLU n 
1 71  LEU n 
1 72  LEU n 
1 73  SER n 
1 74  SER n 
1 75  GLN n 
1 76  VAL n 
1 77  THR n 
1 78  GLN n 
1 79  GLU n 
1 80  LEU n 
1 81  ARG n 
1 82  ALA n 
1 83  LEU n 
1 84  MET n 
1 85  ASP n 
1 86  GLU n 
1 87  THR n 
1 88  MET n 
1 89  LYS n 
1 90  GLU n 
1 91  LEU n 
1 92  LYS n 
1 93  ALA n 
1 94  TYR n 
1 95  LYS n 
1 96  SER n 
1 97  GLU n 
1 98  LEU n 
1 99  GLU n 
1 100 GLU n 
1 101 GLN n 
1 102 LEU n 
1 103 THR n 
1 104 PRO n 
1 105 VAL n 
1 106 ALA n 
1 107 GLU n 
1 108 GLU n 
1 109 THR n 
1 110 ARG n 
1 111 ALA n 
1 112 ARG n 
1 113 LEU n 
1 114 SER n 
1 115 LYS n 
1 116 GLU n 
1 117 LEU n 
1 118 GLN n 
1 119 ALA n 
1 120 ALA n 
1 121 GLN n 
1 122 ALA n 
1 123 ARG n 
1 124 LEU n 
1 125 GLY n 
1 126 ALA n 
1 127 ASP n 
1 128 MET n 
1 129 GLU n 
1 130 ASP n 
1 131 VAL n 
1 132 ARG n 
1 133 GLY n 
1 134 ARG n 
1 135 LEU n 
1 136 VAL n 
1 137 GLN n 
1 138 TYR n 
1 139 ARG n 
1 140 GLY n 
1 141 GLU n 
1 142 VAL n 
1 143 GLN n 
1 144 ALA n 
1 145 MET n 
1 146 LEU n 
1 147 GLY n 
1 148 GLN n 
1 149 SER n 
1 150 THR n 
1 151 GLU n 
1 152 GLU n 
1 153 LEU n 
1 154 ARG n 
1 155 VAL n 
1 156 ARG n 
1 157 LEU n 
1 158 ALA n 
1 159 SER n 
1 160 HIS n 
1 161 LEU n 
1 162 ARG n 
1 163 LYS n 
1 164 LEU n 
1 165 ARG n 
1 166 LYS n 
1 167 ARG n 
1 168 LEU n 
1 169 LEU n 
1 170 ARG n 
1 171 ASP n 
1 172 ALA n 
1 173 ASP n 
1 174 ASP n 
1 175 LEU n 
1 176 GLN n 
1 177 LYS n 
1 178 ARG n 
1 179 LEU n 
1 180 ALA n 
1 181 VAL n 
1 182 TYR n 
1 183 GLN n 
1 184 ALA n 
1 185 GLY n 
# 
_entity_src_gen.entity_id                          1 
_entity_src_gen.pdbx_src_id                        1 
_entity_src_gen.pdbx_alt_source_flag               sample 
_entity_src_gen.pdbx_seq_type                      'Biological sequence' 
_entity_src_gen.pdbx_beg_seq_num                   1 
_entity_src_gen.pdbx_end_seq_num                   185 
_entity_src_gen.gene_src_common_name               Human 
_entity_src_gen.gene_src_genus                     ? 
_entity_src_gen.pdbx_gene_src_gene                 APOE 
_entity_src_gen.gene_src_species                   ? 
_entity_src_gen.gene_src_strain                    ? 
_entity_src_gen.gene_src_tissue                    ? 
_entity_src_gen.gene_src_tissue_fraction           ? 
_entity_src_gen.gene_src_details                   ? 
_entity_src_gen.pdbx_gene_src_fragment             ? 
_entity_src_gen.pdbx_gene_src_scientific_name      'Homo sapiens' 
_entity_src_gen.pdbx_gene_src_ncbi_taxonomy_id     9606 
_entity_src_gen.pdbx_gene_src_variant              ? 
_entity_src_gen.pdbx_gene_src_cell_line            ? 
_entity_src_gen.pdbx_gene_src_atcc                 ? 
_entity_src_gen.pdbx_gene_src_organ                ? 
_entity_src_gen.pdbx_gene_src_organelle            ? 
_entity_src_gen.pdbx_gene_src_cell                 ? 
_entity_src_gen.pdbx_gene_src_cellular_location    ? 
_entity_src_gen.host_org_common_name               ? 
_entity_src_gen.pdbx_host_org_scientific_name      'Escherichia coli' 
_entity_src_gen.pdbx_host_org_ncbi_taxonomy_id     562 
_entity_src_gen.host_org_genus                     ? 
_entity_src_gen.pdbx_host_org_gene                 ? 
_entity_src_gen.pdbx_host_org_organ                ? 
_entity_src_gen.host_org_species                   ? 
_entity_src_gen.pdbx_host_org_tissue               ? 
_entity_src_gen.pdbx_host_org_tissue_fraction      ? 
_entity_src_gen.pdbx_host_org_strain               ? 
_entity_src_gen.pdbx_host_org_variant              ? 
_entity_src_gen.pdbx_host_org_cell_line            ? 
_entity_src_gen.pdbx_host_org_atcc                 ? 
_entity_src_gen.pdbx_host_org_culture_collection   ? 
_entity_src_gen.pdbx_host_org_cell                 ? 
_entity_src_gen.pdbx_host_org_organelle            ? 
_entity_src_gen.pdbx_host_org_cellular_location    ? 
_entity_src_gen.pdbx_host_org_vector_type          ? 
_entity_src_gen.pdbx_host_org_vector               ? 
_entity_src_gen.host_org_details                   ? 
_entity_src_gen.expression_system_id               ? 
_entity_src_gen.plasmid_name                       ? 
_entity_src_gen.plasmid_details                    ? 
_entity_src_gen.pdbx_description                   ? 
# 
_struct_ref.id                         1 
_struct_ref.db_name                    UNP 
_struct_ref.db_code                    APOE_HUMAN 
_struct_ref.pdbx_db_accession          P02649 
_struct_ref.pdbx_db_isoform            ? 
_struct_ref.entity_id                  1 
_struct_ref.pdbx_seq_one_letter_code   
;KVEQAVETEPEPELRQQTEWQSGQRWELALGRFWDYLRWVQTLSEQVQEELLSSQVTQELRALMDETMKELKAYKSELEE
QLTPVAEETRARLSKELQAAQARLGADMEDVCGRLVQYRGEVQAMLGQSTEELRVRLASHLRKLRKRLLRDADDLQKRLA
VY
;
_struct_ref.pdbx_align_begin           20 
# 
_struct_ref_seq.align_id                      1 
_struct_ref_seq.ref_id                        1 
_struct_ref_seq.pdbx_PDB_id_code              6NCN 
_struct_ref_seq.pdbx_strand_id                A 
_struct_ref_seq.seq_align_beg                 21 
_struct_ref_seq.pdbx_seq_align_beg_ins_code   ? 
_struct_ref_seq.seq_align_end                 182 
_struct_ref_seq.pdbx_seq_align_end_ins_code   ? 
_struct_ref_seq.pdbx_db_accession             P02649 
_struct_ref_seq.db_align_beg                  20 
_struct_ref_seq.pdbx_db_align_beg_ins_code    ? 
_struct_ref_seq.db_align_end                  181 
_struct_ref_seq.pdbx_db_align_end_ins_code    ? 
_struct_ref_seq.pdbx_auth_seq_align_beg       1 
_struct_ref_seq.pdbx_auth_seq_align_end       162 
# 
loop_
_struct_ref_seq_dif.align_id 
_struct_ref_seq_dif.pdbx_pdb_id_code 
_struct_ref_seq_dif.mon_id 
_struct_ref_seq_dif.pdbx_pdb_strand_id 
_struct_ref_seq_dif.seq_num 
_struct_ref_seq_dif.pdbx_pdb_ins_code 
_struct_ref_seq_dif.pdbx_seq_db_name 
_struct_ref_seq_dif.pdbx_seq_db_accession_code 
_struct_ref_seq_dif.db_mon_id 
_struct_ref_seq_dif.pdbx_seq_db_seq_num 
_struct_ref_seq_dif.details 
_struct_ref_seq_dif.pdbx_auth_seq_num 
_struct_ref_seq_dif.pdbx_ordinal 
1 6NCN GLY A 1   ? UNP P02649 ?   ?   'expression tag' -19 1  
1 6NCN SER A 2   ? UNP P02649 ?   ?   'expression tag' -18 2  
1 6NCN SER A 3   ? UNP P02649 ?   ?   'expression tag' -17 3  
1 6NCN HIS A 4   ? UNP P02649 ?   ?   'expression tag' -16 4  
1 6NCN HIS A 5   ? UNP P02649 ?   ?   'expression tag' -15 5  
1 6NCN HIS A 6   ? UNP P02649 ?   ?   'expression tag' -14 6  
1 6NCN HIS A 7   ? UNP P02649 ?   ?   'expression tag' -13 7  
1 6NCN HIS A 8   ? UNP P02649 ?   ?   'expression tag' -12 8  
1 6NCN HIS A 9   ? UNP P02649 ?   ?   'expression tag' -11 9  
1 6NCN SER A 10  ? UNP P02649 ?   ?   'expression tag' -10 10 
1 6NCN SER A 11  ? UNP P02649 ?   ?   'expression tag' -9  11 
1 6NCN GLY A 12  ? UNP P02649 ?   ?   'expression tag' -8  12 
1 6NCN LEU A 13  ? UNP P02649 ?   ?   'expression tag' -7  13 
1 6NCN VAL A 14  ? UNP P02649 ?   ?   'expression tag' -6  14 
1 6NCN PRO A 15  ? UNP P02649 ?   ?   'expression tag' -5  15 
1 6NCN ARG A 16  ? UNP P02649 ?   ?   'expression tag' -4  16 
1 6NCN GLY A 17  ? UNP P02649 ?   ?   'expression tag' -3  17 
1 6NCN SER A 18  ? UNP P02649 ?   ?   'expression tag' -2  18 
1 6NCN HIS A 19  ? UNP P02649 ?   ?   'expression tag' -1  19 
1 6NCN MET A 20  ? UNP P02649 ?   ?   'expression tag' 0   20 
1 6NCN ARG A 132 ? UNP P02649 CYS 131 variant          112 21 
1 6NCN GLN A 183 ? UNP P02649 ?   ?   'expression tag' 163 22 
1 6NCN ALA A 184 ? UNP P02649 ?   ?   'expression tag' 164 23 
1 6NCN GLY A 185 ? UNP P02649 ?   ?   'expression tag' 165 24 
# 
loop_
_chem_comp.id 
_chem_comp.type 
_chem_comp.mon_nstd_flag 
_chem_comp.name 
_chem_comp.pdbx_synonyms 
_chem_comp.formula 
_chem_comp.formula_weight 
ALA 'L-peptide linking' y ALANINE                                           ? 'C3 H7 N O2'     89.093  
ARG 'L-peptide linking' y ARGININE                                          ? 'C6 H15 N4 O2 1' 175.209 
ASP 'L-peptide linking' y 'ASPARTIC ACID'                                   ? 'C4 H7 N O4'     133.103 
CYS 'L-peptide linking' y CYSTEINE                                          ? 'C3 H7 N O2 S'   121.158 
GLN 'L-peptide linking' y GLUTAMINE                                         ? 'C5 H10 N2 O3'   146.144 
GLU 'L-peptide linking' y 'GLUTAMIC ACID'                                   ? 'C5 H9 N O4'     147.129 
GLY 'peptide linking'   y GLYCINE                                           ? 'C2 H5 N O2'     75.067  
HIS 'L-peptide linking' y HISTIDINE                                         ? 'C6 H10 N3 O2 1' 156.162 
HOH non-polymer         . WATER                                             ? 'H2 O'           18.015  
KJM non-polymer         . '1-(3-chlorophenyl)cyclobutane-1-carboximidamide' ? 'C11 H13 Cl N2'  208.687 
LEU 'L-peptide linking' y LEUCINE                                           ? 'C6 H13 N O2'    131.173 
LYS 'L-peptide linking' y LYSINE                                            ? 'C6 H15 N2 O2 1' 147.195 
MET 'L-peptide linking' y METHIONINE                                        ? 'C5 H11 N O2 S'  149.211 
PHE 'L-peptide linking' y PHENYLALANINE                                     ? 'C9 H11 N O2'    165.189 
PRO 'L-peptide linking' y PROLINE                                           ? 'C5 H9 N O2'     115.130 
SER 'L-peptide linking' y SERINE                                            ? 'C3 H7 N O3'     105.093 
THR 'L-peptide linking' y THREONINE                                         ? 'C4 H9 N O3'     119.119 
TRP 'L-peptide linking' y TRYPTOPHAN                                        ? 'C11 H12 N2 O2'  204.225 
TYR 'L-peptide linking' y TYROSINE                                          ? 'C9 H11 N O3'    181.189 
VAL 'L-peptide linking' y VALINE                                            ? 'C5 H11 N O2'    117.146 
# 
_exptl.absorpt_coefficient_mu     ? 
_exptl.absorpt_correction_T_max   ? 
_exptl.absorpt_correction_T_min   ? 
_exptl.absorpt_correction_type    ? 
_exptl.absorpt_process_details    ? 
_exptl.entry_id                   6NCN 
_exptl.crystals_number            1 
_exptl.details                    ? 
_exptl.method                     'X-RAY DIFFRACTION' 
_exptl.method_details             ? 
# 
_exptl_crystal.colour                      ? 
_exptl_crystal.density_diffrn              ? 
_exptl_crystal.density_Matthews            2.13 
_exptl_crystal.density_method              ? 
_exptl_crystal.density_percent_sol         42.23 
_exptl_crystal.description                 ? 
_exptl_crystal.F_000                       ? 
_exptl_crystal.id                          1 
_exptl_crystal.preparation                 ? 
_exptl_crystal.size_max                    ? 
_exptl_crystal.size_mid                    ? 
_exptl_crystal.size_min                    ? 
_exptl_crystal.size_rad                    ? 
_exptl_crystal.colour_lustre               ? 
_exptl_crystal.colour_modifier             ? 
_exptl_crystal.colour_primary              ? 
_exptl_crystal.density_meas                ? 
_exptl_crystal.density_meas_esd            ? 
_exptl_crystal.density_meas_gt             ? 
_exptl_crystal.density_meas_lt             ? 
_exptl_crystal.density_meas_temp           ? 
_exptl_crystal.density_meas_temp_esd       ? 
_exptl_crystal.density_meas_temp_gt        ? 
_exptl_crystal.density_meas_temp_lt        ? 
_exptl_crystal.pdbx_crystal_image_url      ? 
_exptl_crystal.pdbx_crystal_image_format   ? 
_exptl_crystal.pdbx_mosaicity              ? 
_exptl_crystal.pdbx_mosaicity_esd          ? 
# 
_exptl_crystal_grow.apparatus       ? 
_exptl_crystal_grow.atmosphere      ? 
_exptl_crystal_grow.crystal_id      1 
_exptl_crystal_grow.details         ? 
_exptl_crystal_grow.method          'VAPOR DIFFUSION, SITTING DROP' 
_exptl_crystal_grow.method_ref      ? 
_exptl_crystal_grow.pH              ? 
_exptl_crystal_grow.pressure        ? 
_exptl_crystal_grow.pressure_esd    ? 
_exptl_crystal_grow.seeding         ? 
_exptl_crystal_grow.seeding_ref     ? 
_exptl_crystal_grow.temp            296 
_exptl_crystal_grow.temp_details    ? 
_exptl_crystal_grow.temp_esd        ? 
_exptl_crystal_grow.time            ? 
_exptl_crystal_grow.pdbx_details    '20% w/v Polyethylene glycol monomethyl ether mesylate 5,000; 0.1M Bis-Tris buffer at pH6.5' 
_exptl_crystal_grow.pdbx_pH_range   ? 
# 
_diffrn.ambient_environment              ? 
_diffrn.ambient_temp                     100 
_diffrn.ambient_temp_details             ? 
_diffrn.ambient_temp_esd                 ? 
_diffrn.crystal_id                       1 
_diffrn.crystal_support                  ? 
_diffrn.crystal_treatment                ? 
_diffrn.details                          ? 
_diffrn.id                               1 
_diffrn.ambient_pressure                 ? 
_diffrn.ambient_pressure_esd             ? 
_diffrn.ambient_pressure_gt              ? 
_diffrn.ambient_pressure_lt              ? 
_diffrn.ambient_temp_gt                  ? 
_diffrn.ambient_temp_lt                  ? 
_diffrn.pdbx_serial_crystal_experiment   N 
# 
_diffrn_detector.details                      ? 
_diffrn_detector.detector                     PIXEL 
_diffrn_detector.diffrn_id                    1 
_diffrn_detector.type                         'DECTRIS PILATUS 6M' 
_diffrn_detector.area_resol_mean              ? 
_diffrn_detector.dtime                        ? 
_diffrn_detector.pdbx_frames_total            ? 
_diffrn_detector.pdbx_collection_time_total   ? 
_diffrn_detector.pdbx_collection_date         2018-11-07 
_diffrn_detector.pdbx_frequency               ? 
# 
_diffrn_radiation.collimation                      ? 
_diffrn_radiation.diffrn_id                        1 
_diffrn_radiation.filter_edge                      ? 
_diffrn_radiation.inhomogeneity                    ? 
_diffrn_radiation.monochromator                    ? 
_diffrn_radiation.polarisn_norm                    ? 
_diffrn_radiation.polarisn_ratio                   ? 
_diffrn_radiation.probe                            ? 
_diffrn_radiation.type                             ? 
_diffrn_radiation.xray_symbol                      ? 
_diffrn_radiation.wavelength_id                    1 
_diffrn_radiation.pdbx_monochromatic_or_laue_m_l   M 
_diffrn_radiation.pdbx_wavelength_list             ? 
_diffrn_radiation.pdbx_wavelength                  ? 
_diffrn_radiation.pdbx_diffrn_protocol             'SINGLE WAVELENGTH' 
_diffrn_radiation.pdbx_analyzer                    ? 
_diffrn_radiation.pdbx_scattering_type             x-ray 
# 
_diffrn_radiation_wavelength.id           1 
_diffrn_radiation_wavelength.wavelength   1.000 
_diffrn_radiation_wavelength.wt           1.0 
# 
_diffrn_source.current                     ? 
_diffrn_source.details                     ? 
_diffrn_source.diffrn_id                   1 
_diffrn_source.power                       ? 
_diffrn_source.size                        ? 
_diffrn_source.source                      SYNCHROTRON 
_diffrn_source.target                      ? 
_diffrn_source.type                        'APS BEAMLINE 17-ID' 
_diffrn_source.voltage                     ? 
_diffrn_source.take-off_angle              ? 
_diffrn_source.pdbx_wavelength_list        1.000 
_diffrn_source.pdbx_wavelength             ? 
_diffrn_source.pdbx_synchrotron_beamline   17-ID 
_diffrn_source.pdbx_synchrotron_site       APS 
# 
_reflns.B_iso_Wilson_estimate            ? 
_reflns.entry_id                         6NCN 
_reflns.data_reduction_details           ? 
_reflns.data_reduction_method            ? 
_reflns.d_resolution_high                1.82 
_reflns.d_resolution_low                 36.94 
_reflns.details                          ? 
_reflns.limit_h_max                      ? 
_reflns.limit_h_min                      ? 
_reflns.limit_k_max                      ? 
_reflns.limit_k_min                      ? 
_reflns.limit_l_max                      ? 
_reflns.limit_l_min                      ? 
_reflns.number_all                       ? 
_reflns.number_obs                       14586 
_reflns.observed_criterion               ? 
_reflns.observed_criterion_F_max         ? 
_reflns.observed_criterion_F_min         ? 
_reflns.observed_criterion_I_max         ? 
_reflns.observed_criterion_I_min         ? 
_reflns.observed_criterion_sigma_F       ? 
_reflns.observed_criterion_sigma_I       ? 
_reflns.percent_possible_obs             84.9 
_reflns.R_free_details                   ? 
_reflns.Rmerge_F_all                     ? 
_reflns.Rmerge_F_obs                     ? 
_reflns.Friedel_coverage                 ? 
_reflns.number_gt                        ? 
_reflns.threshold_expression             ? 
_reflns.pdbx_redundancy                  6.0 
_reflns.pdbx_Rmerge_I_obs                0.043 
_reflns.pdbx_Rmerge_I_all                ? 
_reflns.pdbx_Rsym_value                  ? 
_reflns.pdbx_netI_over_av_sigmaI         ? 
_reflns.pdbx_netI_over_sigmaI            22.4 
_reflns.pdbx_res_netI_over_av_sigmaI_2   ? 
_reflns.pdbx_res_netI_over_sigmaI_2      ? 
_reflns.pdbx_chi_squared                 ? 
_reflns.pdbx_scaling_rejects             ? 
_reflns.pdbx_d_res_high_opt              ? 
_reflns.pdbx_d_res_low_opt               ? 
_reflns.pdbx_d_res_opt_method            ? 
_reflns.phase_calculation_details        ? 
_reflns.pdbx_Rrim_I_all                  ? 
_reflns.pdbx_Rpim_I_all                  ? 
_reflns.pdbx_d_opt                       ? 
_reflns.pdbx_number_measured_all         ? 
_reflns.pdbx_diffrn_id                   1 
_reflns.pdbx_ordinal                     1 
_reflns.pdbx_CC_half                     ? 
_reflns.pdbx_R_split                     ? 
# 
_reflns_shell.d_res_high                  1.82 
_reflns_shell.d_res_low                   1.85 
_reflns_shell.meanI_over_sigI_all         ? 
_reflns_shell.meanI_over_sigI_obs         ? 
_reflns_shell.number_measured_all         ? 
_reflns_shell.number_measured_obs         ? 
_reflns_shell.number_possible             ? 
_reflns_shell.number_unique_all           ? 
_reflns_shell.number_unique_obs           848 
_reflns_shell.percent_possible_all        100 
_reflns_shell.percent_possible_obs        ? 
_reflns_shell.Rmerge_F_all                ? 
_reflns_shell.Rmerge_F_obs                ? 
_reflns_shell.Rmerge_I_all                ? 
_reflns_shell.Rmerge_I_obs                0.785 
_reflns_shell.meanI_over_sigI_gt          ? 
_reflns_shell.meanI_over_uI_all           ? 
_reflns_shell.meanI_over_uI_gt            ? 
_reflns_shell.number_measured_gt          ? 
_reflns_shell.number_unique_gt            ? 
_reflns_shell.percent_possible_gt         ? 
_reflns_shell.Rmerge_F_gt                 ? 
_reflns_shell.Rmerge_I_gt                 ? 
_reflns_shell.pdbx_redundancy             ? 
_reflns_shell.pdbx_Rsym_value             ? 
_reflns_shell.pdbx_chi_squared            ? 
_reflns_shell.pdbx_netI_over_sigmaI_all   ? 
_reflns_shell.pdbx_netI_over_sigmaI_obs   ? 
_reflns_shell.pdbx_Rrim_I_all             ? 
_reflns_shell.pdbx_Rpim_I_all             ? 
_reflns_shell.pdbx_rejects                ? 
_reflns_shell.pdbx_ordinal                1 
_reflns_shell.pdbx_diffrn_id              1 
_reflns_shell.pdbx_CC_half                ? 
_reflns_shell.pdbx_R_split                ? 
# 
_refine.aniso_B[1][1]                            ? 
_refine.aniso_B[1][2]                            ? 
_refine.aniso_B[1][3]                            ? 
_refine.aniso_B[2][2]                            ? 
_refine.aniso_B[2][3]                            ? 
_refine.aniso_B[3][3]                            ? 
_refine.B_iso_max                                ? 
_refine.B_iso_mean                               ? 
_refine.B_iso_min                                ? 
_refine.correlation_coeff_Fo_to_Fc               ? 
_refine.correlation_coeff_Fo_to_Fc_free          ? 
_refine.details                                  ? 
_refine.diff_density_max                         ? 
_refine.diff_density_max_esd                     ? 
_refine.diff_density_min                         ? 
_refine.diff_density_min_esd                     ? 
_refine.diff_density_rms                         ? 
_refine.diff_density_rms_esd                     ? 
_refine.entry_id                                 6NCN 
_refine.pdbx_refine_id                           'X-RAY DIFFRACTION' 
_refine.ls_abs_structure_details                 ? 
_refine.ls_abs_structure_Flack                   ? 
_refine.ls_abs_structure_Flack_esd               ? 
_refine.ls_abs_structure_Rogers                  ? 
_refine.ls_abs_structure_Rogers_esd              ? 
_refine.ls_d_res_high                            1.82 
_refine.ls_d_res_low                             36.94 
_refine.ls_extinction_coef                       ? 
_refine.ls_extinction_coef_esd                   ? 
_refine.ls_extinction_expression                 ? 
_refine.ls_extinction_method                     ? 
_refine.ls_goodness_of_fit_all                   ? 
_refine.ls_goodness_of_fit_all_esd               ? 
_refine.ls_goodness_of_fit_obs                   ? 
_refine.ls_goodness_of_fit_obs_esd               ? 
_refine.ls_hydrogen_treatment                    ? 
_refine.ls_matrix_type                           ? 
_refine.ls_number_constraints                    ? 
_refine.ls_number_parameters                     ? 
_refine.ls_number_reflns_all                     ? 
_refine.ls_number_reflns_obs                     14584 
_refine.ls_number_reflns_R_free                  686 
_refine.ls_number_reflns_R_work                  ? 
_refine.ls_number_restraints                     ? 
_refine.ls_percent_reflns_obs                    84.86 
_refine.ls_percent_reflns_R_free                 4.70 
_refine.ls_R_factor_all                          ? 
_refine.ls_R_factor_obs                          0.1852 
_refine.ls_R_factor_R_free                       0.2192 
_refine.ls_R_factor_R_free_error                 ? 
_refine.ls_R_factor_R_free_error_details         ? 
_refine.ls_R_factor_R_work                       0.1836 
_refine.ls_R_Fsqd_factor_obs                     ? 
_refine.ls_R_I_factor_obs                        ? 
_refine.ls_redundancy_reflns_all                 ? 
_refine.ls_redundancy_reflns_obs                 ? 
_refine.ls_restrained_S_all                      ? 
_refine.ls_restrained_S_obs                      ? 
_refine.ls_shift_over_esd_max                    ? 
_refine.ls_shift_over_esd_mean                   ? 
_refine.ls_structure_factor_coef                 ? 
_refine.ls_weighting_details                     ? 
_refine.ls_weighting_scheme                      ? 
_refine.ls_wR_factor_all                         ? 
_refine.ls_wR_factor_obs                         ? 
_refine.ls_wR_factor_R_free                      ? 
_refine.ls_wR_factor_R_work                      ? 
_refine.occupancy_max                            ? 
_refine.occupancy_min                            ? 
_refine.solvent_model_details                    ? 
_refine.solvent_model_param_bsol                 ? 
_refine.solvent_model_param_ksol                 ? 
_refine.ls_R_factor_gt                           ? 
_refine.ls_goodness_of_fit_gt                    ? 
_refine.ls_goodness_of_fit_ref                   ? 
_refine.ls_shift_over_su_max                     ? 
_refine.ls_shift_over_su_max_lt                  ? 
_refine.ls_shift_over_su_mean                    ? 
_refine.ls_shift_over_su_mean_lt                 ? 
_refine.pdbx_ls_sigma_I                          ? 
_refine.pdbx_ls_sigma_F                          1.35 
_refine.pdbx_ls_sigma_Fsqd                       ? 
_refine.pdbx_data_cutoff_high_absF               ? 
_refine.pdbx_data_cutoff_high_rms_absF           ? 
_refine.pdbx_data_cutoff_low_absF                ? 
_refine.pdbx_isotropic_thermal_model             ? 
_refine.pdbx_ls_cross_valid_method               'FREE R-VALUE' 
_refine.pdbx_method_to_determine_struct          'MOLECULAR REPLACEMENT' 
_refine.pdbx_starting_model                      1GS9 
_refine.pdbx_stereochemistry_target_values       ? 
_refine.pdbx_R_Free_selection_details            'Random selection' 
_refine.pdbx_stereochem_target_val_spec_case     ? 
_refine.pdbx_overall_ESU_R                       ? 
_refine.pdbx_overall_ESU_R_Free                  ? 
_refine.pdbx_solvent_vdw_probe_radii             1.11 
_refine.pdbx_solvent_ion_probe_radii             ? 
_refine.pdbx_solvent_shrinkage_radii             0.90 
_refine.pdbx_real_space_R                        ? 
_refine.pdbx_density_correlation                 ? 
_refine.pdbx_pd_number_of_powder_patterns        ? 
_refine.pdbx_pd_number_of_points                 ? 
_refine.pdbx_pd_meas_number_of_points            ? 
_refine.pdbx_pd_proc_ls_prof_R_factor            ? 
_refine.pdbx_pd_proc_ls_prof_wR_factor           ? 
_refine.pdbx_pd_Marquardt_correlation_coeff      ? 
_refine.pdbx_pd_Fsqrd_R_factor                   ? 
_refine.pdbx_pd_ls_matrix_band_width             ? 
_refine.pdbx_overall_phase_error                 26.41 
_refine.pdbx_overall_SU_R_free_Cruickshank_DPI   ? 
_refine.pdbx_overall_SU_R_free_Blow_DPI          ? 
_refine.pdbx_overall_SU_R_Blow_DPI               ? 
_refine.pdbx_TLS_residual_ADP_flag               ? 
_refine.pdbx_diffrn_id                           1 
_refine.overall_SU_B                             ? 
_refine.overall_SU_ML                            0.20 
_refine.overall_SU_R_Cruickshank_DPI             ? 
_refine.overall_SU_R_free                        ? 
_refine.overall_FOM_free_R_set                   ? 
_refine.overall_FOM_work_R_set                   ? 
_refine.pdbx_average_fsc_overall                 ? 
_refine.pdbx_average_fsc_work                    ? 
_refine.pdbx_average_fsc_free                    ? 
# 
_refine_hist.pdbx_refine_id                   'X-RAY DIFFRACTION' 
_refine_hist.cycle_id                         LAST 
_refine_hist.pdbx_number_atoms_protein        1164 
_refine_hist.pdbx_number_atoms_nucleic_acid   0 
_refine_hist.pdbx_number_atoms_ligand         14 
_refine_hist.number_atoms_solvent             129 
_refine_hist.number_atoms_total               1307 
_refine_hist.d_res_high                       1.82 
_refine_hist.d_res_low                        36.94 
# 
loop_
_refine_ls_restr.pdbx_refine_id 
_refine_ls_restr.criterion 
_refine_ls_restr.dev_ideal 
_refine_ls_restr.dev_ideal_target 
_refine_ls_restr.number 
_refine_ls_restr.rejects 
_refine_ls_restr.type 
_refine_ls_restr.weight 
_refine_ls_restr.pdbx_restraint_function 
'X-RAY DIFFRACTION' ? 0.007  ? 1216 ? f_bond_d           ? ? 
'X-RAY DIFFRACTION' ? 0.864  ? 1637 ? f_angle_d          ? ? 
'X-RAY DIFFRACTION' ? 11.147 ? 1071 ? f_dihedral_angle_d ? ? 
'X-RAY DIFFRACTION' ? 0.037  ? 178  ? f_chiral_restr     ? ? 
'X-RAY DIFFRACTION' ? 0.004  ? 220  ? f_plane_restr      ? ? 
# 
loop_
_refine_ls_shell.pdbx_refine_id 
_refine_ls_shell.d_res_high 
_refine_ls_shell.d_res_low 
_refine_ls_shell.number_reflns_all 
_refine_ls_shell.number_reflns_obs 
_refine_ls_shell.number_reflns_R_free 
_refine_ls_shell.number_reflns_R_work 
_refine_ls_shell.percent_reflns_obs 
_refine_ls_shell.percent_reflns_R_free 
_refine_ls_shell.R_factor_all 
_refine_ls_shell.R_factor_obs 
_refine_ls_shell.R_factor_R_free 
_refine_ls_shell.R_factor_R_free_error 
_refine_ls_shell.R_factor_R_work 
_refine_ls_shell.redundancy_reflns_all 
_refine_ls_shell.redundancy_reflns_obs 
_refine_ls_shell.wR_factor_all 
_refine_ls_shell.wR_factor_obs 
_refine_ls_shell.wR_factor_R_free 
_refine_ls_shell.wR_factor_R_work 
_refine_ls_shell.pdbx_total_number_of_bins_used 
_refine_ls_shell.pdbx_phase_error 
_refine_ls_shell.pdbx_fsc_work 
_refine_ls_shell.pdbx_fsc_free 
'X-RAY DIFFRACTION' 1.8166 1.9569  . . 91  1824 56.00 . . . 0.3306 . 0.2591 . . . . . . . . . . 
'X-RAY DIFFRACTION' 1.9569 2.1538  . . 126 2645 83.00 . . . 0.2654 . 0.2139 . . . . . . . . . . 
'X-RAY DIFFRACTION' 2.1538 2.4654  . . 142 3107 96.00 . . . 0.2412 . 0.1954 . . . . . . . . . . 
'X-RAY DIFFRACTION' 2.4654 3.1059  . . 158 2968 91.00 . . . 0.2465 . 0.1939 . . . . . . . . . . 
'X-RAY DIFFRACTION' 3.1059 36.9491 . . 169 3354 98.00 . . . 0.1913 . 0.1681 . . . . . . . . . . 
# 
_struct.entry_id                     6NCN 
_struct.title                        'Fragment-based Discovery of an apoE4 Stabilizer' 
_struct.pdbx_model_details           ? 
_struct.pdbx_formula_weight          ? 
_struct.pdbx_formula_weight_method   ? 
_struct.pdbx_model_type_details      ? 
_struct.pdbx_CASP_flag               N 
# 
_struct_keywords.entry_id        6NCN 
_struct_keywords.text            'Lipid Binding Lipid Transport, LIPID TRANSPORT' 
_struct_keywords.pdbx_keywords   'LIPID TRANSPORT' 
# 
loop_
_struct_asym.id 
_struct_asym.pdbx_blank_PDB_chainid_flag 
_struct_asym.pdbx_modified 
_struct_asym.entity_id 
_struct_asym.details 
A N N 1 ? 
B N N 2 ? 
C N N 3 ? 
# 
loop_
_struct_conf.conf_type_id 
_struct_conf.id 
_struct_conf.pdbx_PDB_helix_id 
_struct_conf.beg_label_comp_id 
_struct_conf.beg_label_asym_id 
_struct_conf.beg_label_seq_id 
_struct_conf.pdbx_beg_PDB_ins_code 
_struct_conf.end_label_comp_id 
_struct_conf.end_label_asym_id 
_struct_conf.end_label_seq_id 
_struct_conf.pdbx_end_PDB_ins_code 
_struct_conf.beg_auth_comp_id 
_struct_conf.beg_auth_asym_id 
_struct_conf.beg_auth_seq_id 
_struct_conf.end_auth_comp_id 
_struct_conf.end_auth_asym_id 
_struct_conf.end_auth_seq_id 
_struct_conf.pdbx_PDB_helix_class 
_struct_conf.details 
_struct_conf.pdbx_PDB_helix_length 
HELX_P HELX_P1 AA1 GLN A 44  ? LEU A 63  ? GLN A 24  LEU A 43  1 ? 20 
HELX_P HELX_P2 AA2 SER A 64  ? SER A 73  ? SER A 44  SER A 53  1 ? 10 
HELX_P HELX_P3 AA3 SER A 74  ? GLU A 99  ? SER A 54  GLU A 79  1 ? 26 
HELX_P HELX_P4 AA4 ALA A 106 ? MET A 145 ? ALA A 86  MET A 125 1 ? 40 
HELX_P HELX_P5 AA5 THR A 150 ? GLN A 183 ? THR A 130 GLN A 163 1 ? 34 
# 
_struct_conf_type.id          HELX_P 
_struct_conf_type.criteria    ? 
_struct_conf_type.reference   ? 
# 
_struct_site.id                   AC1 
_struct_site.pdbx_evidence_code   Software 
_struct_site.pdbx_auth_asym_id    A 
_struct_site.pdbx_auth_comp_id    KJM 
_struct_site.pdbx_auth_seq_id     201 
_struct_site.pdbx_auth_ins_code   ? 
_struct_site.pdbx_num_residues    5 
_struct_site.details              'binding site for residue KJM A 201' 
# 
loop_
_struct_site_gen.id 
_struct_site_gen.site_id 
_struct_site_gen.pdbx_num_res 
_struct_site_gen.label_comp_id 
_struct_site_gen.label_asym_id 
_struct_site_gen.label_seq_id 
_struct_site_gen.pdbx_auth_ins_code 
_struct_site_gen.auth_comp_id 
_struct_site_gen.auth_asym_id 
_struct_site_gen.auth_seq_id 
_struct_site_gen.label_atom_id 
_struct_site_gen.label_alt_id 
_struct_site_gen.symmetry 
_struct_site_gen.details 
1 AC1 5 LEU A 50  ? LEU A 30  . ? 1_555 ? 
2 AC1 5 TRP A 54  ? TRP A 34  . ? 1_555 ? 
3 AC1 5 LEU A 169 ? LEU A 149 . ? 1_555 ? 
4 AC1 5 ASP A 173 ? ASP A 153 . ? 1_555 ? 
5 AC1 5 GLN A 176 ? GLN A 156 . ? 1_555 ? 
# 
_atom_sites.entry_id                    6NCN 
_atom_sites.fract_transf_matrix[1][1]   0.00646517 
_atom_sites.fract_transf_matrix[1][2]   -0.00735970 
_atom_sites.fract_transf_matrix[1][3]   0.02229148 
_atom_sites.fract_transf_matrix[2][1]   0.01606751 
_atom_sites.fract_transf_matrix[2][2]   -0.00716373 
_atom_sites.fract_transf_matrix[2][3]   -0.00702519 
_atom_sites.fract_transf_matrix[3][1]   0.00542138 
_atom_sites.fract_transf_matrix[3][2]   0.01035037 
_atom_sites.fract_transf_matrix[3][3]   0.00184490 
_atom_sites.fract_transf_vector[1]      0.100218 
_atom_sites.fract_transf_vector[2]      -0.207646 
_atom_sites.fract_transf_vector[3]      -0.186900 
# 
loop_
_atom_type.symbol 
C  
CL 
N  
O  
S  
# 
loop_
_atom_site.group_PDB 
_atom_site.id 
_atom_site.type_symbol 
_atom_site.label_atom_id 
_atom_site.label_alt_id 
_atom_site.label_comp_id 
_atom_site.label_asym_id 
_atom_site.label_entity_id 
_atom_site.label_seq_id 
_atom_site.pdbx_PDB_ins_code 
_atom_site.Cartn_x 
_atom_site.Cartn_y 
_atom_site.Cartn_z 
_atom_site.occupancy 
_atom_site.B_iso_or_equiv 
_atom_site.pdbx_formal_charge 
_atom_site.auth_seq_id 
_atom_site.auth_comp_id 
_atom_site.auth_asym_id 
_atom_site.auth_atom_id 
_atom_site.pdbx_PDB_model_num 
ATOM   1    N  N   . GLN A 1 44  ? -13.722 5.208   -7.930  1.00 39.04 ? 24  GLN A N   1 
ATOM   2    C  CA  . GLN A 1 44  ? -14.152 3.973   -7.290  1.00 29.89 ? 24  GLN A CA  1 
ATOM   3    C  C   . GLN A 1 44  ? -13.865 4.008   -5.793  1.00 32.82 ? 24  GLN A C   1 
ATOM   4    O  O   . GLN A 1 44  ? -12.929 4.661   -5.345  1.00 34.34 ? 24  GLN A O   1 
ATOM   5    C  CB  . GLN A 1 44  ? -13.467 2.756   -7.924  1.00 40.74 ? 24  GLN A CB  1 
ATOM   6    C  CG  . GLN A 1 44  ? -13.759 2.541   -9.428  1.00 39.78 ? 24  GLN A CG  1 
ATOM   7    C  CD  . GLN A 1 44  ? -15.244 2.421   -9.754  1.00 38.79 ? 24  GLN A CD  1 
ATOM   8    O  OE1 . GLN A 1 44  ? -16.024 1.840   -8.993  1.00 37.19 ? 24  GLN A OE1 1 
ATOM   9    N  NE2 . GLN A 1 44  ? -15.640 2.982   -10.891 1.00 50.57 ? 24  GLN A NE2 1 
ATOM   10   N  N   . ARG A 1 45  ? -14.666 3.275   -5.020  1.00 32.73 ? 25  ARG A N   1 
ATOM   11   C  CA  . ARG A 1 45  ? -14.461 3.224   -3.575  1.00 33.68 ? 25  ARG A CA  1 
ATOM   12   C  C   . ARG A 1 45  ? -13.059 2.743   -3.215  1.00 31.57 ? 25  ARG A C   1 
ATOM   13   O  O   . ARG A 1 45  ? -12.417 3.302   -2.320  1.00 31.10 ? 25  ARG A O   1 
ATOM   14   C  CB  . ARG A 1 45  ? -15.500 2.315   -2.930  1.00 28.87 ? 25  ARG A CB  1 
ATOM   15   C  CG  . ARG A 1 45  ? -16.871 2.894   -2.916  1.00 37.74 ? 25  ARG A CG  1 
ATOM   16   C  CD  . ARG A 1 45  ? -17.868 1.813   -2.532  1.00 36.23 ? 25  ARG A CD  1 
ATOM   17   N  NE  . ARG A 1 45  ? -17.632 1.309   -1.181  1.00 38.64 ? 25  ARG A NE  1 
ATOM   18   C  CZ  . ARG A 1 45  ? -18.424 1.551   -0.142  1.00 35.93 ? 25  ARG A CZ  1 
ATOM   19   N  NH1 . ARG A 1 45  ? -19.508 2.313   -0.293  1.00 29.54 ? 25  ARG A NH1 1 
ATOM   20   N  NH2 . ARG A 1 45  ? -18.121 1.034   1.049   1.00 33.65 ? 25  ARG A NH2 1 
ATOM   21   N  N   . TRP A 1 46  ? -12.574 1.679   -3.866  1.00 28.69 ? 26  TRP A N   1 
ATOM   22   C  CA  . TRP A 1 46  ? -11.262 1.182   -3.476  1.00 29.08 ? 26  TRP A CA  1 
ATOM   23   C  C   . TRP A 1 46  ? -10.169 2.177   -3.843  1.00 25.69 ? 26  TRP A C   1 
ATOM   24   O  O   . TRP A 1 46  ? -9.134  2.229   -3.162  1.00 28.41 ? 26  TRP A O   1 
ATOM   25   C  CB  . TRP A 1 46  ? -10.991 -0.202  -4.093  1.00 27.35 ? 26  TRP A CB  1 
ATOM   26   C  CG  . TRP A 1 46  ? -10.493 -0.168  -5.500  1.00 31.50 ? 26  TRP A CG  1 
ATOM   27   C  CD1 . TRP A 1 46  ? -11.248 -0.176  -6.642  1.00 28.58 ? 26  TRP A CD1 1 
ATOM   28   C  CD2 . TRP A 1 46  ? -9.126  -0.110  -5.924  1.00 30.27 ? 26  TRP A CD2 1 
ATOM   29   N  NE1 . TRP A 1 46  ? -10.438 -0.128  -7.740  1.00 32.99 ? 26  TRP A NE1 1 
ATOM   30   C  CE2 . TRP A 1 46  ? -9.128  -0.093  -7.328  1.00 32.67 ? 26  TRP A CE2 1 
ATOM   31   C  CE3 . TRP A 1 46  ? -7.899  -0.088  -5.244  1.00 30.85 ? 26  TRP A CE3 1 
ATOM   32   C  CZ2 . TRP A 1 46  ? -7.951  -0.043  -8.077  1.00 31.71 ? 26  TRP A CZ2 1 
ATOM   33   C  CZ3 . TRP A 1 46  ? -6.726  -0.033  -5.991  1.00 31.14 ? 26  TRP A CZ3 1 
ATOM   34   C  CH2 . TRP A 1 46  ? -6.762  -0.017  -7.393  1.00 31.72 ? 26  TRP A CH2 1 
ATOM   35   N  N   . GLU A 1 47  ? -10.374 2.975   -4.894  1.00 27.16 ? 27  GLU A N   1 
ATOM   36   C  CA  . GLU A 1 47  ? -9.375  3.972   -5.281  1.00 30.71 ? 27  GLU A CA  1 
ATOM   37   C  C   . GLU A 1 47  ? -9.370  5.149   -4.320  1.00 31.84 ? 27  GLU A C   1 
ATOM   38   O  O   . GLU A 1 47  ? -8.315  5.752   -4.081  1.00 29.36 ? 27  GLU A O   1 
ATOM   39   C  CB  . GLU A 1 47  ? -9.642  4.476   -6.705  1.00 32.55 ? 27  GLU A CB  1 
ATOM   40   C  CG  . GLU A 1 47  ? -9.518  3.412   -7.798  1.00 27.66 ? 27  GLU A CG  1 
ATOM   41   C  CD  . GLU A 1 47  ? -10.079 3.869   -9.155  1.00 41.31 ? 27  GLU A CD  1 
ATOM   42   O  OE1 . GLU A 1 47  ? -10.865 4.840   -9.191  1.00 41.89 ? 27  GLU A OE1 1 
ATOM   43   O  OE2 . GLU A 1 47  ? -9.741  3.247   -10.185 1.00 37.95 ? 27  GLU A OE2 1 
ATOM   44   N  N   . LEU A 1 48  ? -10.541 5.515   -3.794  1.00 29.29 ? 28  LEU A N   1 
ATOM   45   C  CA  . LEU A 1 48  ? -10.597 6.538   -2.751  1.00 33.37 ? 28  LEU A CA  1 
ATOM   46   C  C   . LEU A 1 48  ? -9.907  6.053   -1.485  1.00 29.59 ? 28  LEU A C   1 
ATOM   47   O  O   . LEU A 1 48  ? -9.185  6.817   -0.835  1.00 29.87 ? 28  LEU A O   1 
ATOM   48   C  CB  . LEU A 1 48  ? -12.042 6.914   -2.433  1.00 30.25 ? 28  LEU A CB  1 
ATOM   49   C  CG  . LEU A 1 48  ? -12.830 7.698   -3.476  1.00 40.60 ? 28  LEU A CG  1 
ATOM   50   C  CD1 . LEU A 1 48  ? -14.232 7.938   -2.940  1.00 46.33 ? 28  LEU A CD1 1 
ATOM   51   C  CD2 . LEU A 1 48  ? -12.128 8.995   -3.813  1.00 44.79 ? 28  LEU A CD2 1 
ATOM   52   N  N   . ALA A 1 49  ? -10.119 4.784   -1.131  1.00 27.10 ? 29  ALA A N   1 
ATOM   53   C  CA  . ALA A 1 49  ? -9.431  4.204   0.019   1.00 26.93 ? 29  ALA A CA  1 
ATOM   54   C  C   . ALA A 1 49  ? -7.923  4.204   -0.198  1.00 30.45 ? 29  ALA A C   1 
ATOM   55   O  O   . ALA A 1 49  ? -7.155  4.592   0.690   1.00 24.39 ? 29  ALA A O   1 
ATOM   56   C  CB  . ALA A 1 49  ? -9.945  2.784   0.268   1.00 26.29 ? 29  ALA A CB  1 
ATOM   57   N  N   . LEU A 1 50  ? -7.476  3.765   -1.378  1.00 24.35 ? 30  LEU A N   1 
ATOM   58   C  CA  . LEU A 1 50  ? -6.043  3.751   -1.637  1.00 25.21 ? 30  LEU A CA  1 
ATOM   59   C  C   . LEU A 1 50  ? -5.486  5.162   -1.623  1.00 27.10 ? 30  LEU A C   1 
ATOM   60   O  O   . LEU A 1 50  ? -4.360  5.389   -1.167  1.00 27.41 ? 30  LEU A O   1 
ATOM   61   C  CB  . LEU A 1 50  ? -5.752  3.080   -2.980  1.00 22.94 ? 30  LEU A CB  1 
ATOM   62   C  CG  . LEU A 1 50  ? -4.270  3.074   -3.369  1.00 28.07 ? 30  LEU A CG  1 
ATOM   63   C  CD1 . LEU A 1 50  ? -3.466  2.206   -2.411  1.00 28.84 ? 30  LEU A CD1 1 
ATOM   64   C  CD2 . LEU A 1 50  ? -4.119  2.575   -4.801  1.00 33.83 ? 30  LEU A CD2 1 
ATOM   65   N  N   . GLY A 1 51  ? -6.265  6.124   -2.124  1.00 24.01 ? 31  GLY A N   1 
ATOM   66   C  CA  . GLY A 1 51  ? -5.828  7.509   -2.107  1.00 26.82 ? 31  GLY A CA  1 
ATOM   67   C  C   . GLY A 1 51  ? -5.619  8.041   -0.702  1.00 26.36 ? 31  GLY A C   1 
ATOM   68   O  O   . GLY A 1 51  ? -4.699  8.822   -0.458  1.00 26.93 ? 31  GLY A O   1 
ATOM   69   N  N   . ARG A 1 52  ? -6.459  7.613   0.245   1.00 27.29 ? 32  ARG A N   1 
ATOM   70   C  CA  . ARG A 1 52  ? -6.242  8.009   1.637   1.00 26.30 ? 32  ARG A CA  1 
ATOM   71   C  C   . ARG A 1 52  ? -4.965  7.386   2.195   1.00 30.15 ? 32  ARG A C   1 
ATOM   72   O  O   . ARG A 1 52  ? -4.199  8.061   2.899   1.00 28.21 ? 32  ARG A O   1 
ATOM   73   C  CB  . ARG A 1 52  ? -7.460  7.651   2.493   1.00 26.05 ? 32  ARG A CB  1 
ATOM   74   C  CG  . ARG A 1 52  ? -8.669  8.558   2.232   1.00 30.30 ? 32  ARG A CG  1 
ATOM   75   C  CD  . ARG A 1 52  ? -9.870  8.264   3.167   1.00 35.36 ? 32  ARG A CD  1 
ATOM   76   N  NE  . ARG A 1 52  ? -10.523 6.977   2.905   1.00 42.81 ? 32  ARG A NE  1 
ATOM   77   C  CZ  . ARG A 1 52  ? -11.553 6.796   2.071   1.00 41.62 ? 32  ARG A CZ  1 
ATOM   78   N  NH1 . ARG A 1 52  ? -12.074 7.817   1.403   1.00 44.11 ? 32  ARG A NH1 1 
ATOM   79   N  NH2 . ARG A 1 52  ? -12.069 5.590   1.900   1.00 38.52 ? 32  ARG A NH2 1 
ATOM   80   N  N   . PHE A 1 53  ? -4.705  6.114   1.879   1.00 26.12 ? 33  PHE A N   1 
ATOM   81   C  CA  . PHE A 1 53  ? -3.429  5.495   2.240   1.00 21.98 ? 33  PHE A CA  1 
ATOM   82   C  C   . PHE A 1 53  ? -2.266  6.272   1.638   1.00 23.86 ? 33  PHE A C   1 
ATOM   83   O  O   . PHE A 1 53  ? -1.277  6.563   2.314   1.00 24.84 ? 33  PHE A O   1 
ATOM   84   C  CB  . PHE A 1 53  ? -3.392  4.041   1.753   1.00 22.29 ? 33  PHE A CB  1 
ATOM   85   C  CG  . PHE A 1 53  ? -2.118  3.319   2.108   1.00 27.79 ? 33  PHE A CG  1 
ATOM   86   C  CD1 . PHE A 1 53  ? -2.023  2.589   3.288   1.00 26.92 ? 33  PHE A CD1 1 
ATOM   87   C  CD2 . PHE A 1 53  ? -1.005  3.380   1.266   1.00 29.05 ? 33  PHE A CD2 1 
ATOM   88   C  CE1 . PHE A 1 53  ? -0.855  1.919   3.626   1.00 28.55 ? 33  PHE A CE1 1 
ATOM   89   C  CE2 . PHE A 1 53  ? 0.172   2.709   1.605   1.00 30.28 ? 33  PHE A CE2 1 
ATOM   90   C  CZ  . PHE A 1 53  ? 0.241   1.988   2.789   1.00 27.99 ? 33  PHE A CZ  1 
ATOM   91   N  N   . TRP A 1 54  ? -2.389  6.629   0.358   1.00 23.07 ? 34  TRP A N   1 
ATOM   92   C  CA  . TRP A 1 54  ? -1.316  7.276   -0.392  1.00 23.78 ? 34  TRP A CA  1 
ATOM   93   C  C   . TRP A 1 54  ? -1.028  8.687   0.117   1.00 25.77 ? 34  TRP A C   1 
ATOM   94   O  O   . TRP A 1 54  ? 0.143   9.079   0.232   1.00 25.00 ? 34  TRP A O   1 
ATOM   95   C  CB  . TRP A 1 54  ? -1.709  7.282   -1.874  1.00 25.09 ? 34  TRP A CB  1 
ATOM   96   C  CG  . TRP A 1 54  ? -0.660  7.749   -2.812  1.00 25.36 ? 34  TRP A CG  1 
ATOM   97   C  CD1 . TRP A 1 54  ? -0.669  8.914   -3.521  1.00 30.60 ? 34  TRP A CD1 1 
ATOM   98   C  CD2 . TRP A 1 54  ? 0.545   7.064   -3.172  1.00 26.47 ? 34  TRP A CD2 1 
ATOM   99   N  NE1 . TRP A 1 54  ? 0.464   9.008   -4.293  1.00 31.48 ? 34  TRP A NE1 1 
ATOM   100  C  CE2 . TRP A 1 54  ? 1.229   7.889   -4.099  1.00 29.58 ? 34  TRP A CE2 1 
ATOM   101  C  CE3 . TRP A 1 54  ? 1.127   5.840   -2.786  1.00 27.76 ? 34  TRP A CE3 1 
ATOM   102  C  CZ2 . TRP A 1 54  ? 2.462   7.534   -4.655  1.00 29.30 ? 34  TRP A CZ2 1 
ATOM   103  C  CZ3 . TRP A 1 54  ? 2.354   5.481   -3.344  1.00 28.20 ? 34  TRP A CZ3 1 
ATOM   104  C  CH2 . TRP A 1 54  ? 3.012   6.335   -4.264  1.00 26.97 ? 34  TRP A CH2 1 
ATOM   105  N  N   . ASP A 1 55  ? -2.073  9.470   0.418   1.00 26.36 ? 35  ASP A N   1 
ATOM   106  C  CA  . ASP A 1 55  ? -1.878  10.809  0.975   1.00 27.27 ? 35  ASP A CA  1 
ATOM   107  C  C   . ASP A 1 55  ? -1.239  10.748  2.356   1.00 26.83 ? 35  ASP A C   1 
ATOM   108  O  O   . ASP A 1 55  ? -0.381  11.570  2.683   1.00 26.74 ? 35  ASP A O   1 
ATOM   109  C  CB  . ASP A 1 55  ? -3.221  11.553  1.063   1.00 26.59 ? 35  ASP A CB  1 
ATOM   110  C  CG  . ASP A 1 55  ? -3.738  12.011  -0.297  1.00 35.10 ? 35  ASP A CG  1 
ATOM   111  O  OD1 . ASP A 1 55  ? -3.090  11.685  -1.319  1.00 33.53 ? 35  ASP A OD1 1 
ATOM   112  O  OD2 . ASP A 1 55  ? -4.798  12.679  -0.346  1.00 34.65 ? 35  ASP A OD2 1 
ATOM   113  N  N   . TYR A 1 56  ? -1.670  9.800   3.184   1.00 26.25 ? 36  TYR A N   1 
ATOM   114  C  CA  . TYR A 1 56  ? -1.068  9.632   4.502   1.00 28.20 ? 36  TYR A CA  1 
ATOM   115  C  C   . TYR A 1 56  ? 0.406   9.285   4.378   1.00 26.01 ? 36  TYR A C   1 
ATOM   116  O  O   . TYR A 1 56  ? 1.251   9.858   5.076   1.00 26.82 ? 36  TYR A O   1 
ATOM   117  C  CB  . TYR A 1 56  ? -1.823  8.541   5.278   1.00 27.23 ? 36  TYR A CB  1 
ATOM   118  C  CG  . TYR A 1 56  ? -1.439  8.440   6.739   1.00 25.35 ? 36  TYR A CG  1 
ATOM   119  C  CD1 . TYR A 1 56  ? -2.158  9.119   7.721   1.00 30.09 ? 36  TYR A CD1 1 
ATOM   120  C  CD2 . TYR A 1 56  ? -0.334  7.700   7.135   1.00 33.30 ? 36  TYR A CD2 1 
ATOM   121  C  CE1 . TYR A 1 56  ? -1.799  9.037   9.071   1.00 28.83 ? 36  TYR A CE1 1 
ATOM   122  C  CE2 . TYR A 1 56  ? 0.036   7.611   8.477   1.00 32.17 ? 36  TYR A CE2 1 
ATOM   123  C  CZ  . TYR A 1 56  ? -0.689  8.286   9.437   1.00 33.34 ? 36  TYR A CZ  1 
ATOM   124  O  OH  . TYR A 1 56  ? -0.306  8.184   10.761  1.00 30.41 ? 36  TYR A OH  1 
ATOM   125  N  N   . LEU A 1 57  ? 0.737   8.375   3.464   1.00 24.68 ? 37  LEU A N   1 
ATOM   126  C  CA  . LEU A 1 57  ? 2.129   7.993   3.267   1.00 26.37 ? 37  LEU A CA  1 
ATOM   127  C  C   . LEU A 1 57  ? 2.939   9.111   2.618   1.00 24.97 ? 37  LEU A C   1 
ATOM   128  O  O   . LEU A 1 57  ? 4.140   9.221   2.877   1.00 24.66 ? 37  LEU A O   1 
ATOM   129  C  CB  . LEU A 1 57  ? 2.184   6.717   2.430   1.00 27.43 ? 37  LEU A CB  1 
ATOM   130  C  CG  . LEU A 1 57  ? 3.506   5.985   2.216   1.00 31.23 ? 37  LEU A CG  1 
ATOM   131  C  CD1 . LEU A 1 57  ? 4.212   5.752   3.537   1.00 32.20 ? 37  LEU A CD1 1 
ATOM   132  C  CD2 . LEU A 1 57  ? 3.257   4.669   1.461   1.00 25.09 ? 37  LEU A CD2 1 
ATOM   133  N  N   . ARG A 1 58  ? 2.323   9.961   1.784   1.00 23.62 ? 38  ARG A N   1 
ATOM   134  C  CA  . ARG A 1 58  ? 3.079   11.105  1.265   1.00 22.79 ? 38  ARG A CA  1 
ATOM   135  C  C   . ARG A 1 58  ? 3.458   12.059  2.391   1.00 23.38 ? 38  ARG A C   1 
ATOM   136  O  O   . ARG A 1 58  ? 4.554   12.624  2.401   1.00 26.05 ? 38  ARG A O   1 
ATOM   137  C  CB  . ARG A 1 58  ? 2.288   11.864  0.207   1.00 23.04 ? 38  ARG A CB  1 
ATOM   138  C  CG  . ARG A 1 58  ? 3.199   12.786  -0.584  1.00 29.29 ? 38  ARG A CG  1 
ATOM   139  C  CD  . ARG A 1 58  ? 2.473   13.771  -1.488  1.00 28.84 ? 38  ARG A CD  1 
ATOM   140  N  NE  . ARG A 1 58  ? 1.444   13.196  -2.344  1.00 37.30 ? 38  ARG A NE  1 
ATOM   141  C  CZ  . ARG A 1 58  ? 1.663   12.530  -3.477  1.00 36.28 ? 38  ARG A CZ  1 
ATOM   142  N  NH1 . ARG A 1 58  ? 0.626   12.104  -4.174  1.00 30.84 ? 38  ARG A NH1 1 
ATOM   143  N  NH2 . ARG A 1 58  ? 2.891   12.269  -3.912  1.00 33.68 ? 38  ARG A NH2 1 
ATOM   144  N  N   . TRP A 1 59  ? 2.553   12.241  3.344   1.00 22.17 ? 39  TRP A N   1 
ATOM   145  C  CA  . TRP A 1 59  ? 2.856   12.998  4.551   1.00 25.14 ? 39  TRP A CA  1 
ATOM   146  C  C   . TRP A 1 59  ? 4.009   12.373  5.333   1.00 27.20 ? 39  TRP A C   1 
ATOM   147  O  O   . TRP A 1 59  ? 4.942   13.074  5.730   1.00 25.69 ? 39  TRP A O   1 
ATOM   148  C  CB  . TRP A 1 59  ? 1.602   13.076  5.418   1.00 25.17 ? 39  TRP A CB  1 
ATOM   149  C  CG  . TRP A 1 59  ? 1.801   13.772  6.714   1.00 26.79 ? 39  TRP A CG  1 
ATOM   150  C  CD1 . TRP A 1 59  ? 2.152   15.083  6.901   1.00 34.17 ? 39  TRP A CD1 1 
ATOM   151  C  CD2 . TRP A 1 59  ? 1.666   13.202  8.016   1.00 28.22 ? 39  TRP A CD2 1 
ATOM   152  N  NE1 . TRP A 1 59  ? 2.234   15.363  8.245   1.00 30.01 ? 39  TRP A NE1 1 
ATOM   153  C  CE2 . TRP A 1 59  ? 1.940   14.227  8.951   1.00 29.26 ? 39  TRP A CE2 1 
ATOM   154  C  CE3 . TRP A 1 59  ? 1.350   11.920  8.487   1.00 29.87 ? 39  TRP A CE3 1 
ATOM   155  C  CZ2 . TRP A 1 59  ? 1.907   14.010  10.318  1.00 29.71 ? 39  TRP A CZ2 1 
ATOM   156  C  CZ3 . TRP A 1 59  ? 1.311   11.709  9.844   1.00 33.35 ? 39  TRP A CZ3 1 
ATOM   157  C  CH2 . TRP A 1 59  ? 1.594   12.754  10.748  1.00 28.57 ? 39  TRP A CH2 1 
ATOM   158  N  N   . VAL A 1 60  ? 3.950   11.060  5.587   1.00 24.26 ? 40  VAL A N   1 
ATOM   159  C  CA  . VAL A 1 60  ? 5.043   10.386  6.299   1.00 23.12 ? 40  VAL A CA  1 
ATOM   160  C  C   . VAL A 1 60  ? 6.367   10.625  5.584   1.00 24.80 ? 40  VAL A C   1 
ATOM   161  O  O   . VAL A 1 60  ? 7.404   10.884  6.216   1.00 24.99 ? 40  VAL A O   1 
ATOM   162  C  CB  . VAL A 1 60  ? 4.744   8.876   6.447   1.00 28.32 ? 40  VAL A CB  1 
ATOM   163  C  CG1 . VAL A 1 60  ? 5.994   8.096   6.976   1.00 25.35 ? 40  VAL A CG1 1 
ATOM   164  C  CG2 . VAL A 1 60  ? 3.536   8.640   7.348   1.00 24.98 ? 40  VAL A CG2 1 
ATOM   165  N  N   . GLN A 1 61  ? 6.351   10.583  4.252   1.00 27.01 ? 41  GLN A N   1 
ATOM   166  C  CA  . GLN A 1 61  ? 7.572   10.782  3.480   1.00 25.41 ? 41  GLN A CA  1 
ATOM   167  C  C   . GLN A 1 61  ? 8.246   12.116  3.791   1.00 26.01 ? 41  GLN A C   1 
ATOM   168  O  O   . GLN A 1 61  ? 9.475   12.227  3.665   1.00 26.29 ? 41  GLN A O   1 
ATOM   169  C  CB  . GLN A 1 61  ? 7.258   10.663  1.983   1.00 23.70 ? 41  GLN A CB  1 
ATOM   170  C  CG  . GLN A 1 61  ? 8.419   11.001  1.050   1.00 24.51 ? 41  GLN A CG  1 
ATOM   171  C  CD  . GLN A 1 61  ? 9.357   9.816   0.842   1.00 32.19 ? 41  GLN A CD  1 
ATOM   172  O  OE1 . GLN A 1 61  ? 8.963   8.795   0.277   1.00 30.56 ? 41  GLN A OE1 1 
ATOM   173  N  NE2 . GLN A 1 61  ? 10.605  9.949   1.303   1.00 27.70 ? 41  GLN A NE2 1 
ATOM   174  N  N   . THR A 1 62  ? 7.485   13.133  4.210   1.00 24.42 ? 42  THR A N   1 
ATOM   175  C  CA  . THR A 1 62  ? 8.114   14.414  4.518   1.00 29.65 ? 42  THR A CA  1 
ATOM   176  C  C   . THR A 1 62  ? 8.994   14.339  5.758   1.00 31.77 ? 42  THR A C   1 
ATOM   177  O  O   . THR A 1 62  ? 9.905   15.162  5.899   1.00 27.66 ? 42  THR A O   1 
ATOM   178  C  CB  . THR A 1 62  ? 7.076   15.525  4.737   1.00 28.97 ? 42  THR A CB  1 
ATOM   179  O  OG1 . THR A 1 62  ? 6.375   15.297  5.964   1.00 27.26 ? 42  THR A OG1 1 
ATOM   180  C  CG2 . THR A 1 62  ? 6.073   15.585  3.589   1.00 28.55 ? 42  THR A CG2 1 
ATOM   181  N  N   . LEU A 1 63  ? 8.738   13.379  6.653   1.00 27.49 ? 43  LEU A N   1 
ATOM   182  C  CA  . LEU A 1 63  ? 9.510   13.232  7.891   1.00 26.38 ? 43  LEU A CA  1 
ATOM   183  C  C   . LEU A 1 63  ? 9.570   14.560  8.637   1.00 32.87 ? 43  LEU A C   1 
ATOM   184  O  O   . LEU A 1 63  ? 10.585  14.927  9.231   1.00 32.11 ? 43  LEU A O   1 
ATOM   185  C  CB  . LEU A 1 63  ? 10.911  12.685  7.611   1.00 27.47 ? 43  LEU A CB  1 
ATOM   186  C  CG  . LEU A 1 63  ? 10.919  11.205  7.197   1.00 28.47 ? 43  LEU A CG  1 
ATOM   187  C  CD1 . LEU A 1 63  ? 12.331  10.673  6.942   1.00 30.04 ? 43  LEU A CD1 1 
ATOM   188  C  CD2 . LEU A 1 63  ? 10.209  10.341  8.226   1.00 30.02 ? 43  LEU A CD2 1 
ATOM   189  N  N   . SER A 1 64  ? 8.460   15.294  8.588   1.00 26.80 ? 44  SER A N   1 
ATOM   190  C  CA  . SER A 1 64  ? 8.309   16.535  9.332   1.00 32.17 ? 44  SER A CA  1 
ATOM   191  C  C   . SER A 1 64  ? 8.326   16.265  10.830  1.00 31.47 ? 44  SER A C   1 
ATOM   192  O  O   . SER A 1 64  ? 8.347   15.109  11.267  1.00 28.94 ? 44  SER A O   1 
ATOM   193  C  CB  . SER A 1 64  ? 6.999   17.224  8.953   1.00 32.34 ? 44  SER A CB  1 
ATOM   194  O  OG  . SER A 1 64  ? 5.924   16.487  9.500   1.00 32.77 ? 44  SER A OG  1 
ATOM   195  N  N   . GLU A 1 65  ? 8.282   17.332  11.623  1.00 29.06 ? 45  GLU A N   1 
ATOM   196  C  CA  . GLU A 1 65  ? 8.408   17.200  13.070  1.00 28.99 ? 45  GLU A CA  1 
ATOM   197  C  C   . GLU A 1 65  ? 7.328   16.284  13.643  1.00 33.43 ? 45  GLU A C   1 
ATOM   198  O  O   . GLU A 1 65  ? 7.625   15.373  14.424  1.00 31.10 ? 45  GLU A O   1 
ATOM   199  C  CB  . GLU A 1 65  ? 8.380   18.611  13.693  1.00 35.35 ? 45  GLU A CB  1 
ATOM   200  C  CG  . GLU A 1 65  ? 8.167   18.676  15.189  1.00 35.88 ? 45  GLU A CG  1 
ATOM   201  C  CD  . GLU A 1 65  ? 9.240   17.949  15.965  1.00 35.60 ? 45  GLU A CD  1 
ATOM   202  O  OE1 . GLU A 1 65  ? 10.411  17.916  15.501  1.00 33.79 ? 45  GLU A OE1 1 
ATOM   203  O  OE2 . GLU A 1 65  ? 8.896   17.393  17.038  1.00 43.35 ? 45  GLU A OE2 1 
ATOM   204  N  N   . GLN A 1 66  ? 6.067   16.474  13.238  1.00 29.74 ? 46  GLN A N   1 
ATOM   205  C  CA  . GLN A 1 66  ? 5.016   15.639  13.800  1.00 31.27 ? 46  GLN A CA  1 
ATOM   206  C  C   . GLN A 1 66  ? 5.093   14.197  13.297  1.00 30.61 ? 46  GLN A C   1 
ATOM   207  O  O   . GLN A 1 66  ? 4.712   13.272  14.020  1.00 30.27 ? 46  GLN A O   1 
ATOM   208  C  CB  . GLN A 1 66  ? 3.641   16.239  13.499  1.00 33.30 ? 46  GLN A CB  1 
ATOM   209  C  CG  . GLN A 1 66  ? 2.505   15.474  14.185  1.00 40.01 ? 46  GLN A CG  1 
ATOM   210  C  CD  . GLN A 1 66  ? 2.578   15.556  15.701  1.00 47.55 ? 46  GLN A CD  1 
ATOM   211  O  OE1 . GLN A 1 66  ? 3.225   16.448  16.246  1.00 43.00 ? 46  GLN A OE1 1 
ATOM   212  N  NE2 . GLN A 1 66  ? 1.903   14.632  16.389  1.00 44.95 ? 46  GLN A NE2 1 
ATOM   213  N  N   . VAL A 1 67  ? 5.574   13.980  12.070  1.00 28.60 ? 47  VAL A N   1 
ATOM   214  C  CA  . VAL A 1 67  ? 5.807   12.612  11.599  1.00 26.87 ? 47  VAL A CA  1 
ATOM   215  C  C   . VAL A 1 67  ? 6.837   11.915  12.482  1.00 25.62 ? 47  VAL A C   1 
ATOM   216  O  O   . VAL A 1 67  ? 6.659   10.756  12.886  1.00 29.61 ? 47  VAL A O   1 
ATOM   217  C  CB  . VAL A 1 67  ? 6.270   12.612  10.130  1.00 26.91 ? 47  VAL A CB  1 
ATOM   218  C  CG1 . VAL A 1 67  ? 6.698   11.198  9.721   1.00 28.77 ? 47  VAL A CG1 1 
ATOM   219  C  CG2 . VAL A 1 67  ? 5.178   13.123  9.210   1.00 25.25 ? 47  VAL A CG2 1 
ATOM   220  N  N   . GLN A 1 68  ? 7.956   12.596  12.741  1.00 29.61 ? 48  GLN A N   1 
ATOM   221  C  CA  . GLN A 1 68  ? 9.034   12.018  13.540  1.00 30.07 ? 48  GLN A CA  1 
ATOM   222  C  C   . GLN A 1 68  ? 8.547   11.640  14.924  1.00 31.20 ? 48  GLN A C   1 
ATOM   223  O  O   . GLN A 1 68  ? 8.977   10.630  15.494  1.00 33.82 ? 48  GLN A O   1 
ATOM   224  C  CB  . GLN A 1 68  ? 10.187  13.008  13.653  1.00 29.81 ? 48  GLN A CB  1 
ATOM   225  C  CG  . GLN A 1 68  ? 10.947  13.215  12.362  1.00 30.81 ? 48  GLN A CG  1 
ATOM   226  C  CD  . GLN A 1 68  ? 12.007  14.269  12.520  1.00 36.49 ? 48  GLN A CD  1 
ATOM   227  O  OE1 . GLN A 1 68  ? 12.853  14.174  13.404  1.00 35.98 ? 48  GLN A OE1 1 
ATOM   228  N  NE2 . GLN A 1 68  ? 11.957  15.298  11.681  1.00 31.18 ? 48  GLN A NE2 1 
ATOM   229  N  N   . GLU A 1 69  ? 7.661   12.455  15.481  1.00 30.04 ? 49  GLU A N   1 
ATOM   230  C  CA  . GLU A 1 69  ? 7.055   12.144  16.765  1.00 32.57 ? 49  GLU A CA  1 
ATOM   231  C  C   . GLU A 1 69  ? 6.191   10.894  16.673  1.00 35.29 ? 49  GLU A C   1 
ATOM   232  O  O   . GLU A 1 69  ? 6.353   9.955   17.460  1.00 35.69 ? 49  GLU A O   1 
ATOM   233  C  CB  . GLU A 1 69  ? 6.230   13.344  17.237  1.00 35.64 ? 49  GLU A CB  1 
ATOM   234  C  CG  . GLU A 1 69  ? 5.762   13.214  18.656  1.00 39.87 ? 49  GLU A CG  1 
ATOM   235  C  CD  . GLU A 1 69  ? 6.806   13.679  19.652  1.00 38.23 ? 49  GLU A CD  1 
ATOM   236  O  OE1 . GLU A 1 69  ? 7.968   13.932  19.251  1.00 32.54 ? 49  GLU A OE1 1 
ATOM   237  O  OE2 . GLU A 1 69  ? 6.452   13.795  20.843  1.00 39.62 ? 49  GLU A OE2 1 
ATOM   238  N  N   . GLU A 1 70  ? 5.269   10.856  15.710  1.00 32.10 ? 50  GLU A N   1 
ATOM   239  C  CA  . GLU A 1 70  ? 4.348   9.731   15.636  1.00 30.63 ? 50  GLU A CA  1 
ATOM   240  C  C   . GLU A 1 70  ? 5.036   8.447   15.184  1.00 33.46 ? 50  GLU A C   1 
ATOM   241  O  O   . GLU A 1 70  ? 4.523   7.360   15.459  1.00 36.02 ? 50  GLU A O   1 
ATOM   242  C  CB  . GLU A 1 70  ? 3.168   10.087  14.717  1.00 29.93 ? 50  GLU A CB  1 
ATOM   243  C  CG  . GLU A 1 70  ? 2.386   11.332  15.184  1.00 33.37 ? 50  GLU A CG  1 
ATOM   244  C  CD  . GLU A 1 70  ? 1.093   11.581  14.421  1.00 42.70 ? 50  GLU A CD  1 
ATOM   245  O  OE1 . GLU A 1 70  ? 0.708   10.747  13.573  1.00 39.51 ? 50  GLU A OE1 1 
ATOM   246  O  OE2 . GLU A 1 70  ? 0.454   12.629  14.660  1.00 40.97 ? 50  GLU A OE2 1 
ATOM   247  N  N   . LEU A 1 71  ? 6.192   8.541   14.521  1.00 29.55 ? 51  LEU A N   1 
ATOM   248  C  CA  . LEU A 1 71  ? 6.929   7.345   14.126  1.00 29.59 ? 51  LEU A CA  1 
ATOM   249  C  C   . LEU A 1 71  ? 7.559   6.633   15.313  1.00 33.77 ? 51  LEU A C   1 
ATOM   250  O  O   . LEU A 1 71  ? 7.907   5.454   15.203  1.00 27.59 ? 51  LEU A O   1 
ATOM   251  C  CB  . LEU A 1 71  ? 8.036   7.688   13.127  1.00 29.07 ? 51  LEU A CB  1 
ATOM   252  C  CG  . LEU A 1 71  ? 7.614   7.861   11.679  1.00 28.89 ? 51  LEU A CG  1 
ATOM   253  C  CD1 . LEU A 1 71  ? 8.826   8.257   10.849  1.00 27.89 ? 51  LEU A CD1 1 
ATOM   254  C  CD2 . LEU A 1 71  ? 6.997   6.569   11.166  1.00 29.75 ? 51  LEU A CD2 1 
ATOM   255  N  N   . LEU A 1 72  ? 7.753   7.315   16.430  1.00 29.62 ? 52  LEU A N   1 
ATOM   256  C  CA  . LEU A 1 72  ? 8.342   6.636   17.578  1.00 31.74 ? 52  LEU A CA  1 
ATOM   257  C  C   . LEU A 1 72  ? 7.297   6.022   18.500  1.00 34.15 ? 52  LEU A C   1 
ATOM   258  O  O   . LEU A 1 72  ? 7.656   5.245   19.398  1.00 39.09 ? 52  LEU A O   1 
ATOM   259  C  CB  . LEU A 1 72  ? 9.244   7.597   18.355  1.00 29.17 ? 52  LEU A CB  1 
ATOM   260  C  CG  . LEU A 1 72  ? 10.487  8.010   17.564  1.00 30.31 ? 52  LEU A CG  1 
ATOM   261  C  CD1 . LEU A 1 72  ? 11.530  8.629   18.486  1.00 31.34 ? 52  LEU A CD1 1 
ATOM   262  C  CD2 . LEU A 1 72  ? 11.082  6.811   16.826  1.00 31.24 ? 52  LEU A CD2 1 
ATOM   263  N  N   . SER A 1 73  ? 6.027   6.356   18.311  1.00 34.14 ? 53  SER A N   1 
ATOM   264  C  CA  . SER A 1 73  ? 4.922   5.607   18.886  1.00 38.54 ? 53  SER A CA  1 
ATOM   265  C  C   . SER A 1 73  ? 4.434   4.598   17.848  1.00 42.89 ? 53  SER A C   1 
ATOM   266  O  O   . SER A 1 73  ? 5.021   4.442   16.774  1.00 39.59 ? 53  SER A O   1 
ATOM   267  C  CB  . SER A 1 73  ? 3.802   6.544   19.310  1.00 42.56 ? 53  SER A CB  1 
ATOM   268  O  OG  . SER A 1 73  ? 3.200   7.115   18.164  1.00 40.93 ? 53  SER A OG  1 
ATOM   269  N  N   . SER A 1 74  ? 3.349   3.902   18.145  1.00 38.99 ? 54  SER A N   1 
ATOM   270  C  CA  . SER A 1 74  ? 2.743   3.009   17.169  1.00 36.71 ? 54  SER A CA  1 
ATOM   271  C  C   . SER A 1 74  ? 1.720   3.710   16.277  1.00 33.11 ? 54  SER A C   1 
ATOM   272  O  O   . SER A 1 74  ? 1.041   3.033   15.498  1.00 32.30 ? 54  SER A O   1 
ATOM   273  C  CB  . SER A 1 74  ? 2.079   1.830   17.888  1.00 42.39 ? 54  SER A CB  1 
ATOM   274  O  OG  . SER A 1 74  ? 3.069   0.929   18.352  1.00 56.27 ? 54  SER A OG  1 
ATOM   275  N  N   . GLN A 1 75  ? 1.599   5.043   16.369  1.00 32.05 ? 55  GLN A N   1 
ATOM   276  C  CA  . GLN A 1 75  ? 0.484   5.734   15.729  1.00 32.08 ? 55  GLN A CA  1 
ATOM   277  C  C   . GLN A 1 75  ? 0.552   5.644   14.207  1.00 32.42 ? 55  GLN A C   1 
ATOM   278  O  O   . GLN A 1 75  ? -0.468  5.396   13.556  1.00 27.86 ? 55  GLN A O   1 
ATOM   279  C  CB  . GLN A 1 75  ? 0.434   7.197   16.172  1.00 34.19 ? 55  GLN A CB  1 
ATOM   280  C  CG  . GLN A 1 75  ? -0.784  7.946   15.608  1.00 37.13 ? 55  GLN A CG  1 
ATOM   281  C  CD  . GLN A 1 75  ? -0.965  9.336   16.201  1.00 43.05 ? 55  GLN A CD  1 
ATOM   282  O  OE1 . GLN A 1 75  ? -0.182  9.772   17.041  1.00 41.97 ? 55  GLN A OE1 1 
ATOM   283  N  NE2 . GLN A 1 75  ? -2.015  10.022  15.782  1.00 39.57 ? 55  GLN A NE2 1 
ATOM   284  N  N   . VAL A 1 76  ? 1.732   5.856   13.617  1.00 31.23 ? 56  VAL A N   1 
ATOM   285  C  CA  . VAL A 1 76  ? 1.826   5.862   12.157  1.00 28.31 ? 56  VAL A CA  1 
ATOM   286  C  C   . VAL A 1 76  ? 1.549   4.467   11.599  1.00 27.19 ? 56  VAL A C   1 
ATOM   287  O  O   . VAL A 1 76  ? 0.767   4.308   10.660  1.00 27.99 ? 56  VAL A O   1 
ATOM   288  C  CB  . VAL A 1 76  ? 3.196   6.400   11.693  1.00 29.56 ? 56  VAL A CB  1 
ATOM   289  C  CG1 . VAL A 1 76  ? 3.392   6.140   10.188  1.00 23.27 ? 56  VAL A CG1 1 
ATOM   290  C  CG2 . VAL A 1 76  ? 3.303   7.880   11.964  1.00 30.85 ? 56  VAL A CG2 1 
ATOM   291  N  N   . THR A 1 77  ? 2.169   3.429   12.173  1.00 24.11 ? 57  THR A N   1 
ATOM   292  C  CA  . THR A 1 77  ? 1.986   2.099   11.613  1.00 27.75 ? 57  THR A CA  1 
ATOM   293  C  C   . THR A 1 77  ? 0.590   1.554   11.905  1.00 32.23 ? 57  THR A C   1 
ATOM   294  O  O   . THR A 1 77  ? 0.066   0.754   11.124  1.00 30.71 ? 57  THR A O   1 
ATOM   295  C  CB  . THR A 1 77  ? 3.072   1.157   12.128  1.00 30.11 ? 57  THR A CB  1 
ATOM   296  O  OG1 . THR A 1 77  ? 3.152   1.250   13.554  1.00 29.58 ? 57  THR A OG1 1 
ATOM   297  C  CG2 . THR A 1 77  ? 4.432   1.546   11.519  1.00 29.91 ? 57  THR A CG2 1 
ATOM   298  N  N   . GLN A 1 78  ? -0.035  1.990   13.000  1.00 30.32 ? 58  GLN A N   1 
ATOM   299  C  CA  . GLN A 1 78  ? -1.415  1.600   13.263  1.00 33.42 ? 58  GLN A CA  1 
ATOM   300  C  C   . GLN A 1 78  ? -2.383  2.296   12.314  1.00 32.21 ? 58  GLN A C   1 
ATOM   301  O  O   . GLN A 1 78  ? -3.330  1.667   11.823  1.00 31.96 ? 58  GLN A O   1 
ATOM   302  C  CB  . GLN A 1 78  ? -1.785  1.893   14.716  1.00 34.09 ? 58  GLN A CB  1 
ATOM   303  C  CG  . GLN A 1 78  ? -1.247  0.833   15.667  1.00 40.12 ? 58  GLN A CG  1 
ATOM   304  C  CD  . GLN A 1 78  ? -1.856  -0.543  15.412  1.00 60.67 ? 58  GLN A CD  1 
ATOM   305  O  OE1 . GLN A 1 78  ? -1.285  -1.364  14.679  1.00 65.45 ? 58  GLN A OE1 1 
ATOM   306  N  NE2 . GLN A 1 78  ? -3.022  -0.801  16.009  1.00 64.73 ? 58  GLN A NE2 1 
ATOM   307  N  N   . GLU A 1 79  ? -2.170  3.585   12.038  1.00 29.55 ? 59  GLU A N   1 
ATOM   308  C  CA  . GLU A 1 79  ? -3.065  4.289   11.119  1.00 32.54 ? 59  GLU A CA  1 
ATOM   309  C  C   . GLU A 1 79  ? -2.880  3.784   9.693   1.00 31.21 ? 59  GLU A C   1 
ATOM   310  O  O   . GLU A 1 79  ? -3.854  3.669   8.936   1.00 31.05 ? 59  GLU A O   1 
ATOM   311  C  CB  . GLU A 1 79  ? -2.857  5.810   11.232  1.00 34.08 ? 59  GLU A CB  1 
ATOM   312  C  CG  . GLU A 1 79  ? -3.374  6.339   12.619  1.00 45.45 ? 59  GLU A CG  1 
ATOM   313  C  CD  . GLU A 1 79  ? -3.253  7.858   12.866  1.00 47.46 ? 59  GLU A CD  1 
ATOM   314  O  OE1 . GLU A 1 79  ? -2.546  8.573   12.119  1.00 46.35 ? 59  GLU A OE1 1 
ATOM   315  O  OE2 . GLU A 1 79  ? -3.861  8.336   13.855  1.00 41.15 ? 59  GLU A OE2 1 
ATOM   316  N  N   . LEU A 1 80  ? -1.649  3.434   9.323   1.00 29.48 ? 60  LEU A N   1 
ATOM   317  C  CA  . LEU A 1 80  ? -1.408  2.837   8.010   1.00 28.05 ? 60  LEU A CA  1 
ATOM   318  C  C   . LEU A 1 80  ? -2.039  1.458   7.893   1.00 32.71 ? 60  LEU A C   1 
ATOM   319  O  O   . LEU A 1 80  ? -2.535  1.091   6.820   1.00 30.48 ? 60  LEU A O   1 
ATOM   320  C  CB  . LEU A 1 80  ? 0.087   2.753   7.746   1.00 32.87 ? 60  LEU A CB  1 
ATOM   321  C  CG  . LEU A 1 80  ? 0.750   4.040   7.283   1.00 31.83 ? 60  LEU A CG  1 
ATOM   322  C  CD1 . LEU A 1 80  ? 2.247   3.824   7.372   1.00 34.21 ? 60  LEU A CD1 1 
ATOM   323  C  CD2 . LEU A 1 80  ? 0.346   4.423   5.841   1.00 30.58 ? 60  LEU A CD2 1 
ATOM   324  N  N   . ARG A 1 81  ? -2.001  0.657   8.967   1.00 31.14 ? 61  ARG A N   1 
ATOM   325  C  CA  . ARG A 1 81  ? -2.647  -0.646  8.902   1.00 29.33 ? 61  ARG A CA  1 
ATOM   326  C  C   . ARG A 1 81  ? -4.148  -0.491  8.687   1.00 31.91 ? 61  ARG A C   1 
ATOM   327  O  O   . ARG A 1 81  ? -4.752  -1.246  7.915   1.00 32.79 ? 61  ARG A O   1 
ATOM   328  C  CB  . ARG A 1 81  ? -2.369  -1.468  10.165  1.00 34.42 ? 61  ARG A CB  1 
ATOM   329  C  CG  . ARG A 1 81  ? -3.055  -2.839  10.117  1.00 41.19 ? 61  ARG A CG  1 
ATOM   330  C  CD  . ARG A 1 81  ? -2.991  -3.604  11.423  1.00 48.00 ? 61  ARG A CD  1 
ATOM   331  N  NE  . ARG A 1 81  ? -1.701  -4.271  11.639  1.00 69.41 ? 61  ARG A NE  1 
ATOM   332  C  CZ  . ARG A 1 81  ? -1.255  -5.326  10.948  1.00 72.97 ? 61  ARG A CZ  1 
ATOM   333  N  NH1 . ARG A 1 81  ? -1.981  -5.848  9.965   1.00 71.98 ? 61  ARG A NH1 1 
ATOM   334  N  NH2 . ARG A 1 81  ? -0.070  -5.862  11.236  1.00 60.15 ? 61  ARG A NH2 1 
ATOM   335  N  N   . ALA A 1 82  ? -4.768  0.479   9.359   1.00 28.96 ? 62  ALA A N   1 
ATOM   336  C  CA  . ALA A 1 82  ? -6.203  0.670   9.183   1.00 30.29 ? 62  ALA A CA  1 
ATOM   337  C  C   . ALA A 1 82  ? -6.518  1.086   7.751   1.00 31.52 ? 62  ALA A C   1 
ATOM   338  O  O   . ALA A 1 82  ? -7.499  0.612   7.158   1.00 28.09 ? 62  ALA A O   1 
ATOM   339  C  CB  . ALA A 1 82  ? -6.722  1.711   10.173  1.00 30.56 ? 62  ALA A CB  1 
ATOM   340  N  N   . LEU A 1 83  ? -5.683  1.958   7.177   1.00 27.66 ? 63  LEU A N   1 
ATOM   341  C  CA  . LEU A 1 83  ? -5.913  2.423   5.814   1.00 28.32 ? 63  LEU A CA  1 
ATOM   342  C  C   . LEU A 1 83  ? -5.667  1.305   4.817   1.00 25.38 ? 63  LEU A C   1 
ATOM   343  O  O   . LEU A 1 83  ? -6.377  1.193   3.814   1.00 27.67 ? 63  LEU A O   1 
ATOM   344  C  CB  . LEU A 1 83  ? -5.023  3.632   5.518   1.00 26.48 ? 63  LEU A CB  1 
ATOM   345  C  CG  . LEU A 1 83  ? -5.408  4.894   6.271   1.00 28.38 ? 63  LEU A CG  1 
ATOM   346  C  CD1 . LEU A 1 83  ? -4.305  5.946   6.182   1.00 27.89 ? 63  LEU A CD1 1 
ATOM   347  C  CD2 . LEU A 1 83  ? -6.715  5.448   5.721   1.00 31.71 ? 63  LEU A CD2 1 
ATOM   348  N  N   . MET A 1 84  ? -4.670  0.466   5.089   1.00 24.99 ? 64  MET A N   1 
ATOM   349  C  CA  . MET A 1 84  ? -4.394  -0.696  4.257   1.00 29.39 ? 64  MET A CA  1 
ATOM   350  C  C   . MET A 1 84  ? -5.554  -1.674  4.281   1.00 32.90 ? 64  MET A C   1 
ATOM   351  O  O   . MET A 1 84  ? -6.019  -2.130  3.227   1.00 26.89 ? 64  MET A O   1 
ATOM   352  C  CB  . MET A 1 84  ? -3.111  -1.368  4.749   1.00 27.50 ? 64  MET A CB  1 
ATOM   353  C  CG  . MET A 1 84  ? -2.689  -2.598  3.968   1.00 36.80 ? 64  MET A CG  1 
ATOM   354  S  SD  . MET A 1 84  ? -1.517  -3.556  4.942   1.00 42.13 ? 64  MET A SD  1 
ATOM   355  C  CE  . MET A 1 84  ? -0.340  -2.278  5.342   1.00 53.61 ? 64  MET A CE  1 
ATOM   356  N  N   . ASP A 1 85  ? -6.030  -2.000  5.484   1.00 29.01 ? 65  ASP A N   1 
ATOM   357  C  CA  . ASP A 1 85  ? -7.143  -2.928  5.639   1.00 29.93 ? 65  ASP A CA  1 
ATOM   358  C  C   . ASP A 1 85  ? -8.375  -2.439  4.882   1.00 30.23 ? 65  ASP A C   1 
ATOM   359  O  O   . ASP A 1 85  ? -9.006  -3.206  4.145   1.00 29.16 ? 65  ASP A O   1 
ATOM   360  C  CB  . ASP A 1 85  ? -7.432  -3.129  7.129   1.00 29.50 ? 65  ASP A CB  1 
ATOM   361  C  CG  . ASP A 1 85  ? -6.384  -3.998  7.811   1.00 36.47 ? 65  ASP A CG  1 
ATOM   362  O  OD1 . ASP A 1 85  ? -5.465  -4.500  7.123   1.00 38.28 ? 65  ASP A OD1 1 
ATOM   363  O  OD2 . ASP A 1 85  ? -6.487  -4.194  9.034   1.00 43.17 ? 65  ASP A OD2 1 
ATOM   364  N  N   . GLU A 1 86  ? -8.707  -1.151  5.012   1.00 28.35 ? 66  GLU A N   1 
ATOM   365  C  CA  A GLU A 1 86  ? -9.861  -0.612  4.297   0.61 28.84 ? 66  GLU A CA  1 
ATOM   366  C  CA  B GLU A 1 86  ? -9.866  -0.625  4.299   0.39 28.64 ? 66  GLU A CA  1 
ATOM   367  C  C   . GLU A 1 86  ? -9.693  -0.747  2.790   1.00 32.05 ? 66  GLU A C   1 
ATOM   368  O  O   . GLU A 1 86  ? -10.634 -1.125  2.077   1.00 31.19 ? 66  GLU A O   1 
ATOM   369  C  CB  A GLU A 1 86  ? -10.085 0.849   4.678   0.61 31.79 ? 66  GLU A CB  1 
ATOM   370  C  CB  B GLU A 1 86  ? -10.113 0.825   4.708   0.39 31.36 ? 66  GLU A CB  1 
ATOM   371  C  CG  A GLU A 1 86  ? -11.473 1.366   4.327   0.61 33.37 ? 66  GLU A CG  1 
ATOM   372  C  CG  B GLU A 1 86  ? -10.737 0.956   6.089   0.39 32.29 ? 66  GLU A CG  1 
ATOM   373  C  CD  A GLU A 1 86  ? -11.557 2.877   4.388   0.61 39.66 ? 66  GLU A CD  1 
ATOM   374  C  CD  B GLU A 1 86  ? -11.800 -0.100  6.348   0.39 39.79 ? 66  GLU A CD  1 
ATOM   375  O  OE1 A GLU A 1 86  ? -12.292 3.475   3.565   0.61 41.63 ? 66  GLU A OE1 1 
ATOM   376  O  OE1 B GLU A 1 86  ? -12.959 0.120   5.941   0.39 43.54 ? 66  GLU A OE1 1 
ATOM   377  O  OE2 A GLU A 1 86  ? -10.886 3.466   5.263   0.61 44.83 ? 66  GLU A OE2 1 
ATOM   378  O  OE2 B GLU A 1 86  ? -11.486 -1.155  6.953   0.39 39.40 ? 66  GLU A OE2 1 
ATOM   379  N  N   . THR A 1 87  ? -8.493  -0.450  2.280   1.00 27.56 ? 67  THR A N   1 
ATOM   380  C  CA  . THR A 1 87  ? -8.251  -0.565  0.840   1.00 25.35 ? 67  THR A CA  1 
ATOM   381  C  C   . THR A 1 87  ? -8.468  -1.989  0.348   1.00 29.06 ? 67  THR A C   1 
ATOM   382  O  O   . THR A 1 87  ? -9.119  -2.208  -0.681  1.00 28.46 ? 67  THR A O   1 
ATOM   383  C  CB  . THR A 1 87  ? -6.835  -0.087  0.506   1.00 24.21 ? 67  THR A CB  1 
ATOM   384  O  OG1 . THR A 1 87  ? -6.699  1.272   0.921   1.00 24.29 ? 67  THR A OG1 1 
ATOM   385  C  CG2 . THR A 1 87  ? -6.583  -0.145  -1.005  1.00 26.79 ? 67  THR A CG2 1 
ATOM   386  N  N   . MET A 1 88  ? -7.919  -2.978  1.067   1.00 26.88 ? 68  MET A N   1 
ATOM   387  C  CA  . MET A 1 88  ? -8.015  -4.363  0.608   1.00 27.32 ? 68  MET A CA  1 
ATOM   388  C  C   . MET A 1 88  ? -9.449  -4.871  0.688   1.00 29.72 ? 68  MET A C   1 
ATOM   389  O  O   . MET A 1 88  ? -9.896  -5.642  -0.171  1.00 29.94 ? 68  MET A O   1 
ATOM   390  C  CB  . MET A 1 88  ? -7.087  -5.250  1.430   1.00 27.76 ? 68  MET A CB  1 
ATOM   391  C  CG  . MET A 1 88  ? -5.606  -4.902  1.257   1.00 28.43 ? 68  MET A CG  1 
ATOM   392  S  SD  . MET A 1 88  ? -5.030  -4.936  -0.455  1.00 35.13 ? 68  MET A SD  1 
ATOM   393  C  CE  . MET A 1 88  ? -5.008  -6.688  -0.770  1.00 39.79 ? 68  MET A CE  1 
ATOM   394  N  N   . LYS A 1 89  ? -10.180 -4.455  1.719   1.00 31.25 ? 69  LYS A N   1 
ATOM   395  C  CA  . LYS A 1 89  ? -11.585 -4.832  1.838   1.00 31.81 ? 69  LYS A CA  1 
ATOM   396  C  C   . LYS A 1 89  ? -12.415 -4.285  0.677   1.00 34.56 ? 69  LYS A C   1 
ATOM   397  O  O   . LYS A 1 89  ? -13.263 -4.999  0.119   1.00 30.06 ? 69  LYS A O   1 
ATOM   398  C  CB  . LYS A 1 89  ? -12.110 -4.330  3.182   1.00 31.20 ? 69  LYS A CB  1 
ATOM   399  C  CG  . LYS A 1 89  ? -13.447 -4.878  3.620   1.00 42.49 ? 69  LYS A CG  1 
ATOM   400  C  CD  . LYS A 1 89  ? -13.784 -4.354  5.009   1.00 44.88 ? 69  LYS A CD  1 
ATOM   401  C  CE  . LYS A 1 89  ? -13.729 -2.831  5.050   1.00 54.29 ? 69  LYS A CE  1 
ATOM   402  N  NZ  . LYS A 1 89  ? -13.900 -2.273  6.436   1.00 59.90 ? 69  LYS A NZ  1 
ATOM   403  N  N   . GLU A 1 90  ? -12.198 -3.022  0.304   1.00 25.73 ? 70  GLU A N   1 
ATOM   404  C  CA  . GLU A 1 90  ? -12.955 -2.445  -0.805  1.00 26.94 ? 70  GLU A CA  1 
ATOM   405  C  C   . GLU A 1 90  ? -12.558 -3.088  -2.121  1.00 29.10 ? 70  GLU A C   1 
ATOM   406  O  O   . GLU A 1 90  ? -13.396 -3.264  -3.013  1.00 28.48 ? 70  GLU A O   1 
ATOM   407  C  CB  . GLU A 1 90  ? -12.734 -0.935  -0.883  1.00 27.38 ? 70  GLU A CB  1 
ATOM   408  C  CG  . GLU A 1 90  ? -13.352 -0.152  0.245   1.00 29.04 ? 70  GLU A CG  1 
ATOM   409  C  CD  . GLU A 1 90  ? -14.858 -0.380  0.362   1.00 36.60 ? 70  GLU A CD  1 
ATOM   410  O  OE1 . GLU A 1 90  ? -15.517 -0.711  -0.659  1.00 38.95 ? 70  GLU A OE1 1 
ATOM   411  O  OE2 . GLU A 1 90  ? -15.378 -0.250  1.493   1.00 34.09 ? 70  GLU A OE2 1 
ATOM   412  N  N   . LEU A 1 91  ? -11.274 -3.397  -2.275  1.00 27.35 ? 71  LEU A N   1 
ATOM   413  C  CA  . LEU A 1 91  ? -10.811 -4.093  -3.470  1.00 29.29 ? 71  LEU A CA  1 
ATOM   414  C  C   . LEU A 1 91  ? -11.537 -5.422  -3.640  1.00 30.51 ? 71  LEU A C   1 
ATOM   415  O  O   . LEU A 1 91  ? -12.011 -5.759  -4.738  1.00 30.14 ? 71  LEU A O   1 
ATOM   416  C  CB  . LEU A 1 91  ? -9.299  -4.298  -3.360  1.00 28.29 ? 71  LEU A CB  1 
ATOM   417  C  CG  . LEU A 1 91  ? -8.405  -4.444  -4.584  1.00 38.86 ? 71  LEU A CG  1 
ATOM   418  C  CD1 . LEU A 1 91  ? -8.941  -3.675  -5.805  1.00 32.77 ? 71  LEU A CD1 1 
ATOM   419  C  CD2 . LEU A 1 91  ? -7.001  -3.968  -4.197  1.00 32.37 ? 71  LEU A CD2 1 
ATOM   420  N  N   . LYS A 1 92  ? -11.644 -6.197  -2.557  1.00 31.47 ? 72  LYS A N   1 
ATOM   421  C  CA  . LYS A 1 92  ? -12.284 -7.506  -2.652  1.00 33.12 ? 72  LYS A CA  1 
ATOM   422  C  C   . LYS A 1 92  ? -13.769 -7.374  -2.975  1.00 32.70 ? 72  LYS A C   1 
ATOM   423  O  O   . LYS A 1 92  ? -14.314 -8.158  -3.759  1.00 33.47 ? 72  LYS A O   1 
ATOM   424  C  CB  . LYS A 1 92  ? -12.085 -8.299  -1.356  1.00 39.57 ? 72  LYS A CB  1 
ATOM   425  C  CG  . LYS A 1 92  ? -10.772 -9.102  -1.312  1.00 55.95 ? 72  LYS A CG  1 
ATOM   426  C  CD  . LYS A 1 92  ? -10.270 -9.330  0.119   1.00 56.02 ? 72  LYS A CD  1 
ATOM   427  C  CE  . LYS A 1 92  ? -8.749  -9.137  0.217   1.00 59.56 ? 72  LYS A CE  1 
ATOM   428  N  NZ  . LYS A 1 92  ? -8.265  -9.176  1.631   1.00 59.30 ? 72  LYS A NZ  1 
ATOM   429  N  N   . ALA A 1 93  ? -14.443 -6.392  -2.377  1.00 30.29 ? 73  ALA A N   1 
ATOM   430  C  CA  . ALA A 1 93  ? -15.855 -6.166  -2.684  1.00 28.19 ? 73  ALA A CA  1 
ATOM   431  C  C   . ALA A 1 93  ? -16.054 -5.697  -4.126  1.00 33.64 ? 73  ALA A C   1 
ATOM   432  O  O   . ALA A 1 93  ? -17.055 -6.040  -4.769  1.00 29.38 ? 73  ALA A O   1 
ATOM   433  C  CB  . ALA A 1 93  ? -16.434 -5.145  -1.701  1.00 30.92 ? 73  ALA A CB  1 
ATOM   434  N  N   . TYR A 1 94  ? -15.122 -4.884  -4.641  1.00 29.50 ? 74  TYR A N   1 
ATOM   435  C  CA  . TYR A 1 94  ? -15.235 -4.373  -6.003  1.00 30.21 ? 74  TYR A CA  1 
ATOM   436  C  C   . TYR A 1 94  ? -15.115 -5.499  -7.020  1.00 32.82 ? 74  TYR A C   1 
ATOM   437  O  O   . TYR A 1 94  ? -15.939 -5.614  -7.934  1.00 28.96 ? 74  TYR A O   1 
ATOM   438  C  CB  . TYR A 1 94  ? -14.166 -3.301  -6.244  1.00 28.33 ? 74  TYR A CB  1 
ATOM   439  C  CG  . TYR A 1 94  ? -14.222 -2.655  -7.610  1.00 28.57 ? 74  TYR A CG  1 
ATOM   440  C  CD1 . TYR A 1 94  ? -15.366 -2.009  -8.047  1.00 33.43 ? 74  TYR A CD1 1 
ATOM   441  C  CD2 . TYR A 1 94  ? -13.124 -2.687  -8.458  1.00 31.50 ? 74  TYR A CD2 1 
ATOM   442  C  CE1 . TYR A 1 94  ? -15.419 -1.414  -9.287  1.00 36.54 ? 74  TYR A CE1 1 
ATOM   443  C  CE2 . TYR A 1 94  ? -13.167 -2.094  -9.695  1.00 34.62 ? 74  TYR A CE2 1 
ATOM   444  C  CZ  . TYR A 1 94  ? -14.323 -1.460  -10.107 1.00 35.53 ? 74  TYR A CZ  1 
ATOM   445  O  OH  . TYR A 1 94  ? -14.375 -0.864  -11.346 1.00 36.13 ? 74  TYR A OH  1 
ATOM   446  N  N   . LYS A 1 95  ? -14.092 -6.341  -6.877  1.00 29.33 ? 75  LYS A N   1 
ATOM   447  C  CA  . LYS A 1 95  ? -13.980 -7.519  -7.737  1.00 31.15 ? 75  LYS A CA  1 
ATOM   448  C  C   . LYS A 1 95  ? -15.253 -8.360  -7.690  1.00 34.73 ? 75  LYS A C   1 
ATOM   449  O  O   . LYS A 1 95  ? -15.763 -8.788  -8.729  1.00 33.64 ? 75  LYS A O   1 
ATOM   450  C  CB  . LYS A 1 95  ? -12.768 -8.359  -7.327  1.00 29.94 ? 75  LYS A CB  1 
ATOM   451  C  CG  . LYS A 1 95  ? -12.485 -9.539  -8.271  1.00 37.11 ? 75  LYS A CG  1 
ATOM   452  C  CD  . LYS A 1 95  ? -11.367 -10.439 -7.738  1.00 44.23 ? 75  LYS A CD  1 
ATOM   453  C  CE  . LYS A 1 95  ? -10.928 -11.491 -8.776  1.00 44.67 ? 75  LYS A CE  1 
ATOM   454  N  NZ  . LYS A 1 95  ? -11.819 -12.696 -8.829  1.00 43.60 ? 75  LYS A NZ  1 
ATOM   455  N  N   . SER A 1 96  ? -15.789 -8.586  -6.488  1.00 32.09 ? 76  SER A N   1 
ATOM   456  C  CA  . SER A 1 96  ? -17.012 -9.374  -6.340  1.00 35.29 ? 76  SER A CA  1 
ATOM   457  C  C   . SER A 1 96  ? -18.179 -8.750  -7.097  1.00 31.42 ? 76  SER A C   1 
ATOM   458  O  O   . SER A 1 96  ? -18.998 -9.462  -7.689  1.00 35.50 ? 76  SER A O   1 
ATOM   459  C  CB  . SER A 1 96  ? -17.356 -9.518  -4.857  1.00 36.61 ? 76  SER A CB  1 
ATOM   460  O  OG  . SER A 1 96  ? -18.566 -10.234 -4.677  1.00 37.81 ? 76  SER A OG  1 
ATOM   461  N  N   . GLU A 1 97  ? -18.271 -7.424  -7.094  1.00 26.52 ? 77  GLU A N   1 
ATOM   462  C  CA  . GLU A 1 97  ? -19.370 -6.765  -7.791  1.00 31.80 ? 77  GLU A CA  1 
ATOM   463  C  C   . GLU A 1 97  ? -19.143 -6.745  -9.300  1.00 32.23 ? 77  GLU A C   1 
ATOM   464  O  O   . GLU A 1 97  ? -20.099 -6.871  -10.075 1.00 30.93 ? 77  GLU A O   1 
ATOM   465  C  CB  . GLU A 1 97  ? -19.573 -5.356  -7.238  1.00 29.88 ? 77  GLU A CB  1 
ATOM   466  C  CG  . GLU A 1 97  ? -20.192 -5.367  -5.835  1.00 32.34 ? 77  GLU A CG  1 
ATOM   467  C  CD  . GLU A 1 97  ? -20.488 -3.979  -5.290  1.00 34.61 ? 77  GLU A CD  1 
ATOM   468  O  OE1 . GLU A 1 97  ? -20.410 -3.802  -4.049  1.00 36.15 ? 77  GLU A OE1 1 
ATOM   469  O  OE2 . GLU A 1 97  ? -20.805 -3.074  -6.092  1.00 32.08 ? 77  GLU A OE2 1 
ATOM   470  N  N   . LEU A 1 98  ? -17.887 -6.593  -9.741  1.00 30.58 ? 78  LEU A N   1 
ATOM   471  C  CA  . LEU A 1 98  ? -17.595 -6.705  -11.169 1.00 31.81 ? 78  LEU A CA  1 
ATOM   472  C  C   . LEU A 1 98  ? -18.022 -8.055  -11.718 1.00 30.46 ? 78  LEU A C   1 
ATOM   473  O  O   . LEU A 1 98  ? -18.427 -8.154  -12.881 1.00 33.96 ? 78  LEU A O   1 
ATOM   474  C  CB  . LEU A 1 98  ? -16.103 -6.516  -11.448 1.00 30.31 ? 78  LEU A CB  1 
ATOM   475  C  CG  . LEU A 1 98  ? -15.412 -5.167  -11.239 1.00 34.22 ? 78  LEU A CG  1 
ATOM   476  C  CD1 . LEU A 1 98  ? -13.948 -5.251  -11.722 1.00 32.77 ? 78  LEU A CD1 1 
ATOM   477  C  CD2 . LEU A 1 98  ? -16.154 -4.070  -11.958 1.00 32.09 ? 78  LEU A CD2 1 
ATOM   478  N  N   . GLU A 1 99  ? -17.938 -9.104  -10.903 1.00 30.60 ? 79  GLU A N   1 
ATOM   479  C  CA  . GLU A 1 99  ? -18.249 -10.438 -11.400 1.00 33.61 ? 79  GLU A CA  1 
ATOM   480  C  C   . GLU A 1 99  ? -19.742 -10.667 -11.579 1.00 38.88 ? 79  GLU A C   1 
ATOM   481  O  O   . GLU A 1 99  ? -20.138 -11.764 -11.984 1.00 37.29 ? 79  GLU A O   1 
ATOM   482  C  CB  . GLU A 1 99  ? -17.642 -11.489 -10.468 1.00 36.55 ? 79  GLU A CB  1 
ATOM   483  C  CG  . GLU A 1 99  ? -16.135 -11.664 -10.739 1.00 39.55 ? 79  GLU A CG  1 
ATOM   484  C  CD  . GLU A 1 99  ? -15.339 -12.154 -9.541  1.00 44.08 ? 79  GLU A CD  1 
ATOM   485  O  OE1 . GLU A 1 99  ? -15.921 -12.316 -8.441  1.00 48.41 ? 79  GLU A OE1 1 
ATOM   486  O  OE2 . GLU A 1 99  ? -14.115 -12.378 -9.707  1.00 48.53 ? 79  GLU A OE2 1 
ATOM   487  N  N   . GLU A 1 100 ? -20.567 -9.665  -11.286 1.00 36.81 ? 80  GLU A N   1 
ATOM   488  C  CA  . GLU A 1 100 ? -21.990 -9.683  -11.610 1.00 36.18 ? 80  GLU A CA  1 
ATOM   489  C  C   . GLU A 1 100 ? -22.278 -9.189  -13.021 1.00 43.36 ? 80  GLU A C   1 
ATOM   490  O  O   . GLU A 1 100 ? -23.425 -9.277  -13.476 1.00 46.98 ? 80  GLU A O   1 
ATOM   491  C  CB  . GLU A 1 100 ? -22.759 -8.816  -10.613 1.00 39.21 ? 80  GLU A CB  1 
ATOM   492  C  CG  . GLU A 1 100 ? -22.763 -9.365  -9.204  1.00 33.23 ? 80  GLU A CG  1 
ATOM   493  C  CD  . GLU A 1 100 ? -23.469 -10.700 -9.115  1.00 40.54 ? 80  GLU A CD  1 
ATOM   494  O  OE1 . GLU A 1 100 ? -24.540 -10.833 -9.746  1.00 43.29 ? 80  GLU A OE1 1 
ATOM   495  O  OE2 . GLU A 1 100 ? -22.954 -11.616 -8.434  1.00 44.41 ? 80  GLU A OE2 1 
ATOM   496  N  N   . GLN A 1 101 ? -21.276 -8.669  -13.718 1.00 37.03 ? 81  GLN A N   1 
ATOM   497  C  CA  . GLN A 1 101 ? -21.467 -8.016  -15.009 1.00 42.43 ? 81  GLN A CA  1 
ATOM   498  C  C   . GLN A 1 101 ? -20.326 -8.380  -15.942 1.00 38.84 ? 81  GLN A C   1 
ATOM   499  O  O   . GLN A 1 101 ? -19.680 -7.518  -16.537 1.00 44.12 ? 81  GLN A O   1 
ATOM   500  C  CB  . GLN A 1 101 ? -21.557 -6.502  -14.849 1.00 47.36 ? 81  GLN A CB  1 
ATOM   501  C  CG  . GLN A 1 101 ? -22.748 -6.020  -14.034 1.00 55.85 ? 81  GLN A CG  1 
ATOM   502  C  CD  . GLN A 1 101 ? -23.775 -5.285  -14.879 1.00 59.26 ? 81  GLN A CD  1 
ATOM   503  O  OE1 . GLN A 1 101 ? -24.944 -5.675  -14.933 1.00 58.32 ? 81  GLN A OE1 1 
ATOM   504  N  NE2 . GLN A 1 101 ? -23.344 -4.217  -15.545 1.00 65.01 ? 81  GLN A NE2 1 
ATOM   505  N  N   . LEU A 1 102 ? -20.064 -9.675  -16.069 1.00 39.21 ? 82  LEU A N   1 
ATOM   506  C  CA  . LEU A 1 102 ? -18.985 -10.166 -16.910 1.00 39.41 ? 82  LEU A CA  1 
ATOM   507  C  C   . LEU A 1 102 ? -19.486 -10.447 -18.322 1.00 48.77 ? 82  LEU A C   1 
ATOM   508  O  O   . LEU A 1 102 ? -20.612 -10.912 -18.514 1.00 47.00 ? 82  LEU A O   1 
ATOM   509  C  CB  . LEU A 1 102 ? -18.387 -11.445 -16.317 1.00 43.63 ? 82  LEU A CB  1 
ATOM   510  C  CG  . LEU A 1 102 ? -17.760 -11.360 -14.920 1.00 39.94 ? 82  LEU A CG  1 
ATOM   511  C  CD1 . LEU A 1 102 ? -17.440 -12.756 -14.391 1.00 36.02 ? 82  LEU A CD1 1 
ATOM   512  C  CD2 . LEU A 1 102 ? -16.513 -10.468 -14.930 1.00 40.78 ? 82  LEU A CD2 1 
ATOM   513  N  N   . THR A 1 103 ? -18.644 -10.146 -19.308 1.00 47.38 ? 83  THR A N   1 
ATOM   514  C  CA  . THR A 1 103 ? -18.835 -10.677 -20.654 1.00 49.20 ? 83  THR A CA  1 
ATOM   515  C  C   . THR A 1 103 ? -18.477 -12.156 -20.645 1.00 54.35 ? 83  THR A C   1 
ATOM   516  O  O   . THR A 1 103 ? -17.379 -12.515 -20.195 1.00 57.64 ? 83  THR A O   1 
ATOM   517  C  CB  . THR A 1 103 ? -17.965 -9.925  -21.661 1.00 51.61 ? 83  THR A CB  1 
ATOM   518  O  OG1 . THR A 1 103 ? -18.375 -8.553  -21.717 1.00 47.11 ? 83  THR A OG1 1 
ATOM   519  C  CG2 . THR A 1 103 ? -18.060 -10.561 -23.057 1.00 54.70 ? 83  THR A CG2 1 
ATOM   520  N  N   . PRO A 1 104 ? -19.359 -13.048 -21.096 1.00 60.96 ? 84  PRO A N   1 
ATOM   521  C  CA  . PRO A 1 104 ? -19.072 -14.493 -21.003 1.00 58.76 ? 84  PRO A CA  1 
ATOM   522  C  C   . PRO A 1 104 ? -17.971 -14.907 -21.971 1.00 55.08 ? 84  PRO A C   1 
ATOM   523  O  O   . PRO A 1 104 ? -18.044 -14.636 -23.170 1.00 58.10 ? 84  PRO A O   1 
ATOM   524  C  CB  . PRO A 1 104 ? -20.416 -15.147 -21.354 1.00 60.19 ? 84  PRO A CB  1 
ATOM   525  C  CG  . PRO A 1 104 ? -21.165 -14.099 -22.119 1.00 59.99 ? 84  PRO A CG  1 
ATOM   526  C  CD  . PRO A 1 104 ? -20.722 -12.772 -21.585 1.00 57.93 ? 84  PRO A CD  1 
ATOM   527  N  N   . VAL A 1 105 ? -16.939 -15.561 -21.433 1.00 59.71 ? 85  VAL A N   1 
ATOM   528  C  CA  . VAL A 1 105 ? -15.812 -16.082 -22.198 1.00 53.80 ? 85  VAL A CA  1 
ATOM   529  C  C   . VAL A 1 105 ? -15.535 -17.510 -21.730 1.00 50.91 ? 85  VAL A C   1 
ATOM   530  O  O   . VAL A 1 105 ? -16.164 -18.003 -20.793 1.00 54.91 ? 85  VAL A O   1 
ATOM   531  C  CB  . VAL A 1 105 ? -14.551 -15.204 -22.052 1.00 55.52 ? 85  VAL A CB  1 
ATOM   532  C  CG1 . VAL A 1 105 ? -14.817 -13.800 -22.566 1.00 52.37 ? 85  VAL A CG1 1 
ATOM   533  C  CG2 . VAL A 1 105 ? -14.103 -15.170 -20.601 1.00 49.75 ? 85  VAL A CG2 1 
ATOM   534  N  N   . ALA A 1 106 ? -14.576 -18.169 -22.381 1.00 51.03 ? 86  ALA A N   1 
ATOM   535  C  CA  . ALA A 1 106 ? -14.258 -19.547 -22.021 1.00 50.55 ? 86  ALA A CA  1 
ATOM   536  C  C   . ALA A 1 106 ? -13.827 -19.647 -20.561 1.00 54.56 ? 86  ALA A C   1 
ATOM   537  O  O   . ALA A 1 106 ? -13.165 -18.755 -20.020 1.00 57.25 ? 86  ALA A O   1 
ATOM   538  C  CB  . ALA A 1 106 ? -13.155 -20.100 -22.923 1.00 49.96 ? 86  ALA A CB  1 
ATOM   539  N  N   . GLU A 1 107 ? -14.205 -20.759 -19.925 1.00 53.25 ? 87  GLU A N   1 
ATOM   540  C  CA  . GLU A 1 107 ? -13.994 -20.904 -18.488 1.00 56.62 ? 87  GLU A CA  1 
ATOM   541  C  C   . GLU A 1 107 ? -12.517 -20.829 -18.118 1.00 57.03 ? 87  GLU A C   1 
ATOM   542  O  O   . GLU A 1 107 ? -12.160 -20.289 -17.064 1.00 48.14 ? 87  GLU A O   1 
ATOM   543  C  CB  . GLU A 1 107 ? -14.597 -22.218 -17.998 1.00 57.43 ? 87  GLU A CB  1 
ATOM   544  C  CG  . GLU A 1 107 ? -14.748 -22.277 -16.490 1.00 68.94 ? 87  GLU A CG  1 
ATOM   545  C  CD  . GLU A 1 107 ? -16.129 -22.734 -16.060 1.00 82.19 ? 87  GLU A CD  1 
ATOM   546  O  OE1 . GLU A 1 107 ? -16.219 -23.586 -15.148 1.00 88.68 ? 87  GLU A OE1 1 
ATOM   547  O  OE2 . GLU A 1 107 ? -17.124 -22.235 -16.633 1.00 87.02 ? 87  GLU A OE2 1 
ATOM   548  N  N   . GLU A 1 108 ? -11.641 -21.376 -18.964 1.00 52.63 ? 88  GLU A N   1 
ATOM   549  C  CA  . GLU A 1 108 ? -10.212 -21.325 -18.673 1.00 51.43 ? 88  GLU A CA  1 
ATOM   550  C  C   . GLU A 1 108 ? -9.658  -19.909 -18.825 1.00 50.77 ? 88  GLU A C   1 
ATOM   551  O  O   . GLU A 1 108 ? -8.678  -19.552 -18.157 1.00 49.03 ? 88  GLU A O   1 
ATOM   552  C  CB  . GLU A 1 108 ? -9.458  -22.303 -19.578 1.00 59.62 ? 88  GLU A CB  1 
ATOM   553  C  CG  . GLU A 1 108 ? -9.980  -23.755 -19.521 1.00 66.85 ? 88  GLU A CG  1 
ATOM   554  C  CD  . GLU A 1 108 ? -11.201 -24.004 -20.421 1.00 72.74 ? 88  GLU A CD  1 
ATOM   555  O  OE1 . GLU A 1 108 ? -11.876 -25.044 -20.230 1.00 71.67 ? 88  GLU A OE1 1 
ATOM   556  O  OE2 . GLU A 1 108 ? -11.484 -23.164 -21.313 1.00 62.99 ? 88  GLU A OE2 1 
ATOM   557  N  N   . THR A 1 109 ? -10.266 -19.093 -19.692 1.00 47.81 ? 89  THR A N   1 
ATOM   558  C  CA  . THR A 1 109 ? -9.831  -17.708 -19.859 1.00 48.90 ? 89  THR A CA  1 
ATOM   559  C  C   . THR A 1 109 ? -10.254 -16.854 -18.668 1.00 46.73 ? 89  THR A C   1 
ATOM   560  O  O   . THR A 1 109 ? -9.457  -16.074 -18.131 1.00 43.80 ? 89  THR A O   1 
ATOM   561  C  CB  . THR A 1 109 ? -10.406 -17.139 -21.157 1.00 51.04 ? 89  THR A CB  1 
ATOM   562  O  OG1 . THR A 1 109 ? -9.716  -17.711 -22.272 1.00 55.50 ? 89  THR A OG1 1 
ATOM   563  C  CG2 . THR A 1 109 ? -10.271 -15.614 -21.205 1.00 45.30 ? 89  THR A CG2 1 
ATOM   564  N  N   . ARG A 1 110 ? -11.518 -16.983 -18.257 1.00 46.92 ? 90  ARG A N   1 
ATOM   565  C  CA  . ARG A 1 110 ? -12.003 -16.299 -17.063 1.00 41.56 ? 90  ARG A CA  1 
ATOM   566  C  C   . ARG A 1 110 ? -11.204 -16.708 -15.834 1.00 44.47 ? 90  ARG A C   1 
ATOM   567  O  O   . ARG A 1 110 ? -10.883 -15.868 -14.978 1.00 44.09 ? 90  ARG A O   1 
ATOM   568  C  CB  . ARG A 1 110 ? -13.488 -16.613 -16.870 1.00 43.44 ? 90  ARG A CB  1 
ATOM   569  C  CG  . ARG A 1 110 ? -14.134 -15.991 -15.642 1.00 43.91 ? 90  ARG A CG  1 
ATOM   570  C  CD  . ARG A 1 110 ? -13.985 -14.478 -15.648 1.00 43.39 ? 90  ARG A CD  1 
ATOM   571  N  NE  . ARG A 1 110 ? -14.693 -13.850 -16.759 1.00 45.12 ? 90  ARG A NE  1 
ATOM   572  C  CZ  . ARG A 1 110 ? -14.440 -12.619 -17.201 1.00 44.40 ? 90  ARG A CZ  1 
ATOM   573  N  NH1 . ARG A 1 110 ? -13.490 -11.894 -16.621 1.00 41.26 ? 90  ARG A NH1 1 
ATOM   574  N  NH2 . ARG A 1 110 ? -15.125 -12.114 -18.222 1.00 40.70 ? 90  ARG A NH2 1 
ATOM   575  N  N   . ALA A 1 111 ? -10.873 -17.996 -15.726 1.00 41.52 ? 91  ALA A N   1 
ATOM   576  C  CA  . ALA A 1 111 ? -10.141 -18.477 -14.558 1.00 45.79 ? 91  ALA A CA  1 
ATOM   577  C  C   . ALA A 1 111 ? -8.741  -17.878 -14.501 1.00 41.51 ? 91  ALA A C   1 
ATOM   578  O  O   . ALA A 1 111 ? -8.277  -17.480 -13.425 1.00 39.64 ? 91  ALA A O   1 
ATOM   579  C  CB  . ALA A 1 111 ? -10.075 -20.005 -14.569 1.00 39.77 ? 91  ALA A CB  1 
ATOM   580  N  N   . ARG A 1 112 ? -8.057  -17.815 -15.649 1.00 35.73 ? 92  ARG A N   1 
ATOM   581  C  CA  . ARG A 1 112 ? -6.749  -17.168 -15.718 1.00 38.08 ? 92  ARG A CA  1 
ATOM   582  C  C   . ARG A 1 112 ? -6.836  -15.692 -15.342 1.00 37.71 ? 92  ARG A C   1 
ATOM   583  O  O   . ARG A 1 112 ? -6.020  -15.196 -14.558 1.00 37.36 ? 92  ARG A O   1 
ATOM   584  C  CB  . ARG A 1 112 ? -6.151  -17.323 -17.119 1.00 41.59 ? 92  ARG A CB  1 
ATOM   585  C  CG  . ARG A 1 112 ? -4.905  -16.451 -17.343 1.00 43.71 ? 92  ARG A CG  1 
ATOM   586  C  CD  . ARG A 1 112 ? -4.212  -16.723 -18.676 1.00 40.93 ? 92  ARG A CD  1 
ATOM   587  N  NE  . ARG A 1 112 ? -5.069  -16.408 -19.818 1.00 46.15 ? 92  ARG A NE  1 
ATOM   588  C  CZ  . ARG A 1 112 ? -5.323  -15.175 -20.253 1.00 52.80 ? 92  ARG A CZ  1 
ATOM   589  N  NH1 . ARG A 1 112 ? -4.779  -14.128 -19.642 1.00 54.74 ? 92  ARG A NH1 1 
ATOM   590  N  NH2 . ARG A 1 112 ? -6.121  -14.988 -21.302 1.00 53.81 ? 92  ARG A NH2 1 
ATOM   591  N  N   . LEU A 1 113 ? -7.807  -14.963 -15.906 1.00 34.77 ? 93  LEU A N   1 
ATOM   592  C  CA  . LEU A 1 113 ? -7.918  -13.532 -15.604 1.00 38.30 ? 93  LEU A CA  1 
ATOM   593  C  C   . LEU A 1 113 ? -8.181  -13.292 -14.124 1.00 36.68 ? 93  LEU A C   1 
ATOM   594  O  O   . LEU A 1 113 ? -7.669  -12.328 -13.535 1.00 35.78 ? 93  LEU A O   1 
ATOM   595  C  CB  . LEU A 1 113 ? -9.025  -12.897 -16.446 1.00 34.29 ? 93  LEU A CB  1 
ATOM   596  C  CG  . LEU A 1 113 ? -8.711  -12.753 -17.928 1.00 40.96 ? 93  LEU A CG  1 
ATOM   597  C  CD1 . LEU A 1 113 ? -9.894  -12.118 -18.659 1.00 38.92 ? 93  LEU A CD1 1 
ATOM   598  C  CD2 . LEU A 1 113 ? -7.437  -11.927 -18.133 1.00 36.50 ? 93  LEU A CD2 1 
ATOM   599  N  N   . SER A 1 114 ? -8.983  -14.155 -13.510 1.00 32.82 ? 94  SER A N   1 
ATOM   600  C  CA  . SER A 1 114 ? -9.271  -14.038 -12.087 1.00 32.52 ? 94  SER A CA  1 
ATOM   601  C  C   . SER A 1 114 ? -8.029  -14.303 -11.250 1.00 40.27 ? 94  SER A C   1 
ATOM   602  O  O   . SER A 1 114 ? -7.814  -13.655 -10.217 1.00 37.76 ? 94  SER A O   1 
ATOM   603  C  CB  . SER A 1 114 ? -10.383 -15.013 -11.714 1.00 32.48 ? 94  SER A CB  1 
ATOM   604  O  OG  . SER A 1 114 ? -10.692 -14.909 -10.342 1.00 38.10 ? 94  SER A OG  1 
ATOM   605  N  N   . LYS A 1 115 ? -7.218  -15.269 -11.674 1.00 36.82 ? 95  LYS A N   1 
ATOM   606  C  CA  . LYS A 1 115 ? -5.964  -15.570 -10.994 1.00 40.17 ? 95  LYS A CA  1 
ATOM   607  C  C   . LYS A 1 115 ? -4.996  -14.403 -11.104 1.00 35.18 ? 95  LYS A C   1 
ATOM   608  O  O   . LYS A 1 115 ? -4.381  -13.997 -10.113 1.00 35.69 ? 95  LYS A O   1 
ATOM   609  C  CB  . LYS A 1 115 ? -5.361  -16.835 -11.599 1.00 39.74 ? 95  LYS A CB  1 
ATOM   610  C  CG  . LYS A 1 115 ? -4.104  -17.375 -10.925 1.00 51.74 ? 95  LYS A CG  1 
ATOM   611  C  CD  . LYS A 1 115 ? -3.522  -18.529 -11.757 1.00 49.76 ? 95  LYS A CD  1 
ATOM   612  C  CE  . LYS A 1 115 ? -2.461  -19.315 -10.992 1.00 56.57 ? 95  LYS A CE  1 
ATOM   613  N  NZ  . LYS A 1 115 ? -1.804  -20.304 -11.893 1.00 45.95 ? 95  LYS A NZ  1 
ATOM   614  N  N   . GLU A 1 116 ? -4.840  -13.862 -12.311 1.00 36.16 ? 96  GLU A N   1 
ATOM   615  C  CA  . GLU A 1 116 ? -3.957  -12.719 -12.510 1.00 35.24 ? 96  GLU A CA  1 
ATOM   616  C  C   . GLU A 1 116 ? -4.411  -11.522 -11.679 1.00 40.18 ? 96  GLU A C   1 
ATOM   617  O  O   . GLU A 1 116 ? -3.578  -10.805 -11.108 1.00 31.72 ? 96  GLU A O   1 
ATOM   618  C  CB  . GLU A 1 116 ? -3.893  -12.360 -13.995 1.00 33.86 ? 96  GLU A CB  1 
ATOM   619  C  CG  . GLU A 1 116 ? -3.184  -13.411 -14.870 1.00 34.28 ? 96  GLU A CG  1 
ATOM   620  C  CD  . GLU A 1 116 ? -3.343  -13.159 -16.370 1.00 45.37 ? 96  GLU A CD  1 
ATOM   621  O  OE1 . GLU A 1 116 ? -3.931  -12.121 -16.767 1.00 45.93 ? 96  GLU A OE1 1 
ATOM   622  O  OE2 . GLU A 1 116 ? -2.881  -14.006 -17.166 1.00 41.84 ? 96  GLU A OE2 1 
ATOM   623  N  N   . LEU A 1 117 ? -5.728  -11.301 -11.590 1.00 32.86 ? 97  LEU A N   1 
ATOM   624  C  CA  . LEU A 1 117 ? -6.245  -10.204 -10.774 1.00 32.48 ? 97  LEU A CA  1 
ATOM   625  C  C   . LEU A 1 117 ? -5.998  -10.461 -9.293  1.00 37.43 ? 97  LEU A C   1 
ATOM   626  O  O   . LEU A 1 117 ? -5.619  -9.544  -8.551  1.00 35.23 ? 97  LEU A O   1 
ATOM   627  C  CB  . LEU A 1 117 ? -7.730  -10.013 -11.056 1.00 32.47 ? 97  LEU A CB  1 
ATOM   628  C  CG  . LEU A 1 117 ? -8.424  -8.846  -10.382 1.00 41.34 ? 97  LEU A CG  1 
ATOM   629  C  CD1 . LEU A 1 117 ? -7.638  -7.563  -10.672 1.00 35.27 ? 97  LEU A CD1 1 
ATOM   630  C  CD2 . LEU A 1 117 ? -9.856  -8.741  -10.902 1.00 40.45 ? 97  LEU A CD2 1 
ATOM   631  N  N   . GLN A 1 118 ? -6.188  -11.710 -8.851  1.00 36.98 ? 98  GLN A N   1 
ATOM   632  C  CA  . GLN A 1 118 ? -5.885  -12.072 -7.466  1.00 41.80 ? 98  GLN A CA  1 
ATOM   633  C  C   . GLN A 1 118 ? -4.428  -11.786 -7.126  1.00 39.32 ? 98  GLN A C   1 
ATOM   634  O  O   . GLN A 1 118 ? -4.127  -11.250 -6.051  1.00 36.65 ? 98  GLN A O   1 
ATOM   635  C  CB  . GLN A 1 118 ? -6.193  -13.556 -7.219  1.00 42.57 ? 98  GLN A CB  1 
ATOM   636  C  CG  . GLN A 1 118 ? -7.614  -13.837 -6.755  1.00 50.04 ? 98  GLN A CG  1 
ATOM   637  C  CD  . GLN A 1 118 ? -8.044  -12.953 -5.600  1.00 65.85 ? 98  GLN A CD  1 
ATOM   638  O  OE1 . GLN A 1 118 ? -9.069  -12.265 -5.678  1.00 62.70 ? 98  GLN A OE1 1 
ATOM   639  N  NE2 . GLN A 1 118 ? -7.271  -12.977 -4.511  1.00 60.53 ? 98  GLN A NE2 1 
ATOM   640  N  N   . ALA A 1 119 ? -3.509  -12.148 -8.022  1.00 36.60 ? 99  ALA A N   1 
ATOM   641  C  CA  . ALA A 1 119 ? -2.093  -11.938 -7.738  1.00 36.18 ? 99  ALA A CA  1 
ATOM   642  C  C   . ALA A 1 119 ? -1.732  -10.454 -7.724  1.00 33.89 ? 99  ALA A C   1 
ATOM   643  O  O   . ALA A 1 119 ? -0.833  -10.043 -6.980  1.00 36.41 ? 99  ALA A O   1 
ATOM   644  C  CB  . ALA A 1 119 ? -1.242  -12.689 -8.760  1.00 34.82 ? 99  ALA A CB  1 
ATOM   645  N  N   . ALA A 1 120 ? -2.406  -9.636  -8.538  1.00 29.06 ? 100 ALA A N   1 
ATOM   646  C  CA  . ALA A 1 120 ? -2.163  -8.196  -8.501  1.00 31.77 ? 100 ALA A CA  1 
ATOM   647  C  C   . ALA A 1 120 ? -2.734  -7.563  -7.235  1.00 32.13 ? 100 ALA A C   1 
ATOM   648  O  O   . ALA A 1 120 ? -2.183  -6.574  -6.741  1.00 30.87 ? 100 ALA A O   1 
ATOM   649  C  CB  . ALA A 1 120 ? -2.764  -7.519  -9.745  1.00 27.84 ? 100 ALA A CB  1 
ATOM   650  N  N   . GLN A 1 121 ? -3.855  -8.084  -6.725  1.00 32.02 ? 101 GLN A N   1 
ATOM   651  C  CA  . GLN A 1 121 ? -4.354  -7.623  -5.432  1.00 32.54 ? 101 GLN A CA  1 
ATOM   652  C  C   . GLN A 1 121 ? -3.369  -7.944  -4.326  1.00 34.53 ? 101 GLN A C   1 
ATOM   653  O  O   . GLN A 1 121 ? -3.126  -7.119  -3.437  1.00 34.14 ? 101 GLN A O   1 
ATOM   654  C  CB  . GLN A 1 121 ? -5.686  -8.283  -5.106  1.00 34.75 ? 101 GLN A CB  1 
ATOM   655  C  CG  . GLN A 1 121 ? -6.883  -7.778  -5.846  1.00 42.20 ? 101 GLN A CG  1 
ATOM   656  C  CD  . GLN A 1 121 ? -8.091  -8.653  -5.548  1.00 55.08 ? 101 GLN A CD  1 
ATOM   657  O  OE1 . GLN A 1 121 ? -8.390  -9.596  -6.288  1.00 46.39 ? 101 GLN A OE1 1 
ATOM   658  N  NE2 . GLN A 1 121 ? -8.767  -8.369  -4.437  1.00 45.16 ? 101 GLN A NE2 1 
ATOM   659  N  N   . ALA A 1 122 ? -2.826  -9.161  -4.346  1.00 34.15 ? 102 ALA A N   1 
ATOM   660  C  CA  . ALA A 1 122 ? -1.893  -9.586  -3.314  1.00 36.83 ? 102 ALA A CA  1 
ATOM   661  C  C   . ALA A 1 122 ? -0.630  -8.738  -3.324  1.00 32.33 ? 102 ALA A C   1 
ATOM   662  O  O   . ALA A 1 122 ? -0.071  -8.438  -2.262  1.00 33.81 ? 102 ALA A O   1 
ATOM   663  C  CB  . ALA A 1 122 ? -1.549  -11.054 -3.513  1.00 30.32 ? 102 ALA A CB  1 
ATOM   664  N  N   . ARG A 1 123 ? -0.145  -8.379  -4.518  1.00 27.12 ? 103 ARG A N   1 
ATOM   665  C  CA  . ARG A 1 123 ? 1.046   -7.548  -4.625  1.00 28.97 ? 103 ARG A CA  1 
ATOM   666  C  C   . ARG A 1 123 ? 0.828   -6.206  -3.949  1.00 29.13 ? 103 ARG A C   1 
ATOM   667  O  O   . ARG A 1 123 ? 1.714   -5.709  -3.245  1.00 29.48 ? 103 ARG A O   1 
ATOM   668  C  CB  . ARG A 1 123 ? 1.429   -7.345  -6.097  1.00 32.60 ? 103 ARG A CB  1 
ATOM   669  C  CG  . ARG A 1 123 ? 2.378   -8.406  -6.663  1.00 44.58 ? 103 ARG A CG  1 
ATOM   670  C  CD  . ARG A 1 123 ? 2.984   -8.008  -8.019  1.00 40.81 ? 103 ARG A CD  1 
ATOM   671  N  NE  . ARG A 1 123 ? 1.976   -7.850  -9.073  1.00 48.69 ? 103 ARG A NE  1 
ATOM   672  C  CZ  . ARG A 1 123 ? 1.509   -8.837  -9.844  1.00 49.19 ? 103 ARG A CZ  1 
ATOM   673  N  NH1 . ARG A 1 123 ? 1.955   -10.082 -9.710  1.00 45.70 ? 103 ARG A NH1 1 
ATOM   674  N  NH2 . ARG A 1 123 ? 0.591   -8.570  -10.764 1.00 44.69 ? 103 ARG A NH2 1 
ATOM   675  N  N   . LEU A 1 124 ? -0.347  -5.602  -4.155  1.00 30.71 ? 104 LEU A N   1 
ATOM   676  C  CA  . LEU A 1 124 ? -0.640  -4.311  -3.535  1.00 31.24 ? 104 LEU A CA  1 
ATOM   677  C  C   . LEU A 1 124 ? -0.646  -4.423  -2.017  1.00 31.22 ? 104 LEU A C   1 
ATOM   678  O  O   . LEU A 1 124 ? -0.077  -3.578  -1.318  1.00 27.84 ? 104 LEU A O   1 
ATOM   679  C  CB  . LEU A 1 124 ? -1.985  -3.783  -4.022  1.00 27.58 ? 104 LEU A CB  1 
ATOM   680  C  CG  . LEU A 1 124 ? -2.315  -2.335  -3.658  1.00 29.34 ? 104 LEU A CG  1 
ATOM   681  C  CD1 . LEU A 1 124 ? -1.501  -1.409  -4.508  1.00 38.73 ? 104 LEU A CD1 1 
ATOM   682  C  CD2 . LEU A 1 124 ? -3.792  -2.057  -3.860  1.00 31.29 ? 104 LEU A CD2 1 
ATOM   683  N  N   . GLY A 1 125 ? -1.309  -5.451  -1.488  1.00 32.75 ? 105 GLY A N   1 
ATOM   684  C  CA  . GLY A 1 125 ? -1.314  -5.652  -0.048  1.00 31.00 ? 105 GLY A CA  1 
ATOM   685  C  C   . GLY A 1 125 ? 0.078   -5.888  0.509   1.00 34.80 ? 105 GLY A C   1 
ATOM   686  O  O   . GLY A 1 125 ? 0.422   -5.388  1.586   1.00 30.82 ? 105 GLY A O   1 
ATOM   687  N  N   . ALA A 1 126 ? 0.906   -6.636  -0.228  1.00 30.76 ? 106 ALA A N   1 
ATOM   688  C  CA  . ALA A 1 126 ? 2.276   -6.884  0.206   1.00 30.00 ? 106 ALA A CA  1 
ATOM   689  C  C   . ALA A 1 126 ? 3.118   -5.606  0.173   1.00 30.23 ? 106 ALA A C   1 
ATOM   690  O  O   . ALA A 1 126 ? 3.939   -5.382  1.073   1.00 29.98 ? 106 ALA A O   1 
ATOM   691  C  CB  . ALA A 1 126 ? 2.909   -7.973  -0.660  1.00 32.14 ? 106 ALA A CB  1 
ATOM   692  N  N   . ASP A 1 127 ? 2.929   -4.759  -0.848  1.00 26.02 ? 107 ASP A N   1 
ATOM   693  C  CA  . ASP A 1 127 ? 3.613   -3.464  -0.893  1.00 25.12 ? 107 ASP A CA  1 
ATOM   694  C  C   . ASP A 1 127 ? 3.284   -2.621  0.328   1.00 29.89 ? 107 ASP A C   1 
ATOM   695  O  O   . ASP A 1 127 ? 4.167   -1.964  0.903   1.00 25.78 ? 107 ASP A O   1 
ATOM   696  C  CB  . ASP A 1 127 ? 3.204   -2.679  -2.136  1.00 27.42 ? 107 ASP A CB  1 
ATOM   697  C  CG  . ASP A 1 127 ? 3.622   -3.324  -3.419  1.00 30.92 ? 107 ASP A CG  1 
ATOM   698  O  OD1 . ASP A 1 127 ? 4.538   -4.175  -3.420  1.00 26.04 ? 107 ASP A OD1 1 
ATOM   699  O  OD2 . ASP A 1 127 ? 3.007   -2.951  -4.438  1.00 30.56 ? 107 ASP A OD2 1 
ATOM   700  N  N   . MET A 1 128 ? 1.995   -2.551  0.679   1.00 26.94 ? 108 MET A N   1 
ATOM   701  C  CA  . MET A 1 128 ? 1.588   -1.744  1.828   1.00 27.39 ? 108 MET A CA  1 
ATOM   702  C  C   . MET A 1 128 ? 2.166   -2.308  3.123   1.00 29.36 ? 108 MET A C   1 
ATOM   703  O  O   . MET A 1 128 ? 2.584   -1.552  4.000   1.00 27.75 ? 108 MET A O   1 
ATOM   704  C  CB  . MET A 1 128 ? 0.058   -1.648  1.890   1.00 27.82 ? 108 MET A CB  1 
ATOM   705  C  CG  . MET A 1 128 ? -0.564  -0.851  0.733   1.00 27.41 ? 108 MET A CG  1 
ATOM   706  S  SD  . MET A 1 128 ? -2.369  -0.577  0.773   1.00 35.16 ? 108 MET A SD  1 
ATOM   707  C  CE  . MET A 1 128 ? -3.040  -2.071  0.069   1.00 36.01 ? 108 MET A CE  1 
ATOM   708  N  N   . GLU A 1 129 ? 2.223   -3.639  3.254   1.00 30.08 ? 109 GLU A N   1 
ATOM   709  C  CA  . GLU A 1 129 ? 2.870   -4.240  4.418   1.00 31.49 ? 109 GLU A CA  1 
ATOM   710  C  C   . GLU A 1 129 ? 4.369   -3.955  4.445   1.00 31.19 ? 109 GLU A C   1 
ATOM   711  O  O   . GLU A 1 129 ? 4.950   -3.789  5.521   1.00 28.28 ? 109 GLU A O   1 
ATOM   712  C  CB  . GLU A 1 129 ? 2.639   -5.752  4.435   1.00 31.49 ? 109 GLU A CB  1 
ATOM   713  C  CG  . GLU A 1 129 ? 1.493   -6.182  5.325   1.00 48.07 ? 109 GLU A CG  1 
ATOM   714  C  CD  . GLU A 1 129 ? 1.580   -5.617  6.749   1.00 52.03 ? 109 GLU A CD  1 
ATOM   715  O  OE1 . GLU A 1 129 ? 0.513   -5.363  7.342   1.00 60.90 ? 109 GLU A OE1 1 
ATOM   716  O  OE2 . GLU A 1 129 ? 2.701   -5.447  7.284   1.00 54.10 ? 109 GLU A OE2 1 
ATOM   717  N  N   . ASP A 1 130 ? 5.025   -3.957  3.280   1.00 29.01 ? 110 ASP A N   1 
ATOM   718  C  CA  . ASP A 1 130 ? 6.453   -3.652  3.231   1.00 34.78 ? 110 ASP A CA  1 
ATOM   719  C  C   . ASP A 1 130 ? 6.720   -2.246  3.748   1.00 29.45 ? 110 ASP A C   1 
ATOM   720  O  O   . ASP A 1 130 ? 7.729   -1.993  4.423   1.00 31.29 ? 110 ASP A O   1 
ATOM   721  C  CB  . ASP A 1 130 ? 6.978   -3.772  1.793   1.00 29.31 ? 110 ASP A CB  1 
ATOM   722  C  CG  . ASP A 1 130 ? 7.168   -5.216  1.342   1.00 39.43 ? 110 ASP A CG  1 
ATOM   723  O  OD1 . ASP A 1 130 ? 7.127   -6.138  2.183   1.00 36.98 ? 110 ASP A OD1 1 
ATOM   724  O  OD2 . ASP A 1 130 ? 7.357   -5.422  0.121   1.00 34.78 ? 110 ASP A OD2 1 
ATOM   725  N  N   . VAL A 1 131 ? 5.838   -1.312  3.416   1.00 28.41 ? 111 VAL A N   1 
ATOM   726  C  CA  . VAL A 1 131 ? 5.977   0.047   3.918   1.00 24.54 ? 111 VAL A CA  1 
ATOM   727  C  C   . VAL A 1 131 ? 5.823   0.062   5.437   1.00 30.49 ? 111 VAL A C   1 
ATOM   728  O  O   . VAL A 1 131 ? 6.681   0.590   6.160   1.00 27.78 ? 111 VAL A O   1 
ATOM   729  C  CB  . VAL A 1 131 ? 4.957   0.972   3.229   1.00 27.32 ? 111 VAL A CB  1 
ATOM   730  C  CG1 . VAL A 1 131 ? 4.892   2.316   3.951   1.00 29.34 ? 111 VAL A CG1 1 
ATOM   731  C  CG2 . VAL A 1 131 ? 5.310   1.173   1.750   1.00 25.87 ? 111 VAL A CG2 1 
ATOM   732  N  N   . ARG A 1 132 ? 4.737   -0.537  5.944   1.00 26.85 ? 112 ARG A N   1 
ATOM   733  C  CA  . ARG A 1 132 ? 4.546   -0.642  7.386   1.00 31.73 ? 112 ARG A CA  1 
ATOM   734  C  C   . ARG A 1 132 ? 5.763   -1.257  8.064   1.00 31.79 ? 112 ARG A C   1 
ATOM   735  O  O   . ARG A 1 132 ? 6.265   -0.727  9.057   1.00 30.15 ? 112 ARG A O   1 
ATOM   736  C  CB  . ARG A 1 132 ? 3.310   -1.475  7.699   1.00 33.83 ? 112 ARG A CB  1 
ATOM   737  C  CG  . ARG A 1 132 ? 2.014   -0.721  7.683   1.00 42.59 ? 112 ARG A CG  1 
ATOM   738  C  CD  . ARG A 1 132 ? 0.962   -1.531  8.436   1.00 44.20 ? 112 ARG A CD  1 
ATOM   739  N  NE  . ARG A 1 132 ? 1.356   -1.761  9.824   1.00 49.10 ? 112 ARG A NE  1 
ATOM   740  C  CZ  . ARG A 1 132 ? 1.669   -2.948  10.330  1.00 53.47 ? 112 ARG A CZ  1 
ATOM   741  N  NH1 . ARG A 1 132 ? 1.638   -4.021  9.559   1.00 53.35 ? 112 ARG A NH1 1 
ATOM   742  N  NH2 . ARG A 1 132 ? 2.011   -3.060  11.607  1.00 55.55 ? 112 ARG A NH2 1 
ATOM   743  N  N   . GLY A 1 133 ? 6.248   -2.381  7.533   1.00 27.04 ? 113 GLY A N   1 
ATOM   744  C  CA  . GLY A 1 133 ? 7.384   -3.049  8.151   1.00 30.15 ? 113 GLY A CA  1 
ATOM   745  C  C   . GLY A 1 133 ? 8.627   -2.180  8.212   1.00 32.14 ? 113 GLY A C   1 
ATOM   746  O  O   . GLY A 1 133 ? 9.376   -2.224  9.190   1.00 28.39 ? 113 GLY A O   1 
ATOM   747  N  N   . ARG A 1 134 ? 8.876   -1.394  7.161   1.00 25.51 ? 114 ARG A N   1 
ATOM   748  C  CA  . ARG A 1 134 ? 10.061  -0.537  7.131   1.00 27.83 ? 114 ARG A CA  1 
ATOM   749  C  C   . ARG A 1 134 ? 9.971   0.560   8.174   1.00 24.75 ? 114 ARG A C   1 
ATOM   750  O  O   . ARG A 1 134 ? 10.998  0.987   8.708   1.00 28.21 ? 114 ARG A O   1 
ATOM   751  C  CB  . ARG A 1 134 ? 10.243  0.069   5.735   1.00 27.44 ? 114 ARG A CB  1 
ATOM   752  C  CG  . ARG A 1 134 ? 11.496  0.935   5.543   1.00 27.17 ? 114 ARG A CG  1 
ATOM   753  C  CD  . ARG A 1 134 ? 12.753  0.157   5.889   1.00 26.45 ? 114 ARG A CD  1 
ATOM   754  N  NE  . ARG A 1 134 ? 13.947  0.983   5.755   1.00 28.45 ? 114 ARG A NE  1 
ATOM   755  C  CZ  . ARG A 1 134 ? 14.440  1.748   6.726   1.00 30.14 ? 114 ARG A CZ  1 
ATOM   756  N  NH1 . ARG A 1 134 ? 13.845  1.789   7.910   1.00 27.37 ? 114 ARG A NH1 1 
ATOM   757  N  NH2 . ARG A 1 134 ? 15.528  2.469   6.508   1.00 28.19 ? 114 ARG A NH2 1 
ATOM   758  N  N   . LEU A 1 135 ? 8.759   1.022   8.484   1.00 24.20 ? 115 LEU A N   1 
ATOM   759  C  CA  . LEU A 1 135 ? 8.600   2.040   9.519   1.00 27.04 ? 115 LEU A CA  1 
ATOM   760  C  C   . LEU A 1 135 ? 8.674   1.441   10.916  1.00 33.05 ? 115 LEU A C   1 
ATOM   761  O  O   . LEU A 1 135 ? 9.124   2.114   11.841  1.00 31.08 ? 115 LEU A O   1 
ATOM   762  C  CB  . LEU A 1 135 ? 7.279   2.780   9.335   1.00 25.65 ? 115 LEU A CB  1 
ATOM   763  C  CG  . LEU A 1 135 ? 7.241   3.565   8.023   1.00 24.85 ? 115 LEU A CG  1 
ATOM   764  C  CD1 . LEU A 1 135 ? 5.810   4.005   7.708   1.00 31.10 ? 115 LEU A CD1 1 
ATOM   765  C  CD2 . LEU A 1 135 ? 8.210   4.753   8.014   1.00 25.06 ? 115 LEU A CD2 1 
ATOM   766  N  N   . VAL A 1 136 ? 8.233   0.194   11.094  1.00 27.48 ? 116 VAL A N   1 
ATOM   767  C  CA  . VAL A 1 136 ? 8.497   -0.510  12.348  1.00 32.62 ? 116 VAL A CA  1 
ATOM   768  C  C   . VAL A 1 136 ? 9.996   -0.647  12.574  1.00 31.08 ? 116 VAL A C   1 
ATOM   769  O  O   . VAL A 1 136 ? 10.495  -0.432  13.683  1.00 28.79 ? 116 VAL A O   1 
ATOM   770  C  CB  . VAL A 1 136 ? 7.801   -1.885  12.346  1.00 28.24 ? 116 VAL A CB  1 
ATOM   771  C  CG1 . VAL A 1 136 ? 8.279   -2.733  13.530  1.00 31.98 ? 116 VAL A CG1 1 
ATOM   772  C  CG2 . VAL A 1 136 ? 6.304   -1.705  12.386  1.00 28.18 ? 116 VAL A CG2 1 
ATOM   773  N  N   . GLN A 1 137 ? 10.737  -1.017  11.530  1.00 29.22 ? 117 GLN A N   1 
ATOM   774  C  CA  . GLN A 1 137 ? 12.186  -1.119  11.646  1.00 31.64 ? 117 GLN A CA  1 
ATOM   775  C  C   . GLN A 1 137 ? 12.812  0.210   12.071  1.00 33.88 ? 117 GLN A C   1 
ATOM   776  O  O   . GLN A 1 137 ? 13.716  0.236   12.918  1.00 29.88 ? 117 GLN A O   1 
ATOM   777  C  CB  . GLN A 1 137 ? 12.778  -1.593  10.320  1.00 30.46 ? 117 GLN A CB  1 
ATOM   778  C  CG  . GLN A 1 137 ? 14.288  -1.665  10.314  1.00 35.02 ? 117 GLN A CG  1 
ATOM   779  C  CD  . GLN A 1 137 ? 14.842  -1.828  8.920   1.00 42.82 ? 117 GLN A CD  1 
ATOM   780  O  OE1 . GLN A 1 137 ? 14.180  -2.386  8.038   1.00 44.45 ? 117 GLN A OE1 1 
ATOM   781  N  NE2 . GLN A 1 137 ? 16.050  -1.315  8.700   1.00 44.10 ? 117 GLN A NE2 1 
ATOM   782  N  N   . TYR A 1 138 ? 12.354  1.320   11.492  1.00 26.43 ? 118 TYR A N   1 
ATOM   783  C  CA  . TYR A 1 138 ? 12.900  2.618   11.868  1.00 25.72 ? 118 TYR A CA  1 
ATOM   784  C  C   . TYR A 1 138 ? 12.757  2.850   13.367  1.00 26.38 ? 118 TYR A C   1 
ATOM   785  O  O   . TYR A 1 138 ? 13.698  3.296   14.033  1.00 28.68 ? 118 TYR A O   1 
ATOM   786  C  CB  . TYR A 1 138 ? 12.207  3.729   11.076  1.00 24.62 ? 118 TYR A CB  1 
ATOM   787  C  CG  . TYR A 1 138 ? 12.536  5.119   11.567  1.00 26.45 ? 118 TYR A CG  1 
ATOM   788  C  CD1 . TYR A 1 138 ? 13.741  5.718   11.231  1.00 26.84 ? 118 TYR A CD1 1 
ATOM   789  C  CD2 . TYR A 1 138 ? 11.648  5.829   12.374  1.00 25.81 ? 118 TYR A CD2 1 
ATOM   790  C  CE1 . TYR A 1 138 ? 14.056  6.981   11.670  1.00 31.27 ? 118 TYR A CE1 1 
ATOM   791  C  CE2 . TYR A 1 138 ? 11.949  7.110   12.819  1.00 27.51 ? 118 TYR A CE2 1 
ATOM   792  C  CZ  . TYR A 1 138 ? 13.164  7.672   12.460  1.00 29.34 ? 118 TYR A CZ  1 
ATOM   793  O  OH  . TYR A 1 138 ? 13.529  8.926   12.884  1.00 30.22 ? 118 TYR A OH  1 
ATOM   794  N  N   . ARG A 1 139 ? 11.573  2.563   13.906  1.00 27.59 ? 119 ARG A N   1 
ATOM   795  C  CA  . ARG A 1 139 ? 11.313  2.754   15.330  1.00 28.92 ? 119 ARG A CA  1 
ATOM   796  C  C   . ARG A 1 139 ? 12.345  2.011   16.167  1.00 28.58 ? 119 ARG A C   1 
ATOM   797  O  O   . ARG A 1 139 ? 12.924  2.563   17.110  1.00 28.68 ? 119 ARG A O   1 
ATOM   798  C  CB  . ARG A 1 139 ? 9.891   2.261   15.624  1.00 30.00 ? 119 ARG A CB  1 
ATOM   799  C  CG  . ARG A 1 139 ? 9.300   2.585   16.957  1.00 40.82 ? 119 ARG A CG  1 
ATOM   800  C  CD  . ARG A 1 139 ? 7.757   2.446   16.926  1.00 37.23 ? 119 ARG A CD  1 
ATOM   801  N  NE  . ARG A 1 139 ? 7.264   1.065   16.855  1.00 43.46 ? 119 ARG A NE  1 
ATOM   802  C  CZ  . ARG A 1 139 ? 6.375   0.612   15.961  1.00 43.08 ? 119 ARG A CZ  1 
ATOM   803  N  NH1 . ARG A 1 139 ? 5.872   1.411   15.020  1.00 33.56 ? 119 ARG A NH1 1 
ATOM   804  N  NH2 . ARG A 1 139 ? 5.983   -0.653  16.001  1.00 49.16 ? 119 ARG A NH2 1 
ATOM   805  N  N   . GLY A 1 140 ? 12.603  0.754   15.813  1.00 30.56 ? 120 GLY A N   1 
ATOM   806  C  CA  . GLY A 1 140 ? 13.544  -0.040  16.582  1.00 28.08 ? 120 GLY A CA  1 
ATOM   807  C  C   . GLY A 1 140 ? 14.968  0.461   16.465  1.00 31.27 ? 120 GLY A C   1 
ATOM   808  O  O   . GLY A 1 140 ? 15.726  0.427   17.437  1.00 29.71 ? 120 GLY A O   1 
ATOM   809  N  N   . GLU A 1 141 ? 15.364  0.911   15.271  1.00 26.93 ? 121 GLU A N   1 
ATOM   810  C  CA  . GLU A 1 141 ? 16.728  1.390   15.108  1.00 28.02 ? 121 GLU A CA  1 
ATOM   811  C  C   . GLU A 1 141 ? 16.957  2.693   15.870  1.00 28.90 ? 121 GLU A C   1 
ATOM   812  O  O   . GLU A 1 141 ? 18.062  2.928   16.376  1.00 30.89 ? 121 GLU A O   1 
ATOM   813  C  CB  . GLU A 1 141 ? 17.046  1.572   13.628  1.00 31.62 ? 121 GLU A CB  1 
ATOM   814  C  CG  . GLU A 1 141 ? 17.139  0.275   12.831  1.00 36.89 ? 121 GLU A CG  1 
ATOM   815  C  CD  . GLU A 1 141 ? 17.879  0.494   11.521  1.00 52.78 ? 121 GLU A CD  1 
ATOM   816  O  OE1 . GLU A 1 141 ? 17.210  0.685   10.476  1.00 43.96 ? 121 GLU A OE1 1 
ATOM   817  O  OE2 . GLU A 1 141 ? 19.138  0.522   11.547  1.00 57.84 ? 121 GLU A OE2 1 
ATOM   818  N  N   . VAL A 1 142 ? 15.933  3.546   15.968  1.00 26.63 ? 122 VAL A N   1 
ATOM   819  C  CA  . VAL A 1 142 ? 16.052  4.763   16.777  1.00 27.25 ? 122 VAL A CA  1 
ATOM   820  C  C   . VAL A 1 142 ? 16.243  4.413   18.252  1.00 27.08 ? 122 VAL A C   1 
ATOM   821  O  O   . VAL A 1 142 ? 17.147  4.936   18.919  1.00 27.66 ? 122 VAL A O   1 
ATOM   822  C  CB  . VAL A 1 142 ? 14.835  5.685   16.559  1.00 28.66 ? 122 VAL A CB  1 
ATOM   823  C  CG1 . VAL A 1 142 ? 14.808  6.809   17.629  1.00 27.10 ? 122 VAL A CG1 1 
ATOM   824  C  CG2 . VAL A 1 142 ? 14.893  6.291   15.172  1.00 29.78 ? 122 VAL A CG2 1 
ATOM   825  N  N   . GLN A 1 143 ? 15.404  3.520   18.786  1.00 29.11 ? 123 GLN A N   1 
ATOM   826  C  CA  . GLN A 1 143 ? 15.553  3.102   20.181  1.00 31.43 ? 123 GLN A CA  1 
ATOM   827  C  C   . GLN A 1 143 ? 16.955  2.579   20.464  1.00 33.07 ? 123 GLN A C   1 
ATOM   828  O  O   . GLN A 1 143 ? 17.550  2.897   21.498  1.00 29.85 ? 123 GLN A O   1 
ATOM   829  C  CB  . GLN A 1 143 ? 14.517  2.031   20.534  1.00 28.83 ? 123 GLN A CB  1 
ATOM   830  C  CG  . GLN A 1 143 ? 13.100  2.556   20.747  1.00 33.07 ? 123 GLN A CG  1 
ATOM   831  C  CD  . GLN A 1 143 ? 12.986  3.543   21.928  1.00 33.31 ? 123 GLN A CD  1 
ATOM   832  O  OE1 . GLN A 1 143 ? 13.731  3.458   22.907  1.00 34.64 ? 123 GLN A OE1 1 
ATOM   833  N  NE2 . GLN A 1 143 ? 12.030  4.461   21.841  1.00 28.05 ? 123 GLN A NE2 1 
ATOM   834  N  N   . ALA A 1 144 ? 17.519  1.807   19.537  1.00 29.57 ? 124 ALA A N   1 
ATOM   835  C  CA  . ALA A 1 144 ? 18.837  1.234   19.767  1.00 29.72 ? 124 ALA A CA  1 
ATOM   836  C  C   . ALA A 1 144 ? 19.939  2.293   19.769  1.00 35.06 ? 124 ALA A C   1 
ATOM   837  O  O   . ALA A 1 144 ? 21.030  2.026   20.288  1.00 35.88 ? 124 ALA A O   1 
ATOM   838  C  CB  . ALA A 1 144 ? 19.122  0.160   18.717  1.00 35.59 ? 124 ALA A CB  1 
ATOM   839  N  N   . MET A 1 145 ? 19.681  3.487   19.217  1.00 32.33 ? 125 MET A N   1 
ATOM   840  C  CA  . MET A 1 145 ? 20.655  4.581   19.261  1.00 31.58 ? 125 MET A CA  1 
ATOM   841  C  C   . MET A 1 145 ? 20.756  5.253   20.632  1.00 29.42 ? 125 MET A C   1 
ATOM   842  O  O   . MET A 1 145 ? 21.673  6.057   20.840  1.00 32.09 ? 125 MET A O   1 
ATOM   843  C  CB  . MET A 1 145 ? 20.300  5.653   18.225  1.00 32.30 ? 125 MET A CB  1 
ATOM   844  C  CG  . MET A 1 145 ? 20.333  5.206   16.771  1.00 38.91 ? 125 MET A CG  1 
ATOM   845  S  SD  . MET A 1 145 ? 22.009  4.939   16.202  1.00 51.71 ? 125 MET A SD  1 
ATOM   846  C  CE  . MET A 1 145 ? 22.668  6.606   16.219  1.00 46.22 ? 125 MET A CE  1 
ATOM   847  N  N   . LEU A 1 146 ? 19.831  4.980   21.555  1.00 29.16 ? 126 LEU A N   1 
ATOM   848  C  CA  . LEU A 1 146 ? 19.958  5.450   22.942  1.00 31.07 ? 126 LEU A CA  1 
ATOM   849  C  C   . LEU A 1 146 ? 20.153  6.965   23.017  1.00 29.32 ? 126 LEU A C   1 
ATOM   850  O  O   . LEU A 1 146 ? 20.963  7.473   23.800  1.00 30.60 ? 126 LEU A O   1 
ATOM   851  C  CB  . LEU A 1 146 ? 21.103  4.737   23.661  1.00 33.20 ? 126 LEU A CB  1 
ATOM   852  C  CG  . LEU A 1 146 ? 20.968  3.223   23.697  1.00 32.45 ? 126 LEU A CG  1 
ATOM   853  C  CD1 . LEU A 1 146 ? 22.156  2.629   24.421  1.00 41.47 ? 126 LEU A CD1 1 
ATOM   854  C  CD2 . LEU A 1 146 ? 19.661  2.838   24.360  1.00 32.34 ? 126 LEU A CD2 1 
ATOM   855  N  N   . GLY A 1 147 ? 19.422  7.697   22.184  1.00 29.35 ? 127 GLY A N   1 
ATOM   856  C  CA  . GLY A 1 147 ? 19.391  9.141   22.286  1.00 29.09 ? 127 GLY A CA  1 
ATOM   857  C  C   . GLY A 1 147 ? 20.273  9.873   21.298  1.00 29.72 ? 127 GLY A C   1 
ATOM   858  O  O   . GLY A 1 147 ? 20.175  11.102  21.209  1.00 25.82 ? 127 GLY A O   1 
ATOM   859  N  N   . GLN A 1 148 ? 21.105  9.164   20.537  1.00 28.56 ? 128 GLN A N   1 
ATOM   860  C  CA  . GLN A 1 148 ? 21.968  9.819   19.561  1.00 29.22 ? 128 GLN A CA  1 
ATOM   861  C  C   . GLN A 1 148 ? 21.155  10.385  18.395  1.00 28.02 ? 128 GLN A C   1 
ATOM   862  O  O   . GLN A 1 148 ? 19.983  10.045  18.185  1.00 27.20 ? 128 GLN A O   1 
ATOM   863  C  CB  . GLN A 1 148 ? 23.012  8.845   19.004  1.00 30.48 ? 128 GLN A CB  1 
ATOM   864  C  CG  . GLN A 1 148 ? 23.897  8.193   20.033  1.00 34.01 ? 128 GLN A CG  1 
ATOM   865  C  CD  . GLN A 1 148 ? 24.790  7.136   19.408  1.00 39.71 ? 128 GLN A CD  1 
ATOM   866  O  OE1 . GLN A 1 148 ? 25.779  7.459   18.740  1.00 41.18 ? 128 GLN A OE1 1 
ATOM   867  N  NE2 . GLN A 1 148 ? 24.427  5.869   19.587  1.00 36.11 ? 128 GLN A NE2 1 
ATOM   868  N  N   . SER A 1 149 ? 21.814  11.245  17.613  1.00 27.02 ? 129 SER A N   1 
ATOM   869  C  CA  . SER A 1 149 ? 21.172  11.891  16.468  1.00 29.59 ? 129 SER A CA  1 
ATOM   870  C  C   . SER A 1 149 ? 20.590  10.863  15.504  1.00 32.73 ? 129 SER A C   1 
ATOM   871  O  O   . SER A 1 149 ? 21.247  9.879   15.154  1.00 28.17 ? 129 SER A O   1 
ATOM   872  C  CB  . SER A 1 149 ? 22.186  12.772  15.730  1.00 30.51 ? 129 SER A CB  1 
ATOM   873  O  OG  . SER A 1 149 ? 21.688  13.187  14.462  1.00 34.33 ? 129 SER A OG  1 
ATOM   874  N  N   . THR A 1 150 ? 19.356  11.103  15.060  1.00 34.28 ? 130 THR A N   1 
ATOM   875  C  CA  . THR A 1 150 ? 18.712  10.225  14.097  1.00 31.30 ? 130 THR A CA  1 
ATOM   876  C  C   . THR A 1 150 ? 18.737  10.804  12.688  1.00 31.13 ? 130 THR A C   1 
ATOM   877  O  O   . THR A 1 150 ? 18.041  10.295  11.803  1.00 31.18 ? 130 THR A O   1 
ATOM   878  C  CB  . THR A 1 150 ? 17.264  9.920   14.513  1.00 29.57 ? 130 THR A CB  1 
ATOM   879  O  OG1 . THR A 1 150 ? 16.504  11.138  14.561  1.00 35.15 ? 130 THR A OG1 1 
ATOM   880  C  CG2 . THR A 1 150 ? 17.232  9.226   15.870  1.00 32.49 ? 130 THR A CG2 1 
ATOM   881  N  N   . GLU A 1 151 ? 19.532  11.851  12.457  1.00 28.26 ? 131 GLU A N   1 
ATOM   882  C  CA  . GLU A 1 151 ? 19.530  12.511  11.155  1.00 32.83 ? 131 GLU A CA  1 
ATOM   883  C  C   . GLU A 1 151 ? 19.878  11.537  10.025  1.00 30.57 ? 131 GLU A C   1 
ATOM   884  O  O   . GLU A 1 151 ? 19.181  11.475  9.007   1.00 29.91 ? 131 GLU A O   1 
ATOM   885  C  CB  . GLU A 1 151 ? 20.501  13.697  11.177  1.00 34.21 ? 131 GLU A CB  1 
ATOM   886  C  CG  . GLU A 1 151 ? 20.360  14.620  9.985   1.00 48.59 ? 131 GLU A CG  1 
ATOM   887  C  CD  . GLU A 1 151 ? 18.988  15.276  9.915   1.00 63.23 ? 131 GLU A CD  1 
ATOM   888  O  OE1 . GLU A 1 151 ? 18.643  16.065  10.830  1.00 64.76 ? 131 GLU A OE1 1 
ATOM   889  O  OE2 . GLU A 1 151 ? 18.248  14.992  8.942   1.00 71.58 ? 131 GLU A OE2 1 
ATOM   890  N  N   . GLU A 1 152 ? 20.933  10.748  10.193  1.00 30.42 ? 132 GLU A N   1 
ATOM   891  C  CA  . GLU A 1 152 ? 21.304  9.856   9.099   1.00 30.88 ? 132 GLU A CA  1 
ATOM   892  C  C   . GLU A 1 152 ? 20.361  8.659   8.980   1.00 29.44 ? 132 GLU A C   1 
ATOM   893  O  O   . GLU A 1 152 ? 20.157  8.149   7.872   1.00 31.67 ? 132 GLU A O   1 
ATOM   894  C  CB  . GLU A 1 152 ? 22.756  9.404   9.271   1.00 36.34 ? 132 GLU A CB  1 
ATOM   895  C  CG  . GLU A 1 152 ? 23.308  8.550   8.124   1.00 54.94 ? 132 GLU A CG  1 
ATOM   896  C  CD  . GLU A 1 152 ? 23.237  9.234   6.742   1.00 64.61 ? 132 GLU A CD  1 
ATOM   897  O  OE1 . GLU A 1 152 ? 23.447  10.474  6.639   1.00 56.30 ? 132 GLU A OE1 1 
ATOM   898  O  OE2 . GLU A 1 152 ? 22.971  8.512   5.745   1.00 62.08 ? 132 GLU A OE2 1 
ATOM   899  N  N   . LEU A 1 153 ? 19.755  8.202   10.078  1.00 27.35 ? 133 LEU A N   1 
ATOM   900  C  CA  . LEU A 1 153 ? 18.688  7.216   9.947   1.00 27.91 ? 133 LEU A CA  1 
ATOM   901  C  C   . LEU A 1 153 ? 17.555  7.757   9.090   1.00 29.37 ? 133 LEU A C   1 
ATOM   902  O  O   . LEU A 1 153 ? 16.986  7.038   8.260   1.00 25.57 ? 133 LEU A O   1 
ATOM   903  C  CB  . LEU A 1 153 ? 18.147  6.816   11.323  1.00 27.64 ? 133 LEU A CB  1 
ATOM   904  C  CG  . LEU A 1 153 ? 18.925  5.792   12.152  1.00 37.48 ? 133 LEU A CG  1 
ATOM   905  C  CD1 . LEU A 1 153 ? 18.149  5.482   13.430  1.00 37.12 ? 133 LEU A CD1 1 
ATOM   906  C  CD2 . LEU A 1 153 ? 19.163  4.520   11.359  1.00 40.63 ? 133 LEU A CD2 1 
ATOM   907  N  N   . ARG A 1 154 ? 17.193  9.018   9.296   1.00 24.13 ? 134 ARG A N   1 
ATOM   908  C  CA  . ARG A 1 154 ? 16.062  9.584   8.568   1.00 22.90 ? 134 ARG A CA  1 
ATOM   909  C  C   . ARG A 1 154 ? 16.389  9.810   7.098   1.00 26.88 ? 134 ARG A C   1 
ATOM   910  O  O   . ARG A 1 154 ? 15.517  9.658   6.242   1.00 24.30 ? 134 ARG A O   1 
ATOM   911  C  CB  . ARG A 1 154 ? 15.616  10.888  9.242   1.00 24.95 ? 134 ARG A CB  1 
ATOM   912  C  CG  . ARG A 1 154 ? 14.858  10.651  10.546  1.00 26.99 ? 134 ARG A CG  1 
ATOM   913  C  CD  . ARG A 1 154 ? 14.382  11.951  11.191  1.00 37.87 ? 134 ARG A CD  1 
ATOM   914  N  NE  . ARG A 1 154 ? 15.342  12.475  12.161  1.00 38.72 ? 134 ARG A NE  1 
ATOM   915  C  CZ  . ARG A 1 154 ? 15.918  13.669  12.078  1.00 39.67 ? 134 ARG A CZ  1 
ATOM   916  N  NH1 . ARG A 1 154 ? 15.627  14.476  11.066  1.00 44.09 ? 134 ARG A NH1 1 
ATOM   917  N  NH2 . ARG A 1 154 ? 16.781  14.057  13.014  1.00 36.51 ? 134 ARG A NH2 1 
ATOM   918  N  N   . VAL A 1 155 ? 17.625  10.207  6.784   1.00 25.54 ? 135 VAL A N   1 
ATOM   919  C  CA  . VAL A 1 155 ? 18.026  10.328  5.384   1.00 29.59 ? 135 VAL A CA  1 
ATOM   920  C  C   . VAL A 1 155 ? 17.860  8.991   4.668   1.00 28.82 ? 135 VAL A C   1 
ATOM   921  O  O   . VAL A 1 155 ? 17.346  8.922   3.544   1.00 30.07 ? 135 VAL A O   1 
ATOM   922  C  CB  . VAL A 1 155 ? 19.477  10.837  5.279   1.00 27.69 ? 135 VAL A CB  1 
ATOM   923  C  CG1 . VAL A 1 155 ? 19.995  10.646  3.861   1.00 35.88 ? 135 VAL A CG1 1 
ATOM   924  C  CG2 . VAL A 1 155 ? 19.559  12.312  5.681   1.00 33.30 ? 135 VAL A CG2 1 
ATOM   925  N  N   . ARG A 1 156 ? 18.329  7.916   5.290   1.00 26.44 ? 136 ARG A N   1 
ATOM   926  C  CA  . ARG A 1 156 ? 18.242  6.610   4.655   1.00 25.99 ? 136 ARG A CA  1 
ATOM   927  C  C   . ARG A 1 156 ? 16.800  6.128   4.588   1.00 30.69 ? 136 ARG A C   1 
ATOM   928  O  O   . ARG A 1 156 ? 16.395  5.502   3.605   1.00 27.22 ? 136 ARG A O   1 
ATOM   929  C  CB  . ARG A 1 156 ? 19.116  5.617   5.400   1.00 32.70 ? 136 ARG A CB  1 
ATOM   930  C  CG  . ARG A 1 156 ? 20.591  5.852   5.082   1.00 44.59 ? 136 ARG A CG  1 
ATOM   931  C  CD  . ARG A 1 156 ? 21.415  4.567   5.085   1.00 70.61 ? 136 ARG A CD  1 
ATOM   932  N  NE  . ARG A 1 156 ? 22.813  4.824   5.453   1.00 74.40 ? 136 ARG A NE  1 
ATOM   933  C  CZ  . ARG A 1 156 ? 23.220  5.263   6.643   1.00 73.94 ? 136 ARG A CZ  1 
ATOM   934  N  NH1 . ARG A 1 156 ? 22.351  5.459   7.634   1.00 62.45 ? 136 ARG A NH1 1 
ATOM   935  N  NH2 . ARG A 1 156 ? 24.520  5.475   6.851   1.00 75.54 ? 136 ARG A NH2 1 
ATOM   936  N  N   . LEU A 1 157 ? 16.006  6.414   5.620   1.00 26.18 ? 137 LEU A N   1 
ATOM   937  C  CA  . LEU A 1 157 ? 14.595  6.040   5.573   1.00 25.59 ? 137 LEU A CA  1 
ATOM   938  C  C   . LEU A 1 157 ? 13.874  6.765   4.443   1.00 23.15 ? 137 LEU A C   1 
ATOM   939  O  O   . LEU A 1 157 ? 13.086  6.161   3.710   1.00 28.11 ? 137 LEU A O   1 
ATOM   940  C  CB  . LEU A 1 157 ? 13.926  6.334   6.915   1.00 25.57 ? 137 LEU A CB  1 
ATOM   941  C  CG  . LEU A 1 157 ? 12.410  6.092   6.941   1.00 24.72 ? 137 LEU A CG  1 
ATOM   942  C  CD1 . LEU A 1 157 ? 12.094  4.591   6.726   1.00 27.34 ? 137 LEU A CD1 1 
ATOM   943  C  CD2 . LEU A 1 157 ? 11.767  6.625   8.229   1.00 25.84 ? 137 LEU A CD2 1 
ATOM   944  N  N   . ALA A 1 158 ? 14.109  8.076   4.303   1.00 25.76 ? 138 ALA A N   1 
ATOM   945  C  CA  . ALA A 1 158 ? 13.468  8.824   3.223   1.00 28.82 ? 138 ALA A CA  1 
ATOM   946  C  C   . ALA A 1 158 ? 13.783  8.214   1.869   1.00 26.91 ? 138 ALA A C   1 
ATOM   947  O  O   . ALA A 1 158 ? 12.903  8.095   1.015   1.00 27.60 ? 138 ALA A O   1 
ATOM   948  C  CB  . ALA A 1 158 ? 13.930  10.278  3.244   1.00 31.31 ? 138 ALA A CB  1 
ATOM   949  N  N   . SER A 1 159 ? 15.045  7.842   1.656   1.00 26.61 ? 139 SER A N   1 
ATOM   950  C  CA  . SER A 1 159 ? 15.473  7.278   0.381   1.00 30.18 ? 139 SER A CA  1 
ATOM   951  C  C   . SER A 1 159 ? 14.774  5.954   0.104   1.00 30.07 ? 139 SER A C   1 
ATOM   952  O  O   . SER A 1 159 ? 14.339  5.686   -1.026  1.00 29.23 ? 139 SER A O   1 
ATOM   953  C  CB  . SER A 1 159 ? 16.997  7.092   0.411   1.00 33.84 ? 139 SER A CB  1 
ATOM   954  O  OG  . SER A 1 159 ? 17.464  6.398   -0.725  1.00 47.46 ? 139 SER A OG  1 
ATOM   955  N  N   . HIS A 1 160 ? 14.677  5.105   1.125   1.00 25.87 ? 140 HIS A N   1 
ATOM   956  C  CA  . HIS A 1 160 ? 14.091  3.783   0.957   1.00 28.74 ? 140 HIS A CA  1 
ATOM   957  C  C   . HIS A 1 160 ? 12.584  3.883   0.794   1.00 28.86 ? 140 HIS A C   1 
ATOM   958  O  O   . HIS A 1 160 ? 11.990  3.164   -0.017  1.00 25.14 ? 140 HIS A O   1 
ATOM   959  C  CB  . HIS A 1 160 ? 14.466  2.918   2.162   1.00 27.23 ? 140 HIS A CB  1 
ATOM   960  C  CG  . HIS A 1 160 ? 14.221  1.453   1.976   1.00 29.95 ? 140 HIS A CG  1 
ATOM   961  N  ND1 . HIS A 1 160 ? 14.581  0.523   2.926   1.00 35.02 ? 140 HIS A ND1 1 
ATOM   962  C  CD2 . HIS A 1 160 ? 13.660  0.754   0.959   1.00 33.56 ? 140 HIS A CD2 1 
ATOM   963  C  CE1 . HIS A 1 160 ? 14.249  -0.688  2.505   1.00 40.14 ? 140 HIS A CE1 1 
ATOM   964  N  NE2 . HIS A 1 160 ? 13.680  -0.574  1.318   1.00 31.37 ? 140 HIS A NE2 1 
ATOM   965  N  N   . LEU A 1 161 ? 11.954  4.783   1.556   1.00 26.34 ? 141 LEU A N   1 
ATOM   966  C  CA  . LEU A 1 161 ? 10.521  5.005   1.431   1.00 24.81 ? 141 LEU A CA  1 
ATOM   967  C  C   . LEU A 1 161 ? 10.152  5.427   0.019   1.00 26.97 ? 141 LEU A C   1 
ATOM   968  O  O   . LEU A 1 161 ? 9.122   4.993   -0.510  1.00 27.85 ? 141 LEU A O   1 
ATOM   969  C  CB  . LEU A 1 161 ? 10.090  6.071   2.435   1.00 27.30 ? 141 LEU A CB  1 
ATOM   970  C  CG  . LEU A 1 161 ? 8.785   5.987   3.205   1.00 43.90 ? 141 LEU A CG  1 
ATOM   971  C  CD1 . LEU A 1 161 ? 8.439   4.563   3.636   1.00 31.48 ? 141 LEU A CD1 1 
ATOM   972  C  CD2 . LEU A 1 161 ? 8.936   6.918   4.405   1.00 32.83 ? 141 LEU A CD2 1 
ATOM   973  N  N   . ARG A 1 162 ? 10.969  6.280   -0.604  1.00 26.77 ? 142 ARG A N   1 
ATOM   974  C  CA  A ARG A 1 162 ? 10.711  6.682   -1.983  0.55 26.95 ? 142 ARG A CA  1 
ATOM   975  C  CA  B ARG A 1 162 ? 10.715  6.681   -1.985  0.45 26.78 ? 142 ARG A CA  1 
ATOM   976  C  C   . ARG A 1 162 ? 10.642  5.472   -2.908  1.00 28.32 ? 142 ARG A C   1 
ATOM   977  O  O   . ARG A 1 162 ? 9.743   5.375   -3.753  1.00 27.84 ? 142 ARG A O   1 
ATOM   978  C  CB  A ARG A 1 162 ? 11.789  7.656   -2.457  0.55 28.21 ? 142 ARG A CB  1 
ATOM   979  C  CB  B ARG A 1 162 ? 11.801  7.645   -2.466  0.45 28.48 ? 142 ARG A CB  1 
ATOM   980  C  CG  A ARG A 1 162 ? 11.319  9.097   -2.587  0.55 36.28 ? 142 ARG A CG  1 
ATOM   981  C  CG  B ARG A 1 162 ? 11.284  9.032   -2.779  0.45 36.23 ? 142 ARG A CG  1 
ATOM   982  C  CD  A ARG A 1 162 ? 12.452  10.030  -3.053  0.55 36.56 ? 142 ARG A CD  1 
ATOM   983  C  CD  B ARG A 1 162 ? 12.394  10.091  -2.844  0.45 36.72 ? 142 ARG A CD  1 
ATOM   984  N  NE  A ARG A 1 162 ? 13.226  10.553  -1.929  0.55 41.40 ? 142 ARG A NE  1 
ATOM   985  N  NE  B ARG A 1 162 ? 11.996  11.303  -2.124  0.45 37.19 ? 142 ARG A NE  1 
ATOM   986  C  CZ  A ARG A 1 162 ? 14.529  10.355  -1.756  0.55 36.84 ? 142 ARG A CZ  1 
ATOM   987  C  CZ  B ARG A 1 162 ? 10.999  12.105  -2.489  0.45 41.14 ? 142 ARG A CZ  1 
ATOM   988  N  NH1 A ARG A 1 162 ? 15.144  10.868  -0.697  0.55 32.27 ? 142 ARG A NH1 1 
ATOM   989  N  NH1 B ARG A 1 162 ? 10.711  13.169  -1.755  0.45 42.67 ? 142 ARG A NH1 1 
ATOM   990  N  NH2 A ARG A 1 162 ? 15.216  9.650   -2.644  0.55 34.50 ? 142 ARG A NH2 1 
ATOM   991  N  NH2 B ARG A 1 162 ? 10.302  11.866  -3.594  0.45 38.59 ? 142 ARG A NH2 1 
ATOM   992  N  N   . LYS A 1 163 ? 11.589  4.538   -2.769  1.00 24.36 ? 143 LYS A N   1 
ATOM   993  C  CA  . LYS A 1 163 ? 11.596  3.347   -3.624  1.00 25.59 ? 143 LYS A CA  1 
ATOM   994  C  C   . LYS A 1 163 ? 10.403  2.442   -3.349  1.00 25.82 ? 143 LYS A C   1 
ATOM   995  O  O   . LYS A 1 163 ? 9.806   1.890   -4.282  1.00 28.35 ? 143 LYS A O   1 
ATOM   996  C  CB  . LYS A 1 163 ? 12.896  2.578   -3.425  1.00 32.01 ? 143 LYS A CB  1 
ATOM   997  C  CG  . LYS A 1 163 ? 14.075  3.287   -4.067  1.00 32.26 ? 143 LYS A CG  1 
ATOM   998  C  CD  . LYS A 1 163 ? 15.375  2.562   -3.851  1.00 31.80 ? 143 LYS A CD  1 
ATOM   999  C  CE  . LYS A 1 163 ? 16.490  3.318   -4.588  1.00 34.04 ? 143 LYS A CE  1 
ATOM   1000 N  NZ  . LYS A 1 163 ? 17.837  2.750   -4.333  1.00 36.64 ? 143 LYS A NZ  1 
ATOM   1001 N  N   . LEU A 1 164 ? 10.049  2.259   -2.074  1.00 24.86 ? 144 LEU A N   1 
ATOM   1002 C  CA  . LEU A 1 164 ? 8.882   1.445   -1.754  1.00 26.80 ? 144 LEU A CA  1 
ATOM   1003 C  C   . LEU A 1 164 ? 7.620   2.073   -2.323  1.00 28.79 ? 144 LEU A C   1 
ATOM   1004 O  O   . LEU A 1 164 ? 6.708   1.372   -2.770  1.00 25.23 ? 144 LEU A O   1 
ATOM   1005 C  CB  . LEU A 1 164 ? 8.766   1.271   -0.235  1.00 23.79 ? 144 LEU A CB  1 
ATOM   1006 C  CG  . LEU A 1 164 ? 9.904   0.475   0.416   1.00 25.51 ? 144 LEU A CG  1 
ATOM   1007 C  CD1 . LEU A 1 164 ? 9.797   0.543   1.942   1.00 26.82 ? 144 LEU A CD1 1 
ATOM   1008 C  CD2 . LEU A 1 164 ? 9.923   -0.986  -0.048  1.00 32.74 ? 144 LEU A CD2 1 
ATOM   1009 N  N   . ARG A 1 165 ? 7.558   3.399   -2.325  1.00 24.91 ? 145 ARG A N   1 
ATOM   1010 C  CA  . ARG A 1 165 ? 6.373   4.083   -2.831  1.00 23.08 ? 145 ARG A CA  1 
ATOM   1011 C  C   . ARG A 1 165 ? 6.297   4.023   -4.353  1.00 28.73 ? 145 ARG A C   1 
ATOM   1012 O  O   . ARG A 1 165 ? 5.203   3.927   -4.922  1.00 28.60 ? 145 ARG A O   1 
ATOM   1013 C  CB  . ARG A 1 165 ? 6.370   5.523   -2.310  1.00 22.12 ? 145 ARG A CB  1 
ATOM   1014 C  CG  . ARG A 1 165 ? 6.039   5.568   -0.806  1.00 26.04 ? 145 ARG A CG  1 
ATOM   1015 C  CD  . ARG A 1 165 ? 6.248   6.951   -0.163  1.00 29.28 ? 145 ARG A CD  1 
ATOM   1016 N  NE  . ARG A 1 165 ? 5.317   7.922   -0.727  1.00 26.36 ? 145 ARG A NE  1 
ATOM   1017 C  CZ  . ARG A 1 165 ? 5.680   9.013   -1.389  1.00 30.39 ? 145 ARG A CZ  1 
ATOM   1018 N  NH1 . ARG A 1 165 ? 6.968   9.302   -1.550  1.00 26.75 ? 145 ARG A NH1 1 
ATOM   1019 N  NH2 . ARG A 1 165 ? 4.741   9.820   -1.880  1.00 29.72 ? 145 ARG A NH2 1 
ATOM   1020 N  N   . LYS A 1 166 ? 7.444   4.093   -5.032  1.00 28.05 ? 146 LYS A N   1 
ATOM   1021 C  CA  . LYS A 1 166 ? 7.448   3.898   -6.479  1.00 26.84 ? 146 LYS A CA  1 
ATOM   1022 C  C   . LYS A 1 166 ? 6.914   2.524   -6.841  1.00 29.66 ? 146 LYS A C   1 
ATOM   1023 O  O   . LYS A 1 166 ? 6.163   2.377   -7.810  1.00 28.88 ? 146 LYS A O   1 
ATOM   1024 C  CB  . LYS A 1 166 ? 8.859   4.056   -7.029  1.00 29.63 ? 146 LYS A CB  1 
ATOM   1025 C  CG  . LYS A 1 166 ? 9.384   5.476   -6.941  1.00 42.89 ? 146 LYS A CG  1 
ATOM   1026 C  CD  . LYS A 1 166 ? 10.423  5.750   -8.018  1.00 45.29 ? 146 LYS A CD  1 
ATOM   1027 C  CE  . LYS A 1 166 ? 10.990  7.156   -7.842  1.00 54.56 ? 146 LYS A CE  1 
ATOM   1028 N  NZ  . LYS A 1 166 ? 10.039  8.191   -8.329  1.00 58.31 ? 146 LYS A NZ  1 
ATOM   1029 N  N   . ARG A 1 167 ? 7.302   1.501   -6.073  1.00 27.88 ? 147 ARG A N   1 
ATOM   1030 C  CA  . ARG A 1 167 ? 6.827   0.143   -6.331  1.00 27.34 ? 147 ARG A CA  1 
ATOM   1031 C  C   . ARG A 1 167 ? 5.326   0.030   -6.099  1.00 31.03 ? 147 ARG A C   1 
ATOM   1032 O  O   . ARG A 1 167 ? 4.604   -0.559  -6.918  1.00 27.94 ? 147 ARG A O   1 
ATOM   1033 C  CB  . ARG A 1 167 ? 7.588   -0.849  -5.445  1.00 27.87 ? 147 ARG A CB  1 
ATOM   1034 C  CG  . ARG A 1 167 ? 6.935   -2.213  -5.347  1.00 31.99 ? 147 ARG A CG  1 
ATOM   1035 C  CD  . ARG A 1 167 ? 7.946   -3.326  -5.183  1.00 34.70 ? 147 ARG A CD  1 
ATOM   1036 N  NE  . ARG A 1 167 ? 8.753   -3.250  -3.970  1.00 30.38 ? 147 ARG A NE  1 
ATOM   1037 C  CZ  . ARG A 1 167 ? 8.386   -3.719  -2.782  1.00 33.30 ? 147 ARG A CZ  1 
ATOM   1038 N  NH1 . ARG A 1 167 ? 7.194   -4.280  -2.615  1.00 33.92 ? 147 ARG A NH1 1 
ATOM   1039 N  NH2 . ARG A 1 167 ? 9.225   -3.645  -1.759  1.00 34.11 ? 147 ARG A NH2 1 
ATOM   1040 N  N   . LEU A 1 168 ? 4.835   0.604   -4.993  1.00 28.06 ? 148 LEU A N   1 
ATOM   1041 C  CA  . LEU A 1 168 ? 3.407   0.554   -4.701  1.00 26.03 ? 148 LEU A CA  1 
ATOM   1042 C  C   . LEU A 1 168 ? 2.610   1.264   -5.785  1.00 25.19 ? 148 LEU A C   1 
ATOM   1043 O  O   . LEU A 1 168 ? 1.557   0.777   -6.208  1.00 28.38 ? 148 LEU A O   1 
ATOM   1044 C  CB  . LEU A 1 168 ? 3.134   1.175   -3.324  1.00 27.76 ? 148 LEU A CB  1 
ATOM   1045 C  CG  . LEU A 1 168 ? 1.697   1.400   -2.838  1.00 30.91 ? 148 LEU A CG  1 
ATOM   1046 C  CD1 . LEU A 1 168 ? 0.983   0.099   -2.634  1.00 36.54 ? 148 LEU A CD1 1 
ATOM   1047 C  CD2 . LEU A 1 168 ? 1.720   2.161   -1.522  1.00 38.87 ? 148 LEU A CD2 1 
ATOM   1048 N  N   . LEU A 1 169 ? 3.109   2.405   -6.266  1.00 28.03 ? 149 LEU A N   1 
ATOM   1049 C  CA  . LEU A 1 169 ? 2.405   3.130   -7.320  1.00 27.74 ? 149 LEU A CA  1 
ATOM   1050 C  C   . LEU A 1 169 ? 2.325   2.310   -8.604  1.00 29.25 ? 149 LEU A C   1 
ATOM   1051 O  O   . LEU A 1 169 ? 1.266   2.234   -9.232  1.00 30.18 ? 149 LEU A O   1 
ATOM   1052 C  CB  . LEU A 1 169 ? 3.075   4.482   -7.583  1.00 27.75 ? 149 LEU A CB  1 
ATOM   1053 C  CG  . LEU A 1 169 ? 2.373   5.354   -8.637  1.00 38.23 ? 149 LEU A CG  1 
ATOM   1054 C  CD1 . LEU A 1 169 ? 0.906   5.554   -8.277  1.00 43.66 ? 149 LEU A CD1 1 
ATOM   1055 C  CD2 . LEU A 1 169 ? 3.048   6.688   -8.778  1.00 33.38 ? 149 LEU A CD2 1 
ATOM   1056 N  N   . ARG A 1 170 ? 3.435   1.705   -9.041  1.00 27.60 ? 150 ARG A N   1 
ATOM   1057 C  CA  A ARG A 1 170 ? 3.369   0.943   -10.288 0.52 31.29 ? 150 ARG A CA  1 
ATOM   1058 C  CA  B ARG A 1 170 ? 3.355   0.954   -10.291 0.48 31.12 ? 150 ARG A CA  1 
ATOM   1059 C  C   . ARG A 1 170 ? 2.482   -0.291  -10.137 1.00 29.43 ? 150 ARG A C   1 
ATOM   1060 O  O   . ARG A 1 170 ? 1.779   -0.671  -11.086 1.00 29.41 ? 150 ARG A O   1 
ATOM   1061 C  CB  A ARG A 1 170 ? 4.780   0.575   -10.777 0.52 33.04 ? 150 ARG A CB  1 
ATOM   1062 C  CB  B ARG A 1 170 ? 4.760   0.622   -10.814 0.48 33.33 ? 150 ARG A CB  1 
ATOM   1063 C  CG  A ARG A 1 170 ? 5.543   -0.459  -9.969  0.52 34.68 ? 150 ARG A CG  1 
ATOM   1064 C  CG  B ARG A 1 170 ? 5.478   -0.549  -10.189 0.48 34.58 ? 150 ARG A CG  1 
ATOM   1065 C  CD  A ARG A 1 170 ? 6.950   -0.745  -10.570 0.52 36.68 ? 150 ARG A CD  1 
ATOM   1066 C  CD  B ARG A 1 170 ? 6.947   -0.605  -10.680 0.48 36.56 ? 150 ARG A CD  1 
ATOM   1067 N  NE  A ARG A 1 170 ? 7.444   -2.081  -10.220 0.52 33.94 ? 150 ARG A NE  1 
ATOM   1068 N  NE  B ARG A 1 170 ? 7.888   -0.862  -9.588  0.48 30.94 ? 150 ARG A NE  1 
ATOM   1069 C  CZ  A ARG A 1 170 ? 8.387   -2.329  -9.313  0.52 32.35 ? 150 ARG A CZ  1 
ATOM   1070 C  CZ  B ARG A 1 170 ? 8.919   -0.082  -9.266  0.48 31.73 ? 150 ARG A CZ  1 
ATOM   1071 N  NH1 A ARG A 1 170 ? 8.967   -1.337  -8.642  0.52 34.30 ? 150 ARG A NH1 1 
ATOM   1072 N  NH1 B ARG A 1 170 ? 9.177   1.015   -9.963  0.48 33.59 ? 150 ARG A NH1 1 
ATOM   1073 N  NH2 A ARG A 1 170 ? 8.750   -3.576  -9.066  0.52 27.33 ? 150 ARG A NH2 1 
ATOM   1074 N  NH2 B ARG A 1 170 ? 9.710   -0.411  -8.252  0.48 23.77 ? 150 ARG A NH2 1 
ATOM   1075 N  N   . ASP A 1 171 ? 2.459   -0.907  -8.952  1.00 25.62 ? 151 ASP A N   1 
ATOM   1076 C  CA  . ASP A 1 171 ? 1.547   -2.027  -8.745  1.00 26.95 ? 151 ASP A CA  1 
ATOM   1077 C  C   . ASP A 1 171 ? 0.087   -1.574  -8.706  1.00 28.71 ? 151 ASP A C   1 
ATOM   1078 O  O   . ASP A 1 171 ? -0.806  -2.338  -9.091  1.00 27.01 ? 151 ASP A O   1 
ATOM   1079 C  CB  . ASP A 1 171 ? 1.890   -2.765  -7.452  1.00 27.60 ? 151 ASP A CB  1 
ATOM   1080 C  CG  . ASP A 1 171 ? 3.139   -3.626  -7.584  1.00 32.17 ? 151 ASP A CG  1 
ATOM   1081 O  OD1 . ASP A 1 171 ? 3.579   -3.910  -8.712  1.00 31.97 ? 151 ASP A OD1 1 
ATOM   1082 O  OD2 . ASP A 1 171 ? 3.699   -4.010  -6.551  1.00 30.92 ? 151 ASP A OD2 1 
ATOM   1083 N  N   . ALA A 1 172 ? -0.193  -0.377  -8.179  1.00 26.50 ? 152 ALA A N   1 
ATOM   1084 C  CA  . ALA A 1 172 ? -1.577  0.094   -8.173  1.00 30.46 ? 152 ALA A CA  1 
ATOM   1085 C  C   . ALA A 1 172 ? -2.043  0.417   -9.584  1.00 31.36 ? 152 ALA A C   1 
ATOM   1086 O  O   . ALA A 1 172 ? -3.190  0.133   -9.943  1.00 30.42 ? 152 ALA A O   1 
ATOM   1087 C  CB  . ALA A 1 172 ? -1.737  1.323   -7.267  1.00 28.16 ? 152 ALA A CB  1 
ATOM   1088 N  N   . ASP A 1 173 ? -1.171  1.008   -10.401 1.00 26.54 ? 153 ASP A N   1 
ATOM   1089 C  CA  . ASP A 1 173 ? -1.555  1.302   -11.779 1.00 31.24 ? 153 ASP A CA  1 
ATOM   1090 C  C   . ASP A 1 173 ? -1.798  0.020   -12.566 1.00 30.75 ? 153 ASP A C   1 
ATOM   1091 O  O   . ASP A 1 173 ? -2.743  -0.065  -13.356 1.00 31.26 ? 153 ASP A O   1 
ATOM   1092 C  CB  . ASP A 1 173 ? -0.484  2.160   -12.452 1.00 32.90 ? 153 ASP A CB  1 
ATOM   1093 C  CG  . ASP A 1 173 ? -0.447  3.592   -11.897 1.00 51.69 ? 153 ASP A CG  1 
ATOM   1094 O  OD1 . ASP A 1 173 ? -1.410  3.987   -11.199 1.00 50.95 ? 153 ASP A OD1 1 
ATOM   1095 O  OD2 . ASP A 1 173 ? 0.539   4.326   -12.156 1.00 53.26 ? 153 ASP A OD2 1 
ATOM   1096 N  N   . ASP A 1 174 ? -0.970  -1.000  -12.348 1.00 29.23 ? 154 ASP A N   1 
ATOM   1097 C  CA  . ASP A 1 174 ? -1.186  -2.276  -13.027 1.00 31.25 ? 154 ASP A CA  1 
ATOM   1098 C  C   . ASP A 1 174 ? -2.492  -2.935  -12.591 1.00 34.19 ? 154 ASP A C   1 
ATOM   1099 O  O   . ASP A 1 174 ? -3.189  -3.550  -13.405 1.00 32.49 ? 154 ASP A O   1 
ATOM   1100 C  CB  . ASP A 1 174 ? -0.020  -3.218  -12.756 1.00 33.07 ? 154 ASP A CB  1 
ATOM   1101 C  CG  . ASP A 1 174 ? -0.223  -4.584  -13.400 1.00 40.49 ? 154 ASP A CG  1 
ATOM   1102 O  OD1 . ASP A 1 174 ? -0.084  -4.681  -14.636 1.00 45.83 ? 154 ASP A OD1 1 
ATOM   1103 O  OD2 . ASP A 1 174 ? -0.520  -5.552  -12.672 1.00 43.39 ? 154 ASP A OD2 1 
ATOM   1104 N  N   . LEU A 1 175 ? -2.823  -2.846  -11.309 1.00 29.30 ? 155 LEU A N   1 
ATOM   1105 C  CA  . LEU A 1 175 ? -4.066  -3.430  -10.831 1.00 26.81 ? 155 LEU A CA  1 
ATOM   1106 C  C   . LEU A 1 175 ? -5.275  -2.695  -11.400 1.00 26.89 ? 155 LEU A C   1 
ATOM   1107 O  O   . LEU A 1 175 ? -6.280  -3.325  -11.747 1.00 31.56 ? 155 LEU A O   1 
ATOM   1108 C  CB  . LEU A 1 175 ? -4.076  -3.400  -9.309  1.00 27.59 ? 155 LEU A CB  1 
ATOM   1109 C  CG  . LEU A 1 175 ? -5.371  -3.785  -8.602  1.00 30.64 ? 155 LEU A CG  1 
ATOM   1110 C  CD1 . LEU A 1 175 ? -5.713  -5.275  -8.772  1.00 27.63 ? 155 LEU A CD1 1 
ATOM   1111 C  CD2 . LEU A 1 175 ? -5.202  -3.423  -7.139  1.00 30.54 ? 155 LEU A CD2 1 
ATOM   1112 N  N   . GLN A 1 176 ? -5.200  -1.364  -11.493 1.00 28.17 ? 156 GLN A N   1 
ATOM   1113 C  CA  . GLN A 1 176 ? -6.294  -0.592  -12.074 1.00 31.56 ? 156 GLN A CA  1 
ATOM   1114 C  C   . GLN A 1 176 ? -6.528  -0.974  -13.529 1.00 33.58 ? 156 GLN A C   1 
ATOM   1115 O  O   . GLN A 1 176 ? -7.678  -1.152  -13.955 1.00 32.01 ? 156 GLN A O   1 
ATOM   1116 C  CB  . GLN A 1 176 ? -6.003  0.898   -11.958 1.00 33.30 ? 156 GLN A CB  1 
ATOM   1117 C  CG  . GLN A 1 176 ? -7.104  1.804   -12.497 1.00 37.39 ? 156 GLN A CG  1 
ATOM   1118 C  CD  . GLN A 1 176 ? -6.698  3.255   -12.453 1.00 41.82 ? 156 GLN A CD  1 
ATOM   1119 O  OE1 . GLN A 1 176 ? -5.587  3.613   -12.862 1.00 44.73 ? 156 GLN A OE1 1 
ATOM   1120 N  NE2 . GLN A 1 176 ? -7.585  4.109   -11.944 1.00 44.80 ? 156 GLN A NE2 1 
ATOM   1121 N  N   . LYS A 1 177 ? -5.449  -1.111  -14.300 1.00 33.12 ? 157 LYS A N   1 
ATOM   1122 C  CA  . LYS A 1 177 ? -5.563  -1.523  -15.695 1.00 34.36 ? 157 LYS A CA  1 
ATOM   1123 C  C   . LYS A 1 177 ? -6.186  -2.906  -15.823 1.00 32.48 ? 157 LYS A C   1 
ATOM   1124 O  O   . LYS A 1 177 ? -7.010  -3.145  -16.714 1.00 36.59 ? 157 LYS A O   1 
ATOM   1125 C  CB  . LYS A 1 177 ? -4.186  -1.487  -16.356 1.00 33.49 ? 157 LYS A CB  1 
ATOM   1126 C  CG  . LYS A 1 177 ? -3.728  -0.065  -16.676 1.00 50.43 ? 157 LYS A CG  1 
ATOM   1127 C  CD  . LYS A 1 177 ? -2.386  -0.038  -17.416 1.00 63.43 ? 157 LYS A CD  1 
ATOM   1128 C  CE  . LYS A 1 177 ? -2.051  1.364   -17.932 1.00 60.81 ? 157 LYS A CE  1 
ATOM   1129 N  NZ  . LYS A 1 177 ? -2.984  1.824   -19.016 1.00 70.28 ? 157 LYS A NZ  1 
ATOM   1130 N  N   . ARG A 1 178 ? -5.795  -3.838  -14.954 1.00 31.57 ? 158 ARG A N   1 
ATOM   1131 C  CA  . ARG A 1 178 ? -6.363  -5.176  -15.026 1.00 31.59 ? 158 ARG A CA  1 
ATOM   1132 C  C   . ARG A 1 178 ? -7.844  -5.164  -14.684 1.00 36.81 ? 158 ARG A C   1 
ATOM   1133 O  O   . ARG A 1 178 ? -8.630  -5.881  -15.306 1.00 35.28 ? 158 ARG A O   1 
ATOM   1134 C  CB  . ARG A 1 178 ? -5.623  -6.131  -14.092 1.00 30.50 ? 158 ARG A CB  1 
ATOM   1135 C  CG  . ARG A 1 178 ? -4.261  -6.539  -14.603 1.00 37.46 ? 158 ARG A CG  1 
ATOM   1136 C  CD  . ARG A 1 178 ? -3.609  -7.534  -13.659 1.00 35.21 ? 158 ARG A CD  1 
ATOM   1137 N  NE  . ARG A 1 178 ? -2.162  -7.526  -13.823 1.00 41.33 ? 158 ARG A NE  1 
ATOM   1138 C  CZ  . ARG A 1 178 ? -1.489  -8.325  -14.642 1.00 42.64 ? 158 ARG A CZ  1 
ATOM   1139 N  NH1 . ARG A 1 178 ? -0.170  -8.226  -14.716 1.00 51.73 ? 158 ARG A NH1 1 
ATOM   1140 N  NH2 . ARG A 1 178 ? -2.125  -9.231  -15.367 1.00 39.12 ? 158 ARG A NH2 1 
ATOM   1141 N  N   . LEU A 1 179 ? -8.241  -4.384  -13.679 1.00 37.28 ? 159 LEU A N   1 
ATOM   1142 C  CA  . LEU A 1 179 ? -9.659  -4.306  -13.348 1.00 36.51 ? 159 LEU A CA  1 
ATOM   1143 C  C   . LEU A 1 179 ? -10.453 -3.693  -14.497 1.00 38.63 ? 159 LEU A C   1 
ATOM   1144 O  O   . LEU A 1 179 ? -11.614 -4.066  -14.720 1.00 38.97 ? 159 LEU A O   1 
ATOM   1145 C  CB  . LEU A 1 179 ? -9.848  -3.500  -12.059 1.00 32.56 ? 159 LEU A CB  1 
ATOM   1146 C  CG  . LEU A 1 179 ? -9.355  -4.135  -10.752 1.00 36.56 ? 159 LEU A CG  1 
ATOM   1147 C  CD1 . LEU A 1 179 ? -9.091  -3.065  -9.712  1.00 29.92 ? 159 LEU A CD1 1 
ATOM   1148 C  CD2 . LEU A 1 179 ? -10.366 -5.149  -10.218 1.00 31.78 ? 159 LEU A CD2 1 
ATOM   1149 N  N   . ALA A 1 180 ? -9.834  -2.782  -15.254 1.00 36.72 ? 160 ALA A N   1 
ATOM   1150 C  CA  . ALA A 1 180 ? -10.565 -2.030  -16.269 1.00 41.16 ? 160 ALA A CA  1 
ATOM   1151 C  C   . ALA A 1 180 ? -10.946 -2.905  -17.454 1.00 36.42 ? 160 ALA A C   1 
ATOM   1152 O  O   . ALA A 1 180 ? -11.911 -2.603  -18.164 1.00 42.03 ? 160 ALA A O   1 
ATOM   1153 C  CB  . ALA A 1 180 ? -9.735  -0.843  -16.750 1.00 35.75 ? 160 ALA A CB  1 
ATOM   1154 N  N   . VAL A 1 181 ? -10.193 -3.973  -17.701 1.00 39.10 ? 161 VAL A N   1 
ATOM   1155 C  CA  . VAL A 1 181 ? -10.487 -4.870  -18.808 1.00 42.38 ? 161 VAL A CA  1 
ATOM   1156 C  C   . VAL A 1 181 ? -11.025 -6.196  -18.336 1.00 39.02 ? 161 VAL A C   1 
ATOM   1157 O  O   . VAL A 1 181 ? -11.290 -7.072  -19.164 1.00 41.21 ? 161 VAL A O   1 
ATOM   1158 C  CB  . VAL A 1 181 ? -9.252  -5.078  -19.706 1.00 42.63 ? 161 VAL A CB  1 
ATOM   1159 C  CG1 . VAL A 1 181 ? -8.891  -3.770  -20.405 1.00 49.36 ? 161 VAL A CG1 1 
ATOM   1160 C  CG2 . VAL A 1 181 ? -8.067  -5.605  -18.906 1.00 39.99 ? 161 VAL A CG2 1 
ATOM   1161 N  N   . TYR A 1 182 ? -11.212 -6.371  -17.029 1.00 36.69 ? 162 TYR A N   1 
ATOM   1162 C  CA  . TYR A 1 182 ? -11.537 -7.688  -16.493 1.00 36.02 ? 162 TYR A CA  1 
ATOM   1163 C  C   . TYR A 1 182 ? -12.884 -8.183  -17.014 1.00 43.51 ? 162 TYR A C   1 
ATOM   1164 O  O   . TYR A 1 182 ? -13.012 -9.340  -17.445 1.00 40.22 ? 162 TYR A O   1 
ATOM   1165 C  CB  . TYR A 1 182 ? -11.522 -7.636  -14.964 1.00 37.23 ? 162 TYR A CB  1 
ATOM   1166 C  CG  . TYR A 1 182 ? -11.864 -8.932  -14.258 1.00 34.44 ? 162 TYR A CG  1 
ATOM   1167 C  CD1 . TYR A 1 182 ? -11.152 -10.095 -14.500 1.00 37.94 ? 162 TYR A CD1 1 
ATOM   1168 C  CD2 . TYR A 1 182 ? -12.876 -8.975  -13.309 1.00 36.77 ? 162 TYR A CD2 1 
ATOM   1169 C  CE1 . TYR A 1 182 ? -11.454 -11.275 -13.839 1.00 34.85 ? 162 TYR A CE1 1 
ATOM   1170 C  CE2 . TYR A 1 182 ? -13.181 -10.138 -12.643 1.00 35.17 ? 162 TYR A CE2 1 
ATOM   1171 C  CZ  . TYR A 1 182 ? -12.470 -11.287 -12.911 1.00 41.52 ? 162 TYR A CZ  1 
ATOM   1172 O  OH  . TYR A 1 182 ? -12.784 -12.445 -12.235 1.00 40.80 ? 162 TYR A OH  1 
ATOM   1173 N  N   . GLN A 1 183 ? -13.897 -7.312  -17.004 1.00 37.69 ? 163 GLN A N   1 
ATOM   1174 C  CA  . GLN A 1 183 ? -15.256 -7.759  -17.310 1.00 41.91 ? 163 GLN A CA  1 
ATOM   1175 C  C   . GLN A 1 183 ? -15.373 -8.287  -18.738 1.00 46.09 ? 163 GLN A C   1 
ATOM   1176 O  O   . GLN A 1 183 ? -16.048 -9.297  -18.979 1.00 45.72 ? 163 GLN A O   1 
ATOM   1177 C  CB  . GLN A 1 183 ? -16.240 -6.621  -17.075 1.00 42.26 ? 163 GLN A CB  1 
ATOM   1178 C  CG  . GLN A 1 183 ? -16.500 -6.349  -15.603 1.00 39.88 ? 163 GLN A CG  1 
ATOM   1179 C  CD  . GLN A 1 183 ? -17.209 -5.029  -15.386 1.00 47.81 ? 163 GLN A CD  1 
ATOM   1180 O  OE1 . GLN A 1 183 ? -18.333 -4.993  -14.882 1.00 52.39 ? 163 GLN A OE1 1 
ATOM   1181 N  NE2 . GLN A 1 183 ? -16.553 -3.932  -15.761 1.00 45.66 ? 163 GLN A NE2 1 
ATOM   1182 N  N   . ALA A 1 184 ? -14.713 -7.629  -19.691 1.00 47.13 ? 164 ALA A N   1 
ATOM   1183 C  CA  . ALA A 1 184 ? -14.678 -8.075  -21.087 1.00 45.96 ? 164 ALA A CA  1 
ATOM   1184 C  C   . ALA A 1 184 ? -14.060 -9.472  -21.256 1.00 49.42 ? 164 ALA A C   1 
ATOM   1185 O  O   . ALA A 1 184 ? -13.056 -9.813  -20.611 1.00 51.27 ? 164 ALA A O   1 
ATOM   1186 C  CB  . ALA A 1 184 ? -13.918 -7.067  -21.934 1.00 42.20 ? 164 ALA A CB  1 
HETATM 1187 N  N1  . KJM B 2 .   ? -3.194  6.173   -10.622 1.00 42.59 ? 201 KJM A N1  1 
HETATM 1188 C  C4  . KJM B 2 .   ? -6.105  4.641   -8.672  1.00 41.34 ? 201 KJM A C4  1 
HETATM 1189 C  C5  . KJM B 2 .   ? -4.390  6.225   -10.038 1.00 54.46 ? 201 KJM A C5  1 
HETATM 1190 C  C6  . KJM B 2 .   ? -2.837  5.073   -7.215  1.00 50.67 ? 201 KJM A C6  1 
HETATM 1191 C  C7  . KJM B 2 .   ? -4.623  6.641   -6.906  1.00 48.78 ? 201 KJM A C7  1 
HETATM 1192 C  C8  . KJM B 2 .   ? -5.596  3.199   -8.825  1.00 39.81 ? 201 KJM A C8  1 
HETATM 1193 C  C10 . KJM B 2 .   ? -4.053  7.063   -5.715  1.00 47.76 ? 201 KJM A C10 1 
HETATM 1194 C  C1  . KJM B 2 .   ? -4.670  5.162   -8.962  1.00 47.80 ? 201 KJM A C1  1 
HETATM 1195 C  C11 . KJM B 2 .   ? -2.880  6.482   -5.258  1.00 43.82 ? 201 KJM A C11 1 
HETATM 1196 C  C2  . KJM B 2 .   ? -4.022  5.646   -7.666  1.00 46.59 ? 201 KJM A C2  1 
HETATM 1197 C  C3  . KJM B 2 .   ? -4.305  3.732   -9.455  1.00 37.36 ? 201 KJM A C3  1 
HETATM 1198 C  C9  . KJM B 2 .   ? -2.295  5.487   -6.013  1.00 51.18 ? 201 KJM A C9  1 
HETATM 1199 N  N2  . KJM B 2 .   ? -5.232  7.109   -10.377 1.00 55.49 ? 201 KJM A N2  1 
HETATM 1200 CL CL1 . KJM B 2 .   ? -0.871  4.678   -5.413  1.00 50.06 ? 201 KJM A CL1 1 
HETATM 1201 O  O   . HOH C 3 .   ? 4.614   -5.850  8.238   1.00 52.13 ? 301 HOH A O   1 
HETATM 1202 O  O   . HOH C 3 .   ? 23.537  12.053  5.065   1.00 60.54 ? 302 HOH A O   1 
HETATM 1203 O  O   . HOH C 3 .   ? 12.014  18.713  14.087  1.00 45.89 ? 303 HOH A O   1 
HETATM 1204 O  O   . HOH C 3 .   ? 12.403  -3.488  7.015   1.00 47.22 ? 304 HOH A O   1 
HETATM 1205 O  O   . HOH C 3 .   ? -5.201  -12.323 -3.616  1.00 51.79 ? 305 HOH A O   1 
HETATM 1206 O  O   . HOH C 3 .   ? -8.674  -18.643 -11.406 1.00 49.44 ? 306 HOH A O   1 
HETATM 1207 O  O   . HOH C 3 .   ? 0.569   -6.234  -10.214 1.00 43.71 ? 307 HOH A O   1 
HETATM 1208 O  O   . HOH C 3 .   ? -16.388 -18.366 -18.425 1.00 59.02 ? 308 HOH A O   1 
HETATM 1209 O  O   . HOH C 3 .   ? 3.095   -11.465 -8.097  1.00 55.84 ? 309 HOH A O   1 
HETATM 1210 O  O   . HOH C 3 .   ? -15.513 -1.602  -2.942  1.00 32.33 ? 310 HOH A O   1 
HETATM 1211 O  O   . HOH C 3 .   ? 15.785  2.642   10.048  1.00 35.74 ? 311 HOH A O   1 
HETATM 1212 O  O   . HOH C 3 .   ? -10.719 -10.960 -4.384  1.00 46.60 ? 312 HOH A O   1 
HETATM 1213 O  O   . HOH C 3 .   ? -1.499  -15.862 -16.291 1.00 41.46 ? 313 HOH A O   1 
HETATM 1214 O  O   . HOH C 3 .   ? -12.706 -1.355  -13.162 1.00 41.39 ? 314 HOH A O   1 
HETATM 1215 O  O   . HOH C 3 .   ? -4.032  10.604  -3.431  1.00 36.90 ? 315 HOH A O   1 
HETATM 1216 O  O   . HOH C 3 .   ? 1.899   9.304   18.488  1.00 45.13 ? 316 HOH A O   1 
HETATM 1217 O  O   . HOH C 3 .   ? -19.835 -14.314 -11.831 1.00 51.81 ? 317 HOH A O   1 
HETATM 1218 O  O   . HOH C 3 .   ? 16.356  2.435   23.731  1.00 49.02 ? 318 HOH A O   1 
HETATM 1219 O  O   . HOH C 3 .   ? -8.238  -8.235  -16.270 1.00 36.88 ? 319 HOH A O   1 
HETATM 1220 O  O   . HOH C 3 .   ? -9.673  -0.370  8.644   1.00 43.85 ? 320 HOH A O   1 
HETATM 1221 O  O   . HOH C 3 .   ? -1.197  13.146  -2.342  1.00 39.52 ? 321 HOH A O   1 
HETATM 1222 O  O   . HOH C 3 .   ? 3.024   -4.930  -11.046 1.00 42.79 ? 322 HOH A O   1 
HETATM 1223 O  O   . HOH C 3 .   ? -14.519 -12.225 -6.244  1.00 46.99 ? 323 HOH A O   1 
HETATM 1224 O  O   . HOH C 3 .   ? -4.644  -9.703  -16.028 1.00 44.07 ? 324 HOH A O   1 
HETATM 1225 O  O   . HOH C 3 .   ? 11.091  0.033   -6.053  1.00 32.69 ? 325 HOH A O   1 
HETATM 1226 O  O   . HOH C 3 .   ? -7.107  11.468  -0.723  1.00 46.77 ? 326 HOH A O   1 
HETATM 1227 O  O   . HOH C 3 .   ? -10.065 -7.857  3.032   1.00 47.23 ? 327 HOH A O   1 
HETATM 1228 O  O   . HOH C 3 .   ? 0.691   -2.720  -16.220 1.00 49.13 ? 328 HOH A O   1 
HETATM 1229 O  O   . HOH C 3 .   ? 9.941   3.971   19.793  1.00 39.90 ? 329 HOH A O   1 
HETATM 1230 O  O   . HOH C 3 .   ? -16.509 1.443   -6.420  1.00 37.52 ? 330 HOH A O   1 
HETATM 1231 O  O   . HOH C 3 .   ? -7.855  3.675   3.076   1.00 29.28 ? 331 HOH A O   1 
HETATM 1232 O  O   . HOH C 3 .   ? 17.463  7.019   20.526  1.00 37.27 ? 332 HOH A O   1 
HETATM 1233 O  O   . HOH C 3 .   ? 12.026  10.177  14.700  1.00 35.99 ? 333 HOH A O   1 
HETATM 1234 O  O   . HOH C 3 .   ? -20.578 3.917   -2.137  1.00 37.90 ? 334 HOH A O   1 
HETATM 1235 O  O   . HOH C 3 .   ? -7.119  -17.295 -22.740 1.00 56.71 ? 335 HOH A O   1 
HETATM 1236 O  O   . HOH C 3 .   ? 15.244  7.041   -3.260  1.00 34.63 ? 336 HOH A O   1 
HETATM 1237 O  O   . HOH C 3 .   ? -5.387  10.008  4.322   1.00 32.09 ? 337 HOH A O   1 
HETATM 1238 O  O   . HOH C 3 .   ? 11.771  13.287  2.749   1.00 47.03 ? 338 HOH A O   1 
HETATM 1239 O  O   . HOH C 3 .   ? -13.982 -4.582  -16.222 1.00 40.92 ? 339 HOH A O   1 
HETATM 1240 O  O   . HOH C 3 .   ? -21.907 -2.939  -8.549  1.00 37.34 ? 340 HOH A O   1 
HETATM 1241 O  O   . HOH C 3 .   ? 6.940   -7.662  -1.340  1.00 42.38 ? 341 HOH A O   1 
HETATM 1242 O  O   . HOH C 3 .   ? -10.440 0.644   -10.540 1.00 37.02 ? 342 HOH A O   1 
HETATM 1243 O  O   . HOH C 3 .   ? 10.000  -3.490  4.272   1.00 39.98 ? 343 HOH A O   1 
HETATM 1244 O  O   . HOH C 3 .   ? -1.066  -10.546 -12.134 1.00 36.06 ? 344 HOH A O   1 
HETATM 1245 O  O   . HOH C 3 .   ? 16.994  4.304   8.379   1.00 32.09 ? 345 HOH A O   1 
HETATM 1246 O  O   . HOH C 3 .   ? 7.085   3.533   13.432  1.00 31.46 ? 346 HOH A O   1 
HETATM 1247 O  O   . HOH C 3 .   ? -0.446  14.261  2.154   1.00 27.96 ? 347 HOH A O   1 
HETATM 1248 O  O   . HOH C 3 .   ? -14.565 -7.115  1.282   1.00 35.53 ? 348 HOH A O   1 
HETATM 1249 O  O   . HOH C 3 .   ? -16.814 -0.077  -12.340 1.00 44.83 ? 349 HOH A O   1 
HETATM 1250 O  O   . HOH C 3 .   ? 21.252  -0.350  21.675  1.00 45.03 ? 350 HOH A O   1 
HETATM 1251 O  O   . HOH C 3 .   ? 15.395  -1.547  19.348  1.00 42.22 ? 351 HOH A O   1 
HETATM 1252 O  O   . HOH C 3 .   ? 6.304   4.259   -9.842  1.00 37.97 ? 352 HOH A O   1 
HETATM 1253 O  O   . HOH C 3 .   ? 2.577   0.019   -13.652 1.00 42.33 ? 353 HOH A O   1 
HETATM 1254 O  O   . HOH C 3 .   ? 2.471   8.109   -0.949  1.00 27.54 ? 354 HOH A O   1 
HETATM 1255 O  O   . HOH C 3 .   ? 26.404  5.581   16.771  1.00 51.15 ? 355 HOH A O   1 
HETATM 1256 O  O   . HOH C 3 .   ? 9.858   -4.580  10.618  1.00 46.71 ? 356 HOH A O   1 
HETATM 1257 O  O   . HOH C 3 .   ? -13.581 -10.789 -4.365  1.00 38.32 ? 357 HOH A O   1 
HETATM 1258 O  O   . HOH C 3 .   ? -0.473  -5.032  -8.412  1.00 34.83 ? 358 HOH A O   1 
HETATM 1259 O  O   . HOH C 3 .   ? 17.498  9.250   19.202  1.00 34.52 ? 359 HOH A O   1 
HETATM 1260 O  O   . HOH C 3 .   ? -14.362 0.017   -5.248  1.00 32.69 ? 360 HOH A O   1 
HETATM 1261 O  O   . HOH C 3 .   ? -5.024  6.814   15.907  1.00 56.19 ? 361 HOH A O   1 
HETATM 1262 O  O   . HOH C 3 .   ? -4.888  -6.091  4.868   1.00 51.92 ? 362 HOH A O   1 
HETATM 1263 O  O   . HOH C 3 .   ? -10.101 0.054   -13.160 1.00 37.98 ? 363 HOH A O   1 
HETATM 1264 O  O   . HOH C 3 .   ? -1.874  11.311  12.256  1.00 36.98 ? 364 HOH A O   1 
HETATM 1265 O  O   . HOH C 3 .   ? -7.044  -21.319 -16.680 1.00 48.51 ? 365 HOH A O   1 
HETATM 1266 O  O   . HOH C 3 .   ? -26.000 -8.330  -12.805 1.00 41.92 ? 366 HOH A O   1 
HETATM 1267 O  O   . HOH C 3 .   ? 23.002  11.735  12.425  1.00 41.13 ? 367 HOH A O   1 
HETATM 1268 O  O   . HOH C 3 .   ? 17.322  10.868  1.489   1.00 34.14 ? 368 HOH A O   1 
HETATM 1269 O  O   . HOH C 3 .   ? 21.300  8.542   12.656  1.00 30.05 ? 369 HOH A O   1 
HETATM 1270 O  O   . HOH C 3 .   ? 24.526  11.966  18.039  1.00 37.08 ? 370 HOH A O   1 
HETATM 1271 O  O   . HOH C 3 .   ? 20.429  1.610   15.489  1.00 37.44 ? 371 HOH A O   1 
HETATM 1272 O  O   . HOH C 3 .   ? -13.821 4.155   0.029   1.00 39.34 ? 372 HOH A O   1 
HETATM 1273 O  O   . HOH C 3 .   ? -16.980 -15.095 -17.998 1.00 50.07 ? 373 HOH A O   1 
HETATM 1274 O  O   . HOH C 3 .   ? -5.094  -0.272  13.033  1.00 44.92 ? 374 HOH A O   1 
HETATM 1275 O  O   . HOH C 3 .   ? 4.398   4.344   13.952  1.00 29.50 ? 375 HOH A O   1 
HETATM 1276 O  O   . HOH C 3 .   ? 26.608  10.235  18.518  1.00 40.56 ? 376 HOH A O   1 
HETATM 1277 O  O   . HOH C 3 .   ? -6.833  -9.840  -14.782 1.00 37.98 ? 377 HOH A O   1 
HETATM 1278 O  O   . HOH C 3 .   ? -14.018 -4.857  -19.122 1.00 42.36 ? 378 HOH A O   1 
HETATM 1279 O  O   . HOH C 3 .   ? 10.769  -2.016  16.146  1.00 42.86 ? 379 HOH A O   1 
HETATM 1280 O  O   . HOH C 3 .   ? 1.376   -11.831 -6.202  1.00 39.01 ? 380 HOH A O   1 
HETATM 1281 O  O   . HOH C 3 .   ? 14.197  11.051  16.393  1.00 34.39 ? 381 HOH A O   1 
HETATM 1282 O  O   . HOH C 3 .   ? 9.221   19.844  10.370  1.00 41.34 ? 382 HOH A O   1 
HETATM 1283 O  O   . HOH C 3 .   ? -8.904  9.660   -1.621  1.00 38.02 ? 383 HOH A O   1 
HETATM 1284 O  O   . HOH C 3 .   ? -1.043  -9.880  0.145   1.00 45.03 ? 384 HOH A O   1 
HETATM 1285 O  O   . HOH C 3 .   ? 5.918   -1.335  -1.423  1.00 36.10 ? 385 HOH A O   1 
HETATM 1286 O  O   . HOH C 3 .   ? 23.880  2.935   20.526  1.00 49.58 ? 386 HOH A O   1 
HETATM 1287 O  O   . HOH C 3 .   ? -8.870  -6.101  4.927   1.00 35.81 ? 387 HOH A O   1 
HETATM 1288 O  O   . HOH C 3 .   ? -18.447 -13.544 -7.378  1.00 55.65 ? 388 HOH A O   1 
HETATM 1289 O  O   . HOH C 3 .   ? 5.118   18.847  11.634  1.00 42.64 ? 389 HOH A O   1 
HETATM 1290 O  O   . HOH C 3 .   ? 22.751  13.285  7.523   1.00 51.94 ? 390 HOH A O   1 
HETATM 1291 O  O   . HOH C 3 .   ? -17.980 -2.037  -4.457  1.00 44.67 ? 391 HOH A O   1 
HETATM 1292 O  O   . HOH C 3 .   ? 4.865   -8.139  2.493   1.00 45.79 ? 392 HOH A O   1 
HETATM 1293 O  O   . HOH C 3 .   ? -5.831  5.792   9.840   1.00 39.50 ? 393 HOH A O   1 
HETATM 1294 O  O   . HOH C 3 .   ? -7.004  -1.172  -19.024 1.00 49.37 ? 394 HOH A O   1 
HETATM 1295 O  O   . HOH C 3 .   ? 13.685  16.992  14.221  1.00 41.35 ? 395 HOH A O   1 
HETATM 1296 O  O   . HOH C 3 .   ? 14.470  -2.595  14.048  1.00 41.24 ? 396 HOH A O   1 
HETATM 1297 O  O   . HOH C 3 .   ? 6.364   13.819  0.056   1.00 34.34 ? 397 HOH A O   1 
HETATM 1298 O  O   . HOH C 3 .   ? 14.354  14.219  8.112   1.00 55.27 ? 398 HOH A O   1 
HETATM 1299 O  O   . HOH C 3 .   ? 10.409  -6.417  -2.944  1.00 44.53 ? 399 HOH A O   1 
HETATM 1300 O  O   . HOH C 3 .   ? 10.084  -0.983  -12.419 1.00 43.19 ? 400 HOH A O   1 
HETATM 1301 O  O   . HOH C 3 .   ? 22.382  1.486   17.330  1.00 47.85 ? 401 HOH A O   1 
HETATM 1302 O  O   . HOH C 3 .   ? 21.554  2.115   13.220  1.00 56.07 ? 402 HOH A O   1 
HETATM 1303 O  O   . HOH C 3 .   ? 8.328   15.026  -0.273  1.00 46.21 ? 403 HOH A O   1 
HETATM 1304 O  O   . HOH C 3 .   ? 10.531  -4.266  1.312   1.00 40.62 ? 404 HOH A O   1 
HETATM 1305 O  O   . HOH C 3 .   ? -1.495  8.896   -9.440  1.00 50.97 ? 405 HOH A O   1 
HETATM 1306 O  O   . HOH C 3 .   ? -4.481  -14.177 -2.677  1.00 59.71 ? 406 HOH A O   1 
HETATM 1307 O  O   . HOH C 3 .   ? 2.339   -10.837 -3.504  1.00 43.12 ? 407 HOH A O   1 
HETATM 1308 O  O   . HOH C 3 .   ? 17.453  -2.641  16.423  1.00 56.71 ? 408 HOH A O   1 
HETATM 1309 O  O   . HOH C 3 .   ? -13.005 -3.561  -21.614 1.00 48.19 ? 409 HOH A O   1 
HETATM 1310 O  O   . HOH C 3 .   ? 19.361  2.914   8.223   1.00 46.38 ? 410 HOH A O   1 
HETATM 1311 O  O   . HOH C 3 .   ? -10.229 2.760   -14.387 1.00 56.29 ? 411 HOH A O   1 
HETATM 1312 O  O   . HOH C 3 .   ? 23.802  13.203  20.358  1.00 39.21 ? 412 HOH A O   1 
HETATM 1313 O  O   . HOH C 3 .   ? 15.189  13.586  6.102   1.00 49.45 ? 413 HOH A O   1 
HETATM 1314 O  O   . HOH C 3 .   ? -5.258  -10.248 -1.371  1.00 49.12 ? 414 HOH A O   1 
HETATM 1315 O  O   . HOH C 3 .   ? 13.567  6.486   -5.805  1.00 45.84 ? 415 HOH A O   1 
HETATM 1316 O  O   . HOH C 3 .   ? 22.716  6.235   12.199  1.00 43.14 ? 416 HOH A O   1 
HETATM 1317 O  O   . HOH C 3 .   ? -14.847 -12.101 -2.547  1.00 54.20 ? 417 HOH A O   1 
HETATM 1318 O  O   . HOH C 3 .   ? 12.365  -3.361  4.132   1.00 48.98 ? 418 HOH A O   1 
HETATM 1319 O  O   . HOH C 3 .   ? -17.452 6.293   -4.248  1.00 50.57 ? 419 HOH A O   1 
HETATM 1320 O  O   . HOH C 3 .   ? 19.219  11.086  0.395   1.00 51.94 ? 420 HOH A O   1 
HETATM 1321 O  O   . HOH C 3 .   ? -18.710 5.979   -2.305  1.00 44.81 ? 421 HOH A O   1 
HETATM 1322 O  O   . HOH C 3 .   ? -11.182 11.321  3.733   1.00 44.85 ? 422 HOH A O   1 
HETATM 1323 O  O   . HOH C 3 .   ? -5.991  -8.357  -17.880 1.00 45.55 ? 423 HOH A O   1 
HETATM 1324 O  O   . HOH C 3 .   ? 1.552   -14.555 -16.152 1.00 48.31 ? 424 HOH A O   1 
HETATM 1325 O  O   . HOH C 3 .   ? 19.732  -1.378  15.701  1.00 49.21 ? 425 HOH A O   1 
HETATM 1326 O  O   . HOH C 3 .   ? -12.491 -8.314  3.433   1.00 47.84 ? 426 HOH A O   1 
HETATM 1327 O  O   . HOH C 3 .   ? 12.647  -1.734  20.259  1.00 51.40 ? 427 HOH A O   1 
HETATM 1328 O  O   . HOH C 3 .   ? -8.479  6.017   9.039   1.00 49.87 ? 428 HOH A O   1 
HETATM 1329 O  O   . HOH C 3 .   ? -11.504 -4.151  -23.583 1.00 56.97 ? 429 HOH A O   1 
# 
loop_
_pdbx_poly_seq_scheme.asym_id 
_pdbx_poly_seq_scheme.entity_id 
_pdbx_poly_seq_scheme.seq_id 
_pdbx_poly_seq_scheme.mon_id 
_pdbx_poly_seq_scheme.ndb_seq_num 
_pdbx_poly_seq_scheme.pdb_seq_num 
_pdbx_poly_seq_scheme.auth_seq_num 
_pdbx_poly_seq_scheme.pdb_mon_id 
_pdbx_poly_seq_scheme.auth_mon_id 
_pdbx_poly_seq_scheme.pdb_strand_id 
_pdbx_poly_seq_scheme.pdb_ins_code 
_pdbx_poly_seq_scheme.hetero 
A 1 1   GLY 1   -19 ?   ?   ?   A . n 
A 1 2   SER 2   -18 ?   ?   ?   A . n 
A 1 3   SER 3   -17 ?   ?   ?   A . n 
A 1 4   HIS 4   -16 ?   ?   ?   A . n 
A 1 5   HIS 5   -15 ?   ?   ?   A . n 
A 1 6   HIS 6   -14 ?   ?   ?   A . n 
A 1 7   HIS 7   -13 ?   ?   ?   A . n 
A 1 8   HIS 8   -12 ?   ?   ?   A . n 
A 1 9   HIS 9   -11 ?   ?   ?   A . n 
A 1 10  SER 10  -10 ?   ?   ?   A . n 
A 1 11  SER 11  -9  ?   ?   ?   A . n 
A 1 12  GLY 12  -8  ?   ?   ?   A . n 
A 1 13  LEU 13  -7  ?   ?   ?   A . n 
A 1 14  VAL 14  -6  ?   ?   ?   A . n 
A 1 15  PRO 15  -5  ?   ?   ?   A . n 
A 1 16  ARG 16  -4  ?   ?   ?   A . n 
A 1 17  GLY 17  -3  ?   ?   ?   A . n 
A 1 18  SER 18  -2  ?   ?   ?   A . n 
A 1 19  HIS 19  -1  ?   ?   ?   A . n 
A 1 20  MET 20  0   ?   ?   ?   A . n 
A 1 21  LYS 21  1   ?   ?   ?   A . n 
A 1 22  VAL 22  2   ?   ?   ?   A . n 
A 1 23  GLU 23  3   ?   ?   ?   A . n 
A 1 24  GLN 24  4   ?   ?   ?   A . n 
A 1 25  ALA 25  5   ?   ?   ?   A . n 
A 1 26  VAL 26  6   ?   ?   ?   A . n 
A 1 27  GLU 27  7   ?   ?   ?   A . n 
A 1 28  THR 28  8   ?   ?   ?   A . n 
A 1 29  GLU 29  9   ?   ?   ?   A . n 
A 1 30  PRO 30  10  ?   ?   ?   A . n 
A 1 31  GLU 31  11  ?   ?   ?   A . n 
A 1 32  PRO 32  12  ?   ?   ?   A . n 
A 1 33  GLU 33  13  ?   ?   ?   A . n 
A 1 34  LEU 34  14  ?   ?   ?   A . n 
A 1 35  ARG 35  15  ?   ?   ?   A . n 
A 1 36  GLN 36  16  ?   ?   ?   A . n 
A 1 37  GLN 37  17  ?   ?   ?   A . n 
A 1 38  THR 38  18  ?   ?   ?   A . n 
A 1 39  GLU 39  19  ?   ?   ?   A . n 
A 1 40  TRP 40  20  ?   ?   ?   A . n 
A 1 41  GLN 41  21  ?   ?   ?   A . n 
A 1 42  SER 42  22  ?   ?   ?   A . n 
A 1 43  GLY 43  23  ?   ?   ?   A . n 
A 1 44  GLN 44  24  24  GLN GLN A . n 
A 1 45  ARG 45  25  25  ARG ARG A . n 
A 1 46  TRP 46  26  26  TRP TRP A . n 
A 1 47  GLU 47  27  27  GLU GLU A . n 
A 1 48  LEU 48  28  28  LEU LEU A . n 
A 1 49  ALA 49  29  29  ALA ALA A . n 
A 1 50  LEU 50  30  30  LEU LEU A . n 
A 1 51  GLY 51  31  31  GLY GLY A . n 
A 1 52  ARG 52  32  32  ARG ARG A . n 
A 1 53  PHE 53  33  33  PHE PHE A . n 
A 1 54  TRP 54  34  34  TRP TRP A . n 
A 1 55  ASP 55  35  35  ASP ASP A . n 
A 1 56  TYR 56  36  36  TYR TYR A . n 
A 1 57  LEU 57  37  37  LEU LEU A . n 
A 1 58  ARG 58  38  38  ARG ARG A . n 
A 1 59  TRP 59  39  39  TRP TRP A . n 
A 1 60  VAL 60  40  40  VAL VAL A . n 
A 1 61  GLN 61  41  41  GLN GLN A . n 
A 1 62  THR 62  42  42  THR THR A . n 
A 1 63  LEU 63  43  43  LEU LEU A . n 
A 1 64  SER 64  44  44  SER SER A . n 
A 1 65  GLU 65  45  45  GLU GLU A . n 
A 1 66  GLN 66  46  46  GLN GLN A . n 
A 1 67  VAL 67  47  47  VAL VAL A . n 
A 1 68  GLN 68  48  48  GLN GLN A . n 
A 1 69  GLU 69  49  49  GLU GLU A . n 
A 1 70  GLU 70  50  50  GLU GLU A . n 
A 1 71  LEU 71  51  51  LEU LEU A . n 
A 1 72  LEU 72  52  52  LEU LEU A . n 
A 1 73  SER 73  53  53  SER SER A . n 
A 1 74  SER 74  54  54  SER SER A . n 
A 1 75  GLN 75  55  55  GLN GLN A . n 
A 1 76  VAL 76  56  56  VAL VAL A . n 
A 1 77  THR 77  57  57  THR THR A . n 
A 1 78  GLN 78  58  58  GLN GLN A . n 
A 1 79  GLU 79  59  59  GLU GLU A . n 
A 1 80  LEU 80  60  60  LEU LEU A . n 
A 1 81  ARG 81  61  61  ARG ARG A . n 
A 1 82  ALA 82  62  62  ALA ALA A . n 
A 1 83  LEU 83  63  63  LEU LEU A . n 
A 1 84  MET 84  64  64  MET MET A . n 
A 1 85  ASP 85  65  65  ASP ASP A . n 
A 1 86  GLU 86  66  66  GLU GLU A . n 
A 1 87  THR 87  67  67  THR THR A . n 
A 1 88  MET 88  68  68  MET MET A . n 
A 1 89  LYS 89  69  69  LYS LYS A . n 
A 1 90  GLU 90  70  70  GLU GLU A . n 
A 1 91  LEU 91  71  71  LEU LEU A . n 
A 1 92  LYS 92  72  72  LYS LYS A . n 
A 1 93  ALA 93  73  73  ALA ALA A . n 
A 1 94  TYR 94  74  74  TYR TYR A . n 
A 1 95  LYS 95  75  75  LYS LYS A . n 
A 1 96  SER 96  76  76  SER SER A . n 
A 1 97  GLU 97  77  77  GLU GLU A . n 
A 1 98  LEU 98  78  78  LEU LEU A . n 
A 1 99  GLU 99  79  79  GLU GLU A . n 
A 1 100 GLU 100 80  80  GLU GLU A . n 
A 1 101 GLN 101 81  81  GLN GLN A . n 
A 1 102 LEU 102 82  82  LEU LEU A . n 
A 1 103 THR 103 83  83  THR THR A . n 
A 1 104 PRO 104 84  84  PRO PRO A . n 
A 1 105 VAL 105 85  85  VAL VAL A . n 
A 1 106 ALA 106 86  86  ALA ALA A . n 
A 1 107 GLU 107 87  87  GLU GLU A . n 
A 1 108 GLU 108 88  88  GLU GLU A . n 
A 1 109 THR 109 89  89  THR THR A . n 
A 1 110 ARG 110 90  90  ARG ARG A . n 
A 1 111 ALA 111 91  91  ALA ALA A . n 
A 1 112 ARG 112 92  92  ARG ARG A . n 
A 1 113 LEU 113 93  93  LEU LEU A . n 
A 1 114 SER 114 94  94  SER SER A . n 
A 1 115 LYS 115 95  95  LYS LYS A . n 
A 1 116 GLU 116 96  96  GLU GLU A . n 
A 1 117 LEU 117 97  97  LEU LEU A . n 
A 1 118 GLN 118 98  98  GLN GLN A . n 
A 1 119 ALA 119 99  99  ALA ALA A . n 
A 1 120 ALA 120 100 100 ALA ALA A . n 
A 1 121 GLN 121 101 101 GLN GLN A . n 
A 1 122 ALA 122 102 102 ALA ALA A . n 
A 1 123 ARG 123 103 103 ARG ARG A . n 
A 1 124 LEU 124 104 104 LEU LEU A . n 
A 1 125 GLY 125 105 105 GLY GLY A . n 
A 1 126 ALA 126 106 106 ALA ALA A . n 
A 1 127 ASP 127 107 107 ASP ASP A . n 
A 1 128 MET 128 108 108 MET MET A . n 
A 1 129 GLU 129 109 109 GLU GLU A . n 
A 1 130 ASP 130 110 110 ASP ASP A . n 
A 1 131 VAL 131 111 111 VAL VAL A . n 
A 1 132 ARG 132 112 112 ARG ARG A . n 
A 1 133 GLY 133 113 113 GLY GLY A . n 
A 1 134 ARG 134 114 114 ARG ARG A . n 
A 1 135 LEU 135 115 115 LEU LEU A . n 
A 1 136 VAL 136 116 116 VAL VAL A . n 
A 1 137 GLN 137 117 117 GLN GLN A . n 
A 1 138 TYR 138 118 118 TYR TYR A . n 
A 1 139 ARG 139 119 119 ARG ARG A . n 
A 1 140 GLY 140 120 120 GLY GLY A . n 
A 1 141 GLU 141 121 121 GLU GLU A . n 
A 1 142 VAL 142 122 122 VAL VAL A . n 
A 1 143 GLN 143 123 123 GLN GLN A . n 
A 1 144 ALA 144 124 124 ALA ALA A . n 
A 1 145 MET 145 125 125 MET MET A . n 
A 1 146 LEU 146 126 126 LEU LEU A . n 
A 1 147 GLY 147 127 127 GLY GLY A . n 
A 1 148 GLN 148 128 128 GLN GLN A . n 
A 1 149 SER 149 129 129 SER SER A . n 
A 1 150 THR 150 130 130 THR THR A . n 
A 1 151 GLU 151 131 131 GLU GLU A . n 
A 1 152 GLU 152 132 132 GLU GLU A . n 
A 1 153 LEU 153 133 133 LEU LEU A . n 
A 1 154 ARG 154 134 134 ARG ARG A . n 
A 1 155 VAL 155 135 135 VAL VAL A . n 
A 1 156 ARG 156 136 136 ARG ARG A . n 
A 1 157 LEU 157 137 137 LEU LEU A . n 
A 1 158 ALA 158 138 138 ALA ALA A . n 
A 1 159 SER 159 139 139 SER SER A . n 
A 1 160 HIS 160 140 140 HIS HIS A . n 
A 1 161 LEU 161 141 141 LEU LEU A . n 
A 1 162 ARG 162 142 142 ARG ARG A . n 
A 1 163 LYS 163 143 143 LYS LYS A . n 
A 1 164 LEU 164 144 144 LEU LEU A . n 
A 1 165 ARG 165 145 145 ARG ARG A . n 
A 1 166 LYS 166 146 146 LYS LYS A . n 
A 1 167 ARG 167 147 147 ARG ARG A . n 
A 1 168 LEU 168 148 148 LEU LEU A . n 
A 1 169 LEU 169 149 149 LEU LEU A . n 
A 1 170 ARG 170 150 150 ARG ARG A . n 
A 1 171 ASP 171 151 151 ASP ASP A . n 
A 1 172 ALA 172 152 152 ALA ALA A . n 
A 1 173 ASP 173 153 153 ASP ASP A . n 
A 1 174 ASP 174 154 154 ASP ASP A . n 
A 1 175 LEU 175 155 155 LEU LEU A . n 
A 1 176 GLN 176 156 156 GLN GLN A . n 
A 1 177 LYS 177 157 157 LYS LYS A . n 
A 1 178 ARG 178 158 158 ARG ARG A . n 
A 1 179 LEU 179 159 159 LEU LEU A . n 
A 1 180 ALA 180 160 160 ALA ALA A . n 
A 1 181 VAL 181 161 161 VAL VAL A . n 
A 1 182 TYR 182 162 162 TYR TYR A . n 
A 1 183 GLN 183 163 163 GLN GLN A . n 
A 1 184 ALA 184 164 164 ALA ALA A . n 
A 1 185 GLY 185 165 ?   ?   ?   A . n 
# 
loop_
_pdbx_nonpoly_scheme.asym_id 
_pdbx_nonpoly_scheme.entity_id 
_pdbx_nonpoly_scheme.mon_id 
_pdbx_nonpoly_scheme.ndb_seq_num 
_pdbx_nonpoly_scheme.pdb_seq_num 
_pdbx_nonpoly_scheme.auth_seq_num 
_pdbx_nonpoly_scheme.pdb_mon_id 
_pdbx_nonpoly_scheme.auth_mon_id 
_pdbx_nonpoly_scheme.pdb_strand_id 
_pdbx_nonpoly_scheme.pdb_ins_code 
B 2 KJM 1   201 201 KJM LIG A . 
C 3 HOH 1   301 105 HOH HOH A . 
C 3 HOH 2   302 66  HOH HOH A . 
C 3 HOH 3   303 44  HOH HOH A . 
C 3 HOH 4   304 106 HOH HOH A . 
C 3 HOH 5   305 91  HOH HOH A . 
C 3 HOH 6   306 84  HOH HOH A . 
C 3 HOH 7   307 74  HOH HOH A . 
C 3 HOH 8   308 112 HOH HOH A . 
C 3 HOH 9   309 126 HOH HOH A . 
C 3 HOH 10  310 4   HOH HOH A . 
C 3 HOH 11  311 8   HOH HOH A . 
C 3 HOH 12  312 43  HOH HOH A . 
C 3 HOH 13  313 24  HOH HOH A . 
C 3 HOH 14  314 48  HOH HOH A . 
C 3 HOH 15  315 28  HOH HOH A . 
C 3 HOH 16  316 95  HOH HOH A . 
C 3 HOH 17  317 113 HOH HOH A . 
C 3 HOH 18  318 124 HOH HOH A . 
C 3 HOH 19  319 36  HOH HOH A . 
C 3 HOH 20  320 80  HOH HOH A . 
C 3 HOH 21  321 40  HOH HOH A . 
C 3 HOH 22  322 56  HOH HOH A . 
C 3 HOH 23  323 88  HOH HOH A . 
C 3 HOH 24  324 35  HOH HOH A . 
C 3 HOH 25  325 10  HOH HOH A . 
C 3 HOH 26  326 98  HOH HOH A . 
C 3 HOH 27  327 54  HOH HOH A . 
C 3 HOH 28  328 85  HOH HOH A . 
C 3 HOH 29  329 55  HOH HOH A . 
C 3 HOH 30  330 18  HOH HOH A . 
C 3 HOH 31  331 2   HOH HOH A . 
C 3 HOH 32  332 27  HOH HOH A . 
C 3 HOH 33  333 15  HOH HOH A . 
C 3 HOH 34  334 25  HOH HOH A . 
C 3 HOH 35  335 111 HOH HOH A . 
C 3 HOH 36  336 21  HOH HOH A . 
C 3 HOH 37  337 7   HOH HOH A . 
C 3 HOH 38  338 125 HOH HOH A . 
C 3 HOH 39  339 61  HOH HOH A . 
C 3 HOH 40  340 17  HOH HOH A . 
C 3 HOH 41  341 57  HOH HOH A . 
C 3 HOH 42  342 30  HOH HOH A . 
C 3 HOH 43  343 67  HOH HOH A . 
C 3 HOH 44  344 14  HOH HOH A . 
C 3 HOH 45  345 11  HOH HOH A . 
C 3 HOH 46  346 5   HOH HOH A . 
C 3 HOH 47  347 3   HOH HOH A . 
C 3 HOH 48  348 37  HOH HOH A . 
C 3 HOH 49  349 72  HOH HOH A . 
C 3 HOH 50  350 59  HOH HOH A . 
C 3 HOH 51  351 68  HOH HOH A . 
C 3 HOH 52  352 45  HOH HOH A . 
C 3 HOH 53  353 32  HOH HOH A . 
C 3 HOH 54  354 1   HOH HOH A . 
C 3 HOH 55  355 110 HOH HOH A . 
C 3 HOH 56  356 107 HOH HOH A . 
C 3 HOH 57  357 39  HOH HOH A . 
C 3 HOH 58  358 23  HOH HOH A . 
C 3 HOH 59  359 13  HOH HOH A . 
C 3 HOH 60  360 19  HOH HOH A . 
C 3 HOH 61  361 120 HOH HOH A . 
C 3 HOH 62  362 76  HOH HOH A . 
C 3 HOH 63  363 34  HOH HOH A . 
C 3 HOH 64  364 9   HOH HOH A . 
C 3 HOH 65  365 81  HOH HOH A . 
C 3 HOH 66  366 33  HOH HOH A . 
C 3 HOH 67  367 49  HOH HOH A . 
C 3 HOH 68  368 20  HOH HOH A . 
C 3 HOH 69  369 12  HOH HOH A . 
C 3 HOH 70  370 31  HOH HOH A . 
C 3 HOH 71  371 22  HOH HOH A . 
C 3 HOH 72  372 42  HOH HOH A . 
C 3 HOH 73  373 79  HOH HOH A . 
C 3 HOH 74  374 86  HOH HOH A . 
C 3 HOH 75  375 6   HOH HOH A . 
C 3 HOH 76  376 41  HOH HOH A . 
C 3 HOH 77  377 26  HOH HOH A . 
C 3 HOH 78  378 53  HOH HOH A . 
C 3 HOH 79  379 65  HOH HOH A . 
C 3 HOH 80  380 60  HOH HOH A . 
C 3 HOH 81  381 29  HOH HOH A . 
C 3 HOH 82  382 123 HOH HOH A . 
C 3 HOH 83  383 58  HOH HOH A . 
C 3 HOH 84  384 38  HOH HOH A . 
C 3 HOH 85  385 70  HOH HOH A . 
C 3 HOH 86  386 109 HOH HOH A . 
C 3 HOH 87  387 46  HOH HOH A . 
C 3 HOH 88  388 127 HOH HOH A . 
C 3 HOH 89  389 62  HOH HOH A . 
C 3 HOH 90  390 100 HOH HOH A . 
C 3 HOH 91  391 73  HOH HOH A . 
C 3 HOH 92  392 78  HOH HOH A . 
C 3 HOH 93  393 63  HOH HOH A . 
C 3 HOH 94  394 77  HOH HOH A . 
C 3 HOH 95  395 75  HOH HOH A . 
C 3 HOH 96  396 82  HOH HOH A . 
C 3 HOH 97  397 16  HOH HOH A . 
C 3 HOH 98  398 71  HOH HOH A . 
C 3 HOH 99  399 108 HOH HOH A . 
C 3 HOH 100 400 96  HOH HOH A . 
C 3 HOH 101 401 90  HOH HOH A . 
C 3 HOH 102 402 117 HOH HOH A . 
C 3 HOH 103 403 97  HOH HOH A . 
C 3 HOH 104 404 118 HOH HOH A . 
C 3 HOH 105 405 99  HOH HOH A . 
C 3 HOH 106 406 92  HOH HOH A . 
C 3 HOH 107 407 64  HOH HOH A . 
C 3 HOH 108 408 129 HOH HOH A . 
C 3 HOH 109 409 51  HOH HOH A . 
C 3 HOH 110 410 50  HOH HOH A . 
C 3 HOH 111 411 104 HOH HOH A . 
C 3 HOH 112 412 47  HOH HOH A . 
C 3 HOH 113 413 101 HOH HOH A . 
C 3 HOH 114 414 83  HOH HOH A . 
C 3 HOH 115 415 121 HOH HOH A . 
C 3 HOH 116 416 52  HOH HOH A . 
C 3 HOH 117 417 119 HOH HOH A . 
C 3 HOH 118 418 94  HOH HOH A . 
C 3 HOH 119 419 128 HOH HOH A . 
C 3 HOH 120 420 103 HOH HOH A . 
C 3 HOH 121 421 89  HOH HOH A . 
C 3 HOH 122 422 102 HOH HOH A . 
C 3 HOH 123 423 69  HOH HOH A . 
C 3 HOH 124 424 116 HOH HOH A . 
C 3 HOH 125 425 122 HOH HOH A . 
C 3 HOH 126 426 87  HOH HOH A . 
C 3 HOH 127 427 93  HOH HOH A . 
C 3 HOH 128 428 114 HOH HOH A . 
C 3 HOH 129 429 115 HOH HOH A . 
# 
_pdbx_struct_assembly.id                   1 
_pdbx_struct_assembly.details              author_and_software_defined_assembly 
_pdbx_struct_assembly.method_details       PISA 
_pdbx_struct_assembly.oligomeric_details   monomeric 
_pdbx_struct_assembly.oligomeric_count     1 
# 
_pdbx_struct_assembly_gen.assembly_id       1 
_pdbx_struct_assembly_gen.oper_expression   1 
_pdbx_struct_assembly_gen.asym_id_list      A,B,C 
# 
_pdbx_struct_oper_list.id                   1 
_pdbx_struct_oper_list.type                 'identity operation' 
_pdbx_struct_oper_list.name                 1_555 
_pdbx_struct_oper_list.symmetry_operation   x,y,z 
_pdbx_struct_oper_list.matrix[1][1]         1.0000000000 
_pdbx_struct_oper_list.matrix[1][2]         0.0000000000 
_pdbx_struct_oper_list.matrix[1][3]         0.0000000000 
_pdbx_struct_oper_list.vector[1]            0.0000000000 
_pdbx_struct_oper_list.matrix[2][1]         0.0000000000 
_pdbx_struct_oper_list.matrix[2][2]         1.0000000000 
_pdbx_struct_oper_list.matrix[2][3]         0.0000000000 
_pdbx_struct_oper_list.vector[2]            0.0000000000 
_pdbx_struct_oper_list.matrix[3][1]         0.0000000000 
_pdbx_struct_oper_list.matrix[3][2]         0.0000000000 
_pdbx_struct_oper_list.matrix[3][3]         1.0000000000 
_pdbx_struct_oper_list.vector[3]            0.0000000000 
# 
loop_
_pdbx_audit_revision_history.ordinal 
_pdbx_audit_revision_history.data_content_type 
_pdbx_audit_revision_history.major_revision 
_pdbx_audit_revision_history.minor_revision 
_pdbx_audit_revision_history.revision_date 
1 'Structure model' 1 0 2019-04-17 
2 'Structure model' 1 1 2019-05-01 
3 'Structure model' 1 2 2019-05-08 
4 'Structure model' 1 3 2023-10-11 
# 
_pdbx_audit_revision_details.ordinal             1 
_pdbx_audit_revision_details.revision_ordinal    1 
_pdbx_audit_revision_details.data_content_type   'Structure model' 
_pdbx_audit_revision_details.provider            repository 
_pdbx_audit_revision_details.type                'Initial release' 
_pdbx_audit_revision_details.description         ? 
_pdbx_audit_revision_details.details             ? 
# 
loop_
_pdbx_audit_revision_group.ordinal 
_pdbx_audit_revision_group.revision_ordinal 
_pdbx_audit_revision_group.data_content_type 
_pdbx_audit_revision_group.group 
1 2 'Structure model' 'Data collection'        
2 2 'Structure model' 'Database references'    
3 3 'Structure model' 'Data collection'        
4 3 'Structure model' 'Database references'    
5 4 'Structure model' 'Data collection'        
6 4 'Structure model' 'Database references'    
7 4 'Structure model' 'Refinement description' 
# 
loop_
_pdbx_audit_revision_category.ordinal 
_pdbx_audit_revision_category.revision_ordinal 
_pdbx_audit_revision_category.data_content_type 
_pdbx_audit_revision_category.category 
1 2 'Structure model' citation                      
2 2 'Structure model' citation_author               
3 3 'Structure model' citation                      
4 3 'Structure model' citation_author               
5 4 'Structure model' chem_comp_atom                
6 4 'Structure model' chem_comp_bond                
7 4 'Structure model' database_2                    
8 4 'Structure model' pdbx_initial_refinement_model 
9 4 'Structure model' software                      
# 
loop_
_pdbx_audit_revision_item.ordinal 
_pdbx_audit_revision_item.revision_ordinal 
_pdbx_audit_revision_item.data_content_type 
_pdbx_audit_revision_item.item 
1  2 'Structure model' '_citation.journal_abbrev'            
2  2 'Structure model' '_citation.journal_id_ISSN'           
3  2 'Structure model' '_citation.title'                     
4  2 'Structure model' '_citation_author.identifier_ORCID'   
5  2 'Structure model' '_citation_author.name'               
6  3 'Structure model' '_citation.journal_volume'            
7  3 'Structure model' '_citation.page_first'                
8  3 'Structure model' '_citation.page_last'                 
9  3 'Structure model' '_citation_author.identifier_ORCID'   
10 4 'Structure model' '_database_2.pdbx_DOI'                
11 4 'Structure model' '_database_2.pdbx_database_accession' 
12 4 'Structure model' '_software.name'                      
# 
loop_
_software.citation_id 
_software.classification 
_software.compiler_name 
_software.compiler_version 
_software.contact_author 
_software.contact_author_email 
_software.date 
_software.description 
_software.dependencies 
_software.hardware 
_software.language 
_software.location 
_software.mods 
_software.name 
_software.os 
_software.os_version 
_software.type 
_software.version 
_software.pdbx_ordinal 
? refinement     ? ? ? ? ? ? ? ? ? ? ? PHENIX   ? ? ? '(1.14_3260: ???)' 1 
? 'data scaling' ? ? ? ? ? ? ? ? ? ? ? autoPROC ? ? ? .                  2 
? phasing        ? ? ? ? ? ? ? ? ? ? ? PHASER   ? ? ? .                  3 
# 
_pdbx_validate_close_contact.id               1 
_pdbx_validate_close_contact.PDB_model_num    1 
_pdbx_validate_close_contact.auth_atom_id_1   OE2 
_pdbx_validate_close_contact.auth_asym_id_1   A 
_pdbx_validate_close_contact.auth_comp_id_1   GLU 
_pdbx_validate_close_contact.auth_seq_id_1    109 
_pdbx_validate_close_contact.PDB_ins_code_1   ? 
_pdbx_validate_close_contact.label_alt_id_1   ? 
_pdbx_validate_close_contact.auth_atom_id_2   O 
_pdbx_validate_close_contact.auth_asym_id_2   A 
_pdbx_validate_close_contact.auth_comp_id_2   HOH 
_pdbx_validate_close_contact.auth_seq_id_2    301 
_pdbx_validate_close_contact.PDB_ins_code_2   ? 
_pdbx_validate_close_contact.label_alt_id_2   ? 
_pdbx_validate_close_contact.dist             2.17 
# 
_pdbx_validate_torsion.id              1 
_pdbx_validate_torsion.PDB_model_num   1 
_pdbx_validate_torsion.auth_comp_id    GLN 
_pdbx_validate_torsion.auth_asym_id    A 
_pdbx_validate_torsion.auth_seq_id     81 
_pdbx_validate_torsion.PDB_ins_code    ? 
_pdbx_validate_torsion.label_alt_id    ? 
_pdbx_validate_torsion.phi             -140.82 
_pdbx_validate_torsion.psi             51.40 
# 
loop_
_pdbx_unobs_or_zero_occ_residues.id 
_pdbx_unobs_or_zero_occ_residues.PDB_model_num 
_pdbx_unobs_or_zero_occ_residues.polymer_flag 
_pdbx_unobs_or_zero_occ_residues.occupancy_flag 
_pdbx_unobs_or_zero_occ_residues.auth_asym_id 
_pdbx_unobs_or_zero_occ_residues.auth_comp_id 
_pdbx_unobs_or_zero_occ_residues.auth_seq_id 
_pdbx_unobs_or_zero_occ_residues.PDB_ins_code 
_pdbx_unobs_or_zero_occ_residues.label_asym_id 
_pdbx_unobs_or_zero_occ_residues.label_comp_id 
_pdbx_unobs_or_zero_occ_residues.label_seq_id 
1  1 Y 1 A GLY -19 ? A GLY 1   
2  1 Y 1 A SER -18 ? A SER 2   
3  1 Y 1 A SER -17 ? A SER 3   
4  1 Y 1 A HIS -16 ? A HIS 4   
5  1 Y 1 A HIS -15 ? A HIS 5   
6  1 Y 1 A HIS -14 ? A HIS 6   
7  1 Y 1 A HIS -13 ? A HIS 7   
8  1 Y 1 A HIS -12 ? A HIS 8   
9  1 Y 1 A HIS -11 ? A HIS 9   
10 1 Y 1 A SER -10 ? A SER 10  
11 1 Y 1 A SER -9  ? A SER 11  
12 1 Y 1 A GLY -8  ? A GLY 12  
13 1 Y 1 A LEU -7  ? A LEU 13  
14 1 Y 1 A VAL -6  ? A VAL 14  
15 1 Y 1 A PRO -5  ? A PRO 15  
16 1 Y 1 A ARG -4  ? A ARG 16  
17 1 Y 1 A GLY -3  ? A GLY 17  
18 1 Y 1 A SER -2  ? A SER 18  
19 1 Y 1 A HIS -1  ? A HIS 19  
20 1 Y 1 A MET 0   ? A MET 20  
21 1 Y 1 A LYS 1   ? A LYS 21  
22 1 Y 1 A VAL 2   ? A VAL 22  
23 1 Y 1 A GLU 3   ? A GLU 23  
24 1 Y 1 A GLN 4   ? A GLN 24  
25 1 Y 1 A ALA 5   ? A ALA 25  
26 1 Y 1 A VAL 6   ? A VAL 26  
27 1 Y 1 A GLU 7   ? A GLU 27  
28 1 Y 1 A THR 8   ? A THR 28  
29 1 Y 1 A GLU 9   ? A GLU 29  
30 1 Y 1 A PRO 10  ? A PRO 30  
31 1 Y 1 A GLU 11  ? A GLU 31  
32 1 Y 1 A PRO 12  ? A PRO 32  
33 1 Y 1 A GLU 13  ? A GLU 33  
34 1 Y 1 A LEU 14  ? A LEU 34  
35 1 Y 1 A ARG 15  ? A ARG 35  
36 1 Y 1 A GLN 16  ? A GLN 36  
37 1 Y 1 A GLN 17  ? A GLN 37  
38 1 Y 1 A THR 18  ? A THR 38  
39 1 Y 1 A GLU 19  ? A GLU 39  
40 1 Y 1 A TRP 20  ? A TRP 40  
41 1 Y 1 A GLN 21  ? A GLN 41  
42 1 Y 1 A SER 22  ? A SER 42  
43 1 Y 1 A GLY 23  ? A GLY 43  
44 1 Y 1 A GLY 165 ? A GLY 185 
# 
loop_
_chem_comp_atom.comp_id 
_chem_comp_atom.atom_id 
_chem_comp_atom.type_symbol 
_chem_comp_atom.pdbx_aromatic_flag 
_chem_comp_atom.pdbx_stereo_config 
_chem_comp_atom.pdbx_ordinal 
ALA N    N  N N 1   
ALA CA   C  N S 2   
ALA C    C  N N 3   
ALA O    O  N N 4   
ALA CB   C  N N 5   
ALA OXT  O  N N 6   
ALA H    H  N N 7   
ALA H2   H  N N 8   
ALA HA   H  N N 9   
ALA HB1  H  N N 10  
ALA HB2  H  N N 11  
ALA HB3  H  N N 12  
ALA HXT  H  N N 13  
ARG N    N  N N 14  
ARG CA   C  N S 15  
ARG C    C  N N 16  
ARG O    O  N N 17  
ARG CB   C  N N 18  
ARG CG   C  N N 19  
ARG CD   C  N N 20  
ARG NE   N  N N 21  
ARG CZ   C  N N 22  
ARG NH1  N  N N 23  
ARG NH2  N  N N 24  
ARG OXT  O  N N 25  
ARG H    H  N N 26  
ARG H2   H  N N 27  
ARG HA   H  N N 28  
ARG HB2  H  N N 29  
ARG HB3  H  N N 30  
ARG HG2  H  N N 31  
ARG HG3  H  N N 32  
ARG HD2  H  N N 33  
ARG HD3  H  N N 34  
ARG HE   H  N N 35  
ARG HH11 H  N N 36  
ARG HH12 H  N N 37  
ARG HH21 H  N N 38  
ARG HH22 H  N N 39  
ARG HXT  H  N N 40  
ASP N    N  N N 41  
ASP CA   C  N S 42  
ASP C    C  N N 43  
ASP O    O  N N 44  
ASP CB   C  N N 45  
ASP CG   C  N N 46  
ASP OD1  O  N N 47  
ASP OD2  O  N N 48  
ASP OXT  O  N N 49  
ASP H    H  N N 50  
ASP H2   H  N N 51  
ASP HA   H  N N 52  
ASP HB2  H  N N 53  
ASP HB3  H  N N 54  
ASP HD2  H  N N 55  
ASP HXT  H  N N 56  
CYS N    N  N N 57  
CYS CA   C  N R 58  
CYS C    C  N N 59  
CYS O    O  N N 60  
CYS CB   C  N N 61  
CYS SG   S  N N 62  
CYS OXT  O  N N 63  
CYS H    H  N N 64  
CYS H2   H  N N 65  
CYS HA   H  N N 66  
CYS HB2  H  N N 67  
CYS HB3  H  N N 68  
CYS HG   H  N N 69  
CYS HXT  H  N N 70  
GLN N    N  N N 71  
GLN CA   C  N S 72  
GLN C    C  N N 73  
GLN O    O  N N 74  
GLN CB   C  N N 75  
GLN CG   C  N N 76  
GLN CD   C  N N 77  
GLN OE1  O  N N 78  
GLN NE2  N  N N 79  
GLN OXT  O  N N 80  
GLN H    H  N N 81  
GLN H2   H  N N 82  
GLN HA   H  N N 83  
GLN HB2  H  N N 84  
GLN HB3  H  N N 85  
GLN HG2  H  N N 86  
GLN HG3  H  N N 87  
GLN HE21 H  N N 88  
GLN HE22 H  N N 89  
GLN HXT  H  N N 90  
GLU N    N  N N 91  
GLU CA   C  N S 92  
GLU C    C  N N 93  
GLU O    O  N N 94  
GLU CB   C  N N 95  
GLU CG   C  N N 96  
GLU CD   C  N N 97  
GLU OE1  O  N N 98  
GLU OE2  O  N N 99  
GLU OXT  O  N N 100 
GLU H    H  N N 101 
GLU H2   H  N N 102 
GLU HA   H  N N 103 
GLU HB2  H  N N 104 
GLU HB3  H  N N 105 
GLU HG2  H  N N 106 
GLU HG3  H  N N 107 
GLU HE2  H  N N 108 
GLU HXT  H  N N 109 
GLY N    N  N N 110 
GLY CA   C  N N 111 
GLY C    C  N N 112 
GLY O    O  N N 113 
GLY OXT  O  N N 114 
GLY H    H  N N 115 
GLY H2   H  N N 116 
GLY HA2  H  N N 117 
GLY HA3  H  N N 118 
GLY HXT  H  N N 119 
HIS N    N  N N 120 
HIS CA   C  N S 121 
HIS C    C  N N 122 
HIS O    O  N N 123 
HIS CB   C  N N 124 
HIS CG   C  Y N 125 
HIS ND1  N  Y N 126 
HIS CD2  C  Y N 127 
HIS CE1  C  Y N 128 
HIS NE2  N  Y N 129 
HIS OXT  O  N N 130 
HIS H    H  N N 131 
HIS H2   H  N N 132 
HIS HA   H  N N 133 
HIS HB2  H  N N 134 
HIS HB3  H  N N 135 
HIS HD1  H  N N 136 
HIS HD2  H  N N 137 
HIS HE1  H  N N 138 
HIS HE2  H  N N 139 
HIS HXT  H  N N 140 
HOH O    O  N N 141 
HOH H1   H  N N 142 
HOH H2   H  N N 143 
KJM N1   N  N N 144 
KJM C4   C  N N 145 
KJM C5   C  N N 146 
KJM C6   C  Y N 147 
KJM C7   C  Y N 148 
KJM C8   C  N N 149 
KJM C10  C  Y N 150 
KJM C1   C  N N 151 
KJM C11  C  Y N 152 
KJM C2   C  Y N 153 
KJM C3   C  N N 154 
KJM C9   C  Y N 155 
KJM N2   N  N N 156 
KJM CL1  CL N N 157 
KJM H1   H  N N 158 
KJM H2   H  N N 159 
KJM H3   H  N N 160 
KJM H4   H  N N 161 
KJM H5   H  N N 162 
KJM H6   H  N N 163 
KJM H7   H  N N 164 
KJM H8   H  N N 165 
KJM H9   H  N N 166 
KJM H10  H  N N 167 
KJM H11  H  N N 168 
KJM H12  H  N N 169 
KJM H13  H  N N 170 
LEU N    N  N N 171 
LEU CA   C  N S 172 
LEU C    C  N N 173 
LEU O    O  N N 174 
LEU CB   C  N N 175 
LEU CG   C  N N 176 
LEU CD1  C  N N 177 
LEU CD2  C  N N 178 
LEU OXT  O  N N 179 
LEU H    H  N N 180 
LEU H2   H  N N 181 
LEU HA   H  N N 182 
LEU HB2  H  N N 183 
LEU HB3  H  N N 184 
LEU HG   H  N N 185 
LEU HD11 H  N N 186 
LEU HD12 H  N N 187 
LEU HD13 H  N N 188 
LEU HD21 H  N N 189 
LEU HD22 H  N N 190 
LEU HD23 H  N N 191 
LEU HXT  H  N N 192 
LYS N    N  N N 193 
LYS CA   C  N S 194 
LYS C    C  N N 195 
LYS O    O  N N 196 
LYS CB   C  N N 197 
LYS CG   C  N N 198 
LYS CD   C  N N 199 
LYS CE   C  N N 200 
LYS NZ   N  N N 201 
LYS OXT  O  N N 202 
LYS H    H  N N 203 
LYS H2   H  N N 204 
LYS HA   H  N N 205 
LYS HB2  H  N N 206 
LYS HB3  H  N N 207 
LYS HG2  H  N N 208 
LYS HG3  H  N N 209 
LYS HD2  H  N N 210 
LYS HD3  H  N N 211 
LYS HE2  H  N N 212 
LYS HE3  H  N N 213 
LYS HZ1  H  N N 214 
LYS HZ2  H  N N 215 
LYS HZ3  H  N N 216 
LYS HXT  H  N N 217 
MET N    N  N N 218 
MET CA   C  N S 219 
MET C    C  N N 220 
MET O    O  N N 221 
MET CB   C  N N 222 
MET CG   C  N N 223 
MET SD   S  N N 224 
MET CE   C  N N 225 
MET OXT  O  N N 226 
MET H    H  N N 227 
MET H2   H  N N 228 
MET HA   H  N N 229 
MET HB2  H  N N 230 
MET HB3  H  N N 231 
MET HG2  H  N N 232 
MET HG3  H  N N 233 
MET HE1  H  N N 234 
MET HE2  H  N N 235 
MET HE3  H  N N 236 
MET HXT  H  N N 237 
PHE N    N  N N 238 
PHE CA   C  N S 239 
PHE C    C  N N 240 
PHE O    O  N N 241 
PHE CB   C  N N 242 
PHE CG   C  Y N 243 
PHE CD1  C  Y N 244 
PHE CD2  C  Y N 245 
PHE CE1  C  Y N 246 
PHE CE2  C  Y N 247 
PHE CZ   C  Y N 248 
PHE OXT  O  N N 249 
PHE H    H  N N 250 
PHE H2   H  N N 251 
PHE HA   H  N N 252 
PHE HB2  H  N N 253 
PHE HB3  H  N N 254 
PHE HD1  H  N N 255 
PHE HD2  H  N N 256 
PHE HE1  H  N N 257 
PHE HE2  H  N N 258 
PHE HZ   H  N N 259 
PHE HXT  H  N N 260 
PRO N    N  N N 261 
PRO CA   C  N S 262 
PRO C    C  N N 263 
PRO O    O  N N 264 
PRO CB   C  N N 265 
PRO CG   C  N N 266 
PRO CD   C  N N 267 
PRO OXT  O  N N 268 
PRO H    H  N N 269 
PRO HA   H  N N 270 
PRO HB2  H  N N 271 
PRO HB3  H  N N 272 
PRO HG2  H  N N 273 
PRO HG3  H  N N 274 
PRO HD2  H  N N 275 
PRO HD3  H  N N 276 
PRO HXT  H  N N 277 
SER N    N  N N 278 
SER CA   C  N S 279 
SER C    C  N N 280 
SER O    O  N N 281 
SER CB   C  N N 282 
SER OG   O  N N 283 
SER OXT  O  N N 284 
SER H    H  N N 285 
SER H2   H  N N 286 
SER HA   H  N N 287 
SER HB2  H  N N 288 
SER HB3  H  N N 289 
SER HG   H  N N 290 
SER HXT  H  N N 291 
THR N    N  N N 292 
THR CA   C  N S 293 
THR C    C  N N 294 
THR O    O  N N 295 
THR CB   C  N R 296 
THR OG1  O  N N 297 
THR CG2  C  N N 298 
THR OXT  O  N N 299 
THR H    H  N N 300 
THR H2   H  N N 301 
THR HA   H  N N 302 
THR HB   H  N N 303 
THR HG1  H  N N 304 
THR HG21 H  N N 305 
THR HG22 H  N N 306 
THR HG23 H  N N 307 
THR HXT  H  N N 308 
TRP N    N  N N 309 
TRP CA   C  N S 310 
TRP C    C  N N 311 
TRP O    O  N N 312 
TRP CB   C  N N 313 
TRP CG   C  Y N 314 
TRP CD1  C  Y N 315 
TRP CD2  C  Y N 316 
TRP NE1  N  Y N 317 
TRP CE2  C  Y N 318 
TRP CE3  C  Y N 319 
TRP CZ2  C  Y N 320 
TRP CZ3  C  Y N 321 
TRP CH2  C  Y N 322 
TRP OXT  O  N N 323 
TRP H    H  N N 324 
TRP H2   H  N N 325 
TRP HA   H  N N 326 
TRP HB2  H  N N 327 
TRP HB3  H  N N 328 
TRP HD1  H  N N 329 
TRP HE1  H  N N 330 
TRP HE3  H  N N 331 
TRP HZ2  H  N N 332 
TRP HZ3  H  N N 333 
TRP HH2  H  N N 334 
TRP HXT  H  N N 335 
TYR N    N  N N 336 
TYR CA   C  N S 337 
TYR C    C  N N 338 
TYR O    O  N N 339 
TYR CB   C  N N 340 
TYR CG   C  Y N 341 
TYR CD1  C  Y N 342 
TYR CD2  C  Y N 343 
TYR CE1  C  Y N 344 
TYR CE2  C  Y N 345 
TYR CZ   C  Y N 346 
TYR OH   O  N N 347 
TYR OXT  O  N N 348 
TYR H    H  N N 349 
TYR H2   H  N N 350 
TYR HA   H  N N 351 
TYR HB2  H  N N 352 
TYR HB3  H  N N 353 
TYR HD1  H  N N 354 
TYR HD2  H  N N 355 
TYR HE1  H  N N 356 
TYR HE2  H  N N 357 
TYR HH   H  N N 358 
TYR HXT  H  N N 359 
VAL N    N  N N 360 
VAL CA   C  N S 361 
VAL C    C  N N 362 
VAL O    O  N N 363 
VAL CB   C  N N 364 
VAL CG1  C  N N 365 
VAL CG2  C  N N 366 
VAL OXT  O  N N 367 
VAL H    H  N N 368 
VAL H2   H  N N 369 
VAL HA   H  N N 370 
VAL HB   H  N N 371 
VAL HG11 H  N N 372 
VAL HG12 H  N N 373 
VAL HG13 H  N N 374 
VAL HG21 H  N N 375 
VAL HG22 H  N N 376 
VAL HG23 H  N N 377 
VAL HXT  H  N N 378 
# 
loop_
_chem_comp_bond.comp_id 
_chem_comp_bond.atom_id_1 
_chem_comp_bond.atom_id_2 
_chem_comp_bond.value_order 
_chem_comp_bond.pdbx_aromatic_flag 
_chem_comp_bond.pdbx_stereo_config 
_chem_comp_bond.pdbx_ordinal 
ALA N   CA   sing N N 1   
ALA N   H    sing N N 2   
ALA N   H2   sing N N 3   
ALA CA  C    sing N N 4   
ALA CA  CB   sing N N 5   
ALA CA  HA   sing N N 6   
ALA C   O    doub N N 7   
ALA C   OXT  sing N N 8   
ALA CB  HB1  sing N N 9   
ALA CB  HB2  sing N N 10  
ALA CB  HB3  sing N N 11  
ALA OXT HXT  sing N N 12  
ARG N   CA   sing N N 13  
ARG N   H    sing N N 14  
ARG N   H2   sing N N 15  
ARG CA  C    sing N N 16  
ARG CA  CB   sing N N 17  
ARG CA  HA   sing N N 18  
ARG C   O    doub N N 19  
ARG C   OXT  sing N N 20  
ARG CB  CG   sing N N 21  
ARG CB  HB2  sing N N 22  
ARG CB  HB3  sing N N 23  
ARG CG  CD   sing N N 24  
ARG CG  HG2  sing N N 25  
ARG CG  HG3  sing N N 26  
ARG CD  NE   sing N N 27  
ARG CD  HD2  sing N N 28  
ARG CD  HD3  sing N N 29  
ARG NE  CZ   sing N N 30  
ARG NE  HE   sing N N 31  
ARG CZ  NH1  sing N N 32  
ARG CZ  NH2  doub N N 33  
ARG NH1 HH11 sing N N 34  
ARG NH1 HH12 sing N N 35  
ARG NH2 HH21 sing N N 36  
ARG NH2 HH22 sing N N 37  
ARG OXT HXT  sing N N 38  
ASP N   CA   sing N N 39  
ASP N   H    sing N N 40  
ASP N   H2   sing N N 41  
ASP CA  C    sing N N 42  
ASP CA  CB   sing N N 43  
ASP CA  HA   sing N N 44  
ASP C   O    doub N N 45  
ASP C   OXT  sing N N 46  
ASP CB  CG   sing N N 47  
ASP CB  HB2  sing N N 48  
ASP CB  HB3  sing N N 49  
ASP CG  OD1  doub N N 50  
ASP CG  OD2  sing N N 51  
ASP OD2 HD2  sing N N 52  
ASP OXT HXT  sing N N 53  
CYS N   CA   sing N N 54  
CYS N   H    sing N N 55  
CYS N   H2   sing N N 56  
CYS CA  C    sing N N 57  
CYS CA  CB   sing N N 58  
CYS CA  HA   sing N N 59  
CYS C   O    doub N N 60  
CYS C   OXT  sing N N 61  
CYS CB  SG   sing N N 62  
CYS CB  HB2  sing N N 63  
CYS CB  HB3  sing N N 64  
CYS SG  HG   sing N N 65  
CYS OXT HXT  sing N N 66  
GLN N   CA   sing N N 67  
GLN N   H    sing N N 68  
GLN N   H2   sing N N 69  
GLN CA  C    sing N N 70  
GLN CA  CB   sing N N 71  
GLN CA  HA   sing N N 72  
GLN C   O    doub N N 73  
GLN C   OXT  sing N N 74  
GLN CB  CG   sing N N 75  
GLN CB  HB2  sing N N 76  
GLN CB  HB3  sing N N 77  
GLN CG  CD   sing N N 78  
GLN CG  HG2  sing N N 79  
GLN CG  HG3  sing N N 80  
GLN CD  OE1  doub N N 81  
GLN CD  NE2  sing N N 82  
GLN NE2 HE21 sing N N 83  
GLN NE2 HE22 sing N N 84  
GLN OXT HXT  sing N N 85  
GLU N   CA   sing N N 86  
GLU N   H    sing N N 87  
GLU N   H2   sing N N 88  
GLU CA  C    sing N N 89  
GLU CA  CB   sing N N 90  
GLU CA  HA   sing N N 91  
GLU C   O    doub N N 92  
GLU C   OXT  sing N N 93  
GLU CB  CG   sing N N 94  
GLU CB  HB2  sing N N 95  
GLU CB  HB3  sing N N 96  
GLU CG  CD   sing N N 97  
GLU CG  HG2  sing N N 98  
GLU CG  HG3  sing N N 99  
GLU CD  OE1  doub N N 100 
GLU CD  OE2  sing N N 101 
GLU OE2 HE2  sing N N 102 
GLU OXT HXT  sing N N 103 
GLY N   CA   sing N N 104 
GLY N   H    sing N N 105 
GLY N   H2   sing N N 106 
GLY CA  C    sing N N 107 
GLY CA  HA2  sing N N 108 
GLY CA  HA3  sing N N 109 
GLY C   O    doub N N 110 
GLY C   OXT  sing N N 111 
GLY OXT HXT  sing N N 112 
HIS N   CA   sing N N 113 
HIS N   H    sing N N 114 
HIS N   H2   sing N N 115 
HIS CA  C    sing N N 116 
HIS CA  CB   sing N N 117 
HIS CA  HA   sing N N 118 
HIS C   O    doub N N 119 
HIS C   OXT  sing N N 120 
HIS CB  CG   sing N N 121 
HIS CB  HB2  sing N N 122 
HIS CB  HB3  sing N N 123 
HIS CG  ND1  sing Y N 124 
HIS CG  CD2  doub Y N 125 
HIS ND1 CE1  doub Y N 126 
HIS ND1 HD1  sing N N 127 
HIS CD2 NE2  sing Y N 128 
HIS CD2 HD2  sing N N 129 
HIS CE1 NE2  sing Y N 130 
HIS CE1 HE1  sing N N 131 
HIS NE2 HE2  sing N N 132 
HIS OXT HXT  sing N N 133 
HOH O   H1   sing N N 134 
HOH O   H2   sing N N 135 
KJM C8  C3   sing N N 136 
KJM C8  C4   sing N N 137 
KJM C3  C1   sing N N 138 
KJM C4  C1   sing N N 139 
KJM C1  C5   sing N N 140 
KJM C1  C2   sing N N 141 
KJM C5  N2   doub N N 142 
KJM C5  N1   sing N N 143 
KJM C2  C6   doub Y N 144 
KJM C2  C7   sing Y N 145 
KJM C6  C9   sing Y N 146 
KJM C7  C10  doub Y N 147 
KJM C9  CL1  sing N N 148 
KJM C9  C11  doub Y N 149 
KJM C10 C11  sing Y N 150 
KJM N1  H1   sing N N 151 
KJM N1  H2   sing N N 152 
KJM C4  H3   sing N N 153 
KJM C4  H4   sing N N 154 
KJM C6  H5   sing N N 155 
KJM C7  H6   sing N N 156 
KJM C8  H7   sing N N 157 
KJM C8  H8   sing N N 158 
KJM C10 H9   sing N N 159 
KJM C11 H10  sing N N 160 
KJM C3  H11  sing N N 161 
KJM C3  H12  sing N N 162 
KJM N2  H13  sing N N 163 
LEU N   CA   sing N N 164 
LEU N   H    sing N N 165 
LEU N   H2   sing N N 166 
LEU CA  C    sing N N 167 
LEU CA  CB   sing N N 168 
LEU CA  HA   sing N N 169 
LEU C   O    doub N N 170 
LEU C   OXT  sing N N 171 
LEU CB  CG   sing N N 172 
LEU CB  HB2  sing N N 173 
LEU CB  HB3  sing N N 174 
LEU CG  CD1  sing N N 175 
LEU CG  CD2  sing N N 176 
LEU CG  HG   sing N N 177 
LEU CD1 HD11 sing N N 178 
LEU CD1 HD12 sing N N 179 
LEU CD1 HD13 sing N N 180 
LEU CD2 HD21 sing N N 181 
LEU CD2 HD22 sing N N 182 
LEU CD2 HD23 sing N N 183 
LEU OXT HXT  sing N N 184 
LYS N   CA   sing N N 185 
LYS N   H    sing N N 186 
LYS N   H2   sing N N 187 
LYS CA  C    sing N N 188 
LYS CA  CB   sing N N 189 
LYS CA  HA   sing N N 190 
LYS C   O    doub N N 191 
LYS C   OXT  sing N N 192 
LYS CB  CG   sing N N 193 
LYS CB  HB2  sing N N 194 
LYS CB  HB3  sing N N 195 
LYS CG  CD   sing N N 196 
LYS CG  HG2  sing N N 197 
LYS CG  HG3  sing N N 198 
LYS CD  CE   sing N N 199 
LYS CD  HD2  sing N N 200 
LYS CD  HD3  sing N N 201 
LYS CE  NZ   sing N N 202 
LYS CE  HE2  sing N N 203 
LYS CE  HE3  sing N N 204 
LYS NZ  HZ1  sing N N 205 
LYS NZ  HZ2  sing N N 206 
LYS NZ  HZ3  sing N N 207 
LYS OXT HXT  sing N N 208 
MET N   CA   sing N N 209 
MET N   H    sing N N 210 
MET N   H2   sing N N 211 
MET CA  C    sing N N 212 
MET CA  CB   sing N N 213 
MET CA  HA   sing N N 214 
MET C   O    doub N N 215 
MET C   OXT  sing N N 216 
MET CB  CG   sing N N 217 
MET CB  HB2  sing N N 218 
MET CB  HB3  sing N N 219 
MET CG  SD   sing N N 220 
MET CG  HG2  sing N N 221 
MET CG  HG3  sing N N 222 
MET SD  CE   sing N N 223 
MET CE  HE1  sing N N 224 
MET CE  HE2  sing N N 225 
MET CE  HE3  sing N N 226 
MET OXT HXT  sing N N 227 
PHE N   CA   sing N N 228 
PHE N   H    sing N N 229 
PHE N   H2   sing N N 230 
PHE CA  C    sing N N 231 
PHE CA  CB   sing N N 232 
PHE CA  HA   sing N N 233 
PHE C   O    doub N N 234 
PHE C   OXT  sing N N 235 
PHE CB  CG   sing N N 236 
PHE CB  HB2  sing N N 237 
PHE CB  HB3  sing N N 238 
PHE CG  CD1  doub Y N 239 
PHE CG  CD2  sing Y N 240 
PHE CD1 CE1  sing Y N 241 
PHE CD1 HD1  sing N N 242 
PHE CD2 CE2  doub Y N 243 
PHE CD2 HD2  sing N N 244 
PHE CE1 CZ   doub Y N 245 
PHE CE1 HE1  sing N N 246 
PHE CE2 CZ   sing Y N 247 
PHE CE2 HE2  sing N N 248 
PHE CZ  HZ   sing N N 249 
PHE OXT HXT  sing N N 250 
PRO N   CA   sing N N 251 
PRO N   CD   sing N N 252 
PRO N   H    sing N N 253 
PRO CA  C    sing N N 254 
PRO CA  CB   sing N N 255 
PRO CA  HA   sing N N 256 
PRO C   O    doub N N 257 
PRO C   OXT  sing N N 258 
PRO CB  CG   sing N N 259 
PRO CB  HB2  sing N N 260 
PRO CB  HB3  sing N N 261 
PRO CG  CD   sing N N 262 
PRO CG  HG2  sing N N 263 
PRO CG  HG3  sing N N 264 
PRO CD  HD2  sing N N 265 
PRO CD  HD3  sing N N 266 
PRO OXT HXT  sing N N 267 
SER N   CA   sing N N 268 
SER N   H    sing N N 269 
SER N   H2   sing N N 270 
SER CA  C    sing N N 271 
SER CA  CB   sing N N 272 
SER CA  HA   sing N N 273 
SER C   O    doub N N 274 
SER C   OXT  sing N N 275 
SER CB  OG   sing N N 276 
SER CB  HB2  sing N N 277 
SER CB  HB3  sing N N 278 
SER OG  HG   sing N N 279 
SER OXT HXT  sing N N 280 
THR N   CA   sing N N 281 
THR N   H    sing N N 282 
THR N   H2   sing N N 283 
THR CA  C    sing N N 284 
THR CA  CB   sing N N 285 
THR CA  HA   sing N N 286 
THR C   O    doub N N 287 
THR C   OXT  sing N N 288 
THR CB  OG1  sing N N 289 
THR CB  CG2  sing N N 290 
THR CB  HB   sing N N 291 
THR OG1 HG1  sing N N 292 
THR CG2 HG21 sing N N 293 
THR CG2 HG22 sing N N 294 
THR CG2 HG23 sing N N 295 
THR OXT HXT  sing N N 296 
TRP N   CA   sing N N 297 
TRP N   H    sing N N 298 
TRP N   H2   sing N N 299 
TRP CA  C    sing N N 300 
TRP CA  CB   sing N N 301 
TRP CA  HA   sing N N 302 
TRP C   O    doub N N 303 
TRP C   OXT  sing N N 304 
TRP CB  CG   sing N N 305 
TRP CB  HB2  sing N N 306 
TRP CB  HB3  sing N N 307 
TRP CG  CD1  doub Y N 308 
TRP CG  CD2  sing Y N 309 
TRP CD1 NE1  sing Y N 310 
TRP CD1 HD1  sing N N 311 
TRP CD2 CE2  doub Y N 312 
TRP CD2 CE3  sing Y N 313 
TRP NE1 CE2  sing Y N 314 
TRP NE1 HE1  sing N N 315 
TRP CE2 CZ2  sing Y N 316 
TRP CE3 CZ3  doub Y N 317 
TRP CE3 HE3  sing N N 318 
TRP CZ2 CH2  doub Y N 319 
TRP CZ2 HZ2  sing N N 320 
TRP CZ3 CH2  sing Y N 321 
TRP CZ3 HZ3  sing N N 322 
TRP CH2 HH2  sing N N 323 
TRP OXT HXT  sing N N 324 
TYR N   CA   sing N N 325 
TYR N   H    sing N N 326 
TYR N   H2   sing N N 327 
TYR CA  C    sing N N 328 
TYR CA  CB   sing N N 329 
TYR CA  HA   sing N N 330 
TYR C   O    doub N N 331 
TYR C   OXT  sing N N 332 
TYR CB  CG   sing N N 333 
TYR CB  HB2  sing N N 334 
TYR CB  HB3  sing N N 335 
TYR CG  CD1  doub Y N 336 
TYR CG  CD2  sing Y N 337 
TYR CD1 CE1  sing Y N 338 
TYR CD1 HD1  sing N N 339 
TYR CD2 CE2  doub Y N 340 
TYR CD2 HD2  sing N N 341 
TYR CE1 CZ   doub Y N 342 
TYR CE1 HE1  sing N N 343 
TYR CE2 CZ   sing Y N 344 
TYR CE2 HE2  sing N N 345 
TYR CZ  OH   sing N N 346 
TYR OH  HH   sing N N 347 
TYR OXT HXT  sing N N 348 
VAL N   CA   sing N N 349 
VAL N   H    sing N N 350 
VAL N   H2   sing N N 351 
VAL CA  C    sing N N 352 
VAL CA  CB   sing N N 353 
VAL CA  HA   sing N N 354 
VAL C   O    doub N N 355 
VAL C   OXT  sing N N 356 
VAL CB  CG1  sing N N 357 
VAL CB  CG2  sing N N 358 
VAL CB  HB   sing N N 359 
VAL CG1 HG11 sing N N 360 
VAL CG1 HG12 sing N N 361 
VAL CG1 HG13 sing N N 362 
VAL CG2 HG21 sing N N 363 
VAL CG2 HG22 sing N N 364 
VAL CG2 HG23 sing N N 365 
VAL OXT HXT  sing N N 366 
# 
_pdbx_entity_instance_feature.ordinal        1 
_pdbx_entity_instance_feature.comp_id        KJM 
_pdbx_entity_instance_feature.asym_id        ? 
_pdbx_entity_instance_feature.seq_num        ? 
_pdbx_entity_instance_feature.auth_comp_id   KJM 
_pdbx_entity_instance_feature.auth_asym_id   ? 
_pdbx_entity_instance_feature.auth_seq_num   ? 
_pdbx_entity_instance_feature.feature_type   'SUBJECT OF INVESTIGATION' 
_pdbx_entity_instance_feature.details        ? 
# 
loop_
_pdbx_entity_nonpoly.entity_id 
_pdbx_entity_nonpoly.name 
_pdbx_entity_nonpoly.comp_id 
2 '1-(3-chlorophenyl)cyclobutane-1-carboximidamide' KJM 
3 water                                             HOH 
# 
_pdbx_initial_refinement_model.id               1 
_pdbx_initial_refinement_model.entity_id_list   ? 
_pdbx_initial_refinement_model.type             'experimental model' 
_pdbx_initial_refinement_model.source_name      PDB 
_pdbx_initial_refinement_model.accession_code   1GS9 
_pdbx_initial_refinement_model.details          ? 
# 
_pdbx_struct_assembly_auth_evidence.id                     1 
_pdbx_struct_assembly_auth_evidence.assembly_id            1 
_pdbx_struct_assembly_auth_evidence.experimental_support   'gel filtration' 
_pdbx_struct_assembly_auth_evidence.details                ? 
# 
